data_5L8S
#
_entry.id   5L8S
#
_cell.length_a   148.080
_cell.length_b   151.100
_cell.length_c   191.230
_cell.angle_alpha   90.00
_cell.angle_beta   90.00
_cell.angle_gamma   90.00
#
_symmetry.space_group_name_H-M   'P 21 21 21'
#
loop_
_entity.id
_entity.type
_entity.pdbx_description
1 polymer 'Amino acyl peptidase'
2 non-polymer 'SULFATE ION'
3 water water
#
_entity_poly.entity_id   1
_entity_poly.type   'polypeptide(L)'
_entity_poly.pdbx_seq_one_letter_code
;MINFPKPTVEQFFRTYTITNFAVSSDEKRLVFNANLNGKMNLWAMDLPDTYPYLFAHRDESCNFIKFDPENRYVLAGFDK
DGDENYQIYAIPNEGGLPHPLITGDASEKYYFSHLSADGKCVYYETSKENPSFLNTRIRNLETGEDRLLNVGEVSTTELA
AVSENEESFVYLRAFANTYIVGFVKMGEETFNITPDPEKVHVAMEPVFTDNETIYFATDYDSDEMYLAKFDLTSKEFSKV
LAFDGESIQSVKWDKDNKAFYLITVKGVTDILYRYDVATDKVEECSLPVDIIEQIQVAKSGNLYILGRSATVPHNVYQSS
NGVEWKQLTNNRVLGLSPEDMVEPDIVSYTSFDGMEIEALLFKAKPENDNGYTIFWPHGGPQSAERKMFRSMFQCFINRG
YTIFAPNFRGSTGYGSAFTKLVELDWGEGPRLDCIAGIEWLFESGFTDRNKLFLVGGSYGGYMALLLHGRHSDYFRAVVD
IFGPSDLFTFINSVPPHWKPIMERWLGDPERDKERFIKDSPVTYLDGMVKPMLVIQGAKDPRVVKEESDQIVAKLKEKGR
DVEYLVLEDEGHGFSKKENEIKVYSLMLAFLEKHQALEHHHHHH
;
_entity_poly.pdbx_strand_id   A,B,C,D
#
# COMPACT_ATOMS: atom_id res chain seq x y z
N MET A 1 42.21 43.72 42.80
CA MET A 1 43.49 43.08 43.23
C MET A 1 44.32 42.67 42.02
N ILE A 2 43.85 41.64 41.31
CA ILE A 2 44.44 41.25 40.02
C ILE A 2 43.75 42.09 38.95
N ASN A 3 44.53 42.55 37.98
CA ASN A 3 44.03 43.41 36.92
C ASN A 3 43.64 42.59 35.68
N PHE A 4 42.35 42.28 35.60
CA PHE A 4 41.81 41.52 34.47
C PHE A 4 41.40 42.45 33.35
N PRO A 5 42.00 42.26 32.15
CA PRO A 5 41.57 43.10 31.04
C PRO A 5 40.09 42.90 30.73
N LYS A 6 39.44 43.93 30.17
CA LYS A 6 38.05 43.83 29.75
C LYS A 6 37.83 42.73 28.69
N PRO A 7 36.57 42.27 28.53
CA PRO A 7 36.31 41.18 27.58
C PRO A 7 36.73 41.46 26.14
N THR A 8 37.22 40.42 25.48
CA THR A 8 37.57 40.45 24.07
C THR A 8 36.55 39.65 23.24
N VAL A 9 36.60 39.82 21.92
CA VAL A 9 35.72 39.10 21.02
C VAL A 9 35.84 37.57 21.15
N GLU A 10 37.00 37.09 21.56
CA GLU A 10 37.19 35.65 21.68
C GLU A 10 36.22 35.03 22.70
N GLN A 11 35.82 35.79 23.71
CA GLN A 11 34.81 35.31 24.67
C GLN A 11 33.44 35.03 24.03
N PHE A 12 33.12 35.71 22.94
CA PHE A 12 31.83 35.50 22.28
C PHE A 12 31.87 34.32 21.31
N PHE A 13 33.02 33.66 21.18
CA PHE A 13 33.21 32.58 20.19
C PHE A 13 32.81 31.20 20.73
N ARG A 14 32.52 31.10 22.03
CA ARG A 14 32.38 29.81 22.72
C ARG A 14 30.98 29.54 23.20
N THR A 15 30.02 30.06 22.47
CA THR A 15 28.61 29.94 22.84
C THR A 15 28.04 28.92 21.86
N TYR A 16 27.11 28.07 22.26
CA TYR A 16 26.60 27.09 21.28
C TYR A 16 25.15 27.38 20.96
N THR A 17 24.62 26.69 19.96
CA THR A 17 23.26 26.87 19.51
C THR A 17 22.45 25.64 19.86
N ILE A 18 21.21 25.86 20.28
CA ILE A 18 20.23 24.83 20.51
C ILE A 18 19.12 25.12 19.53
N THR A 19 18.90 24.21 18.60
CA THR A 19 18.00 24.44 17.48
C THR A 19 16.61 23.90 17.76
N ASN A 20 16.48 23.00 18.74
CA ASN A 20 15.42 22.02 18.71
C ASN A 20 15.41 21.05 19.92
N PHE A 21 14.22 20.68 20.38
CA PHE A 21 14.12 19.72 21.46
C PHE A 21 12.79 18.99 21.46
N ALA A 22 12.73 17.94 22.27
CA ALA A 22 11.51 17.17 22.49
C ALA A 22 11.53 16.57 23.89
N VAL A 23 10.34 16.28 24.43
CA VAL A 23 10.22 15.76 25.79
C VAL A 23 9.42 14.48 25.73
N SER A 24 9.95 13.40 26.32
CA SER A 24 9.26 12.09 26.40
C SER A 24 7.86 12.25 27.00
N SER A 25 6.95 11.35 26.62
CA SER A 25 5.54 11.48 27.08
C SER A 25 5.39 11.49 28.62
N ASP A 26 6.30 10.80 29.31
CA ASP A 26 6.33 10.74 30.78
C ASP A 26 7.19 11.81 31.43
N GLU A 27 7.75 12.71 30.60
CA GLU A 27 8.68 13.76 31.05
C GLU A 27 9.94 13.26 31.76
N LYS A 28 10.39 12.06 31.44
CA LYS A 28 11.58 11.51 32.10
C LYS A 28 12.86 11.78 31.30
N ARG A 29 12.71 12.14 30.04
CA ARG A 29 13.86 12.51 29.27
C ARG A 29 13.54 13.74 28.40
N LEU A 30 14.47 14.68 28.32
CA LEU A 30 14.37 15.76 27.35
C LEU A 30 15.58 15.73 26.46
N VAL A 31 15.37 15.57 25.16
CA VAL A 31 16.45 15.49 24.17
C VAL A 31 16.50 16.77 23.34
N PHE A 32 17.70 17.31 23.16
CA PHE A 32 17.89 18.52 22.37
C PHE A 32 19.10 18.50 21.47
N ASN A 33 18.99 19.28 20.39
CA ASN A 33 20.03 19.30 19.38
C ASN A 33 20.84 20.55 19.60
N ALA A 34 22.15 20.36 19.75
CA ALA A 34 23.07 21.43 20.13
C ALA A 34 24.48 21.12 19.65
N ASN A 35 25.24 22.17 19.35
CA ASN A 35 26.64 22.00 18.97
C ASN A 35 27.60 22.31 20.10
N LEU A 36 27.20 21.95 21.30
CA LEU A 36 28.01 22.02 22.51
C LEU A 36 29.41 21.37 22.37
N ASN A 37 29.55 20.32 21.55
CA ASN A 37 30.88 19.74 21.39
C ASN A 37 31.57 20.09 20.08
N GLY A 38 31.09 21.15 19.42
CA GLY A 38 31.71 21.64 18.21
C GLY A 38 30.93 21.33 16.96
N LYS A 39 30.03 20.33 17.02
CA LYS A 39 29.17 19.98 15.90
C LYS A 39 27.80 19.61 16.44
N MET A 40 26.79 19.62 15.57
CA MET A 40 25.42 19.28 15.98
C MET A 40 25.25 17.83 16.37
N ASN A 41 24.69 17.61 17.55
CA ASN A 41 24.36 16.30 18.02
C ASN A 41 23.24 16.42 19.02
N LEU A 42 22.52 15.33 19.23
CA LEU A 42 21.49 15.31 20.21
C LEU A 42 22.08 15.00 21.57
N TRP A 43 21.63 15.76 22.56
CA TRP A 43 21.98 15.58 23.96
C TRP A 43 20.69 15.35 24.75
N ALA A 44 20.82 14.74 25.93
CA ALA A 44 19.67 14.42 26.79
C ALA A 44 19.89 14.80 28.23
N MET A 45 18.78 15.07 28.93
CA MET A 45 18.73 15.27 30.39
C MET A 45 17.71 14.33 31.00
N ASP A 46 18.06 13.63 32.07
CA ASP A 46 17.10 12.82 32.81
C ASP A 46 16.41 13.67 33.86
N LEU A 47 15.42 14.43 33.41
CA LEU A 47 14.71 15.36 34.29
C LEU A 47 14.21 14.66 35.55
N PRO A 48 14.33 15.31 36.73
CA PRO A 48 14.80 16.68 36.97
C PRO A 48 16.31 16.93 36.96
N ASP A 49 17.13 15.91 36.73
CA ASP A 49 18.58 16.18 36.66
C ASP A 49 18.89 16.88 35.32
N THR A 50 19.60 17.99 35.35
CA THR A 50 19.85 18.76 34.12
C THR A 50 21.28 18.63 33.54
N TYR A 51 22.17 17.87 34.18
CA TYR A 51 23.49 17.64 33.57
C TYR A 51 23.30 16.81 32.29
N PRO A 52 23.65 17.37 31.13
CA PRO A 52 23.35 16.68 29.90
C PRO A 52 24.37 15.59 29.55
N TYR A 53 23.92 14.57 28.83
CA TYR A 53 24.80 13.56 28.22
C TYR A 53 24.48 13.41 26.74
N LEU A 54 25.41 12.84 26.01
CA LEU A 54 25.26 12.71 24.61
C LEU A 54 24.21 11.64 24.40
N PHE A 55 23.22 11.95 23.56
CA PHE A 55 22.14 11.01 23.29
C PHE A 55 22.37 10.28 21.98
N ALA A 56 22.92 10.95 21.00
CA ALA A 56 23.23 10.28 19.77
C ALA A 56 24.34 11.01 19.08
N HIS A 57 25.19 10.27 18.40
CA HIS A 57 26.28 10.85 17.65
C HIS A 57 26.01 10.79 16.15
N ARG A 58 26.17 11.91 15.47
CA ARG A 58 25.96 11.99 14.02
C ARG A 58 26.70 13.18 13.34
N ASP A 59 26.93 14.26 14.08
CA ASP A 59 27.60 15.44 13.53
C ASP A 59 26.87 16.03 12.30
N GLU A 60 25.56 15.95 12.27
CA GLU A 60 24.76 16.59 11.25
C GLU A 60 23.63 17.42 11.87
N SER A 61 23.15 18.41 11.11
CA SER A 61 21.93 19.17 11.44
C SER A 61 20.72 18.24 11.56
N CYS A 62 19.77 18.64 12.38
CA CYS A 62 18.64 17.78 12.71
C CYS A 62 17.38 18.56 12.50
N ASN A 63 16.40 18.04 11.75
CA ASN A 63 15.17 18.81 11.52
C ASN A 63 13.96 18.49 12.40
N PHE A 64 13.99 17.39 13.15
CA PHE A 64 12.91 17.05 14.08
C PHE A 64 13.38 15.93 15.01
N ILE A 65 12.74 15.86 16.17
CA ILE A 65 12.97 14.84 17.16
C ILE A 65 11.59 14.38 17.60
N LYS A 66 11.38 13.07 17.71
CA LYS A 66 10.09 12.55 18.14
C LYS A 66 10.24 11.34 19.03
N PHE A 67 9.68 11.39 20.24
CA PHE A 67 9.65 10.20 21.08
C PHE A 67 8.55 9.23 20.66
N ASP A 68 8.84 7.95 20.74
CA ASP A 68 7.81 6.93 20.73
C ASP A 68 6.95 7.19 21.96
N PRO A 69 5.62 7.19 21.81
CA PRO A 69 4.81 7.32 23.03
C PRO A 69 4.98 6.15 24.00
N GLU A 70 5.39 4.97 23.52
CA GLU A 70 5.72 3.84 24.40
C GLU A 70 7.22 3.69 24.69
N ASN A 71 8.02 4.73 24.44
CA ASN A 71 9.45 4.72 24.81
C ASN A 71 10.28 3.53 24.31
N ARG A 72 10.01 3.03 23.11
CA ARG A 72 10.84 1.99 22.52
C ARG A 72 11.85 2.55 21.52
N TYR A 73 11.73 3.83 21.15
CA TYR A 73 12.60 4.47 20.18
C TYR A 73 12.43 5.95 20.20
N VAL A 74 13.42 6.64 19.63
CA VAL A 74 13.32 8.06 19.29
C VAL A 74 13.60 8.22 17.80
N LEU A 75 12.78 9.00 17.13
CA LEU A 75 13.01 9.27 15.73
C LEU A 75 13.66 10.62 15.63
N ALA A 76 14.53 10.76 14.64
CA ALA A 76 15.07 12.07 14.33
C ALA A 76 15.45 12.14 12.87
N GLY A 77 15.50 13.36 12.37
CA GLY A 77 15.82 13.59 10.98
C GLY A 77 17.17 14.24 10.83
N PHE A 78 17.99 13.72 9.92
CA PHE A 78 19.34 14.24 9.70
C PHE A 78 19.64 14.38 8.21
N ASP A 79 20.44 15.38 7.86
CA ASP A 79 20.94 15.54 6.47
C ASP A 79 22.46 15.29 6.42
N LYS A 80 23.13 15.72 5.34
CA LYS A 80 24.59 15.63 5.16
C LYS A 80 25.14 17.04 4.92
N ASP A 81 26.06 17.48 5.77
CA ASP A 81 26.82 18.71 5.56
C ASP A 81 25.98 19.93 5.09
N GLY A 82 24.76 20.07 5.59
CA GLY A 82 23.89 21.18 5.19
C GLY A 82 23.16 20.97 3.87
N ASP A 83 23.29 19.74 3.32
CA ASP A 83 22.43 19.18 2.28
C ASP A 83 20.98 19.69 2.23
N GLU A 84 20.32 19.60 3.39
CA GLU A 84 18.87 19.72 3.55
C GLU A 84 18.10 18.56 2.90
N ASN A 85 18.81 17.48 2.59
CA ASN A 85 18.20 16.22 2.20
C ASN A 85 17.99 15.36 3.43
N TYR A 86 17.15 15.88 4.33
CA TYR A 86 16.86 15.23 5.60
C TYR A 86 16.14 13.92 5.31
N GLN A 87 16.51 12.90 6.07
CA GLN A 87 15.83 11.62 6.03
C GLN A 87 15.61 11.16 7.47
N ILE A 88 14.87 10.08 7.64
CA ILE A 88 14.37 9.70 8.94
C ILE A 88 15.15 8.51 9.52
N TYR A 89 15.65 8.69 10.74
CA TYR A 89 16.46 7.70 11.45
C TYR A 89 15.81 7.36 12.78
N ALA A 90 16.11 6.16 13.28
CA ALA A 90 15.66 5.73 14.61
C ALA A 90 16.84 5.54 15.54
N ILE A 91 16.63 5.88 16.79
CA ILE A 91 17.63 5.83 17.81
C ILE A 91 17.00 5.05 18.97
N PRO A 92 17.78 4.10 19.57
CA PRO A 92 17.26 3.39 20.73
C PRO A 92 16.82 4.39 21.79
N ASN A 93 15.87 3.98 22.61
CA ASN A 93 15.31 4.84 23.62
C ASN A 93 16.33 5.41 24.59
N GLU A 94 17.42 4.69 24.82
CA GLU A 94 18.46 5.16 25.74
C GLU A 94 19.56 5.92 25.00
N GLY A 95 19.41 6.12 23.68
CA GLY A 95 20.44 6.77 22.89
C GLY A 95 21.32 5.74 22.21
N GLY A 96 22.19 6.18 21.32
CA GLY A 96 23.06 5.27 20.62
C GLY A 96 23.40 5.86 19.27
N LEU A 97 23.46 5.01 18.25
CA LEU A 97 23.78 5.41 16.89
C LEU A 97 22.52 5.42 16.04
N PRO A 98 22.30 6.50 15.27
CA PRO A 98 21.12 6.51 14.43
C PRO A 98 21.15 5.40 13.40
N HIS A 99 19.95 4.87 13.17
CA HIS A 99 19.76 3.73 12.32
C HIS A 99 18.82 4.21 11.21
N PRO A 100 19.21 4.02 9.93
CA PRO A 100 18.36 4.36 8.78
C PRO A 100 17.02 3.66 8.89
N LEU A 101 15.93 4.43 8.77
CA LEU A 101 14.60 3.88 8.95
C LEU A 101 13.77 4.14 7.70
N ILE A 102 13.57 5.43 7.39
CA ILE A 102 12.88 5.84 6.17
C ILE A 102 13.85 6.71 5.41
N THR A 103 14.63 6.04 4.56
CA THR A 103 15.71 6.67 3.81
C THR A 103 15.73 6.18 2.37
N GLY A 104 16.60 6.81 1.57
CA GLY A 104 16.77 6.46 0.16
C GLY A 104 18.02 7.07 -0.44
N ASP A 105 17.93 7.48 -1.70
CA ASP A 105 19.06 8.04 -2.44
C ASP A 105 19.49 9.37 -1.81
N ALA A 106 20.76 9.71 -1.99
CA ALA A 106 21.35 10.88 -1.34
C ALA A 106 20.63 12.21 -1.65
N SER A 107 20.01 12.28 -2.82
CA SER A 107 19.32 13.51 -3.23
C SER A 107 17.83 13.53 -2.83
N GLU A 108 17.32 12.46 -2.24
CA GLU A 108 15.92 12.41 -1.84
C GLU A 108 15.67 13.02 -0.45
N LYS A 109 14.46 13.55 -0.26
CA LYS A 109 14.03 14.13 1.03
C LYS A 109 12.95 13.28 1.65
N TYR A 110 13.00 13.14 2.96
CA TYR A 110 11.98 12.40 3.71
C TYR A 110 11.64 13.15 4.98
N TYR A 111 10.48 13.80 4.97
CA TYR A 111 10.07 14.65 6.09
C TYR A 111 9.01 13.97 6.93
N PHE A 112 9.19 14.05 8.24
CA PHE A 112 8.28 13.48 9.19
C PHE A 112 7.04 14.36 9.30
N SER A 113 5.86 13.75 9.29
CA SER A 113 4.58 14.46 9.46
C SER A 113 3.85 14.12 10.77
N HIS A 114 3.73 12.84 11.10
CA HIS A 114 2.91 12.42 12.23
C HIS A 114 3.28 11.01 12.67
N LEU A 115 3.16 10.76 13.96
CA LEU A 115 3.32 9.43 14.49
C LEU A 115 2.02 8.97 15.12
N SER A 116 1.56 7.78 14.77
CA SER A 116 0.33 7.23 15.35
C SER A 116 0.44 7.13 16.86
N ALA A 117 -0.70 7.20 17.54
CA ALA A 117 -0.73 7.20 19.00
C ALA A 117 -0.25 5.88 19.63
N ASP A 118 -0.21 4.82 18.84
CA ASP A 118 0.32 3.53 19.29
C ASP A 118 1.79 3.37 18.90
N GLY A 119 2.32 4.35 18.16
CA GLY A 119 3.72 4.35 17.76
C GLY A 119 4.08 3.38 16.66
N LYS A 120 3.09 2.86 15.95
CA LYS A 120 3.30 1.82 14.92
C LYS A 120 3.50 2.41 13.50
N CYS A 121 2.89 3.55 13.22
CA CYS A 121 2.82 4.08 11.86
C CYS A 121 3.40 5.48 11.76
N VAL A 122 4.34 5.63 10.84
CA VAL A 122 4.97 6.90 10.60
C VAL A 122 4.42 7.47 9.31
N TYR A 123 3.87 8.68 9.40
CA TYR A 123 3.42 9.40 8.22
C TYR A 123 4.52 10.36 7.84
N TYR A 124 4.83 10.46 6.54
CA TYR A 124 5.90 11.32 6.08
C TYR A 124 5.66 11.83 4.67
N GLU A 125 6.35 12.88 4.27
CA GLU A 125 6.37 13.32 2.86
C GLU A 125 7.68 12.96 2.20
N THR A 126 7.64 12.59 0.93
CA THR A 126 8.88 12.42 0.20
C THR A 126 8.86 13.03 -1.18
N SER A 127 10.04 13.38 -1.64
CA SER A 127 10.24 13.96 -2.97
C SER A 127 10.48 12.89 -4.01
N LYS A 128 10.64 11.64 -3.58
CA LYS A 128 11.09 10.54 -4.44
C LYS A 128 10.41 10.53 -5.82
N GLU A 129 9.12 10.21 -5.88
CA GLU A 129 8.41 10.13 -7.16
C GLU A 129 7.71 11.43 -7.53
N ASN A 130 7.84 12.46 -6.71
CA ASN A 130 7.12 13.72 -6.90
C ASN A 130 7.92 14.88 -6.31
N PRO A 131 9.01 15.29 -6.99
CA PRO A 131 9.91 16.33 -6.48
C PRO A 131 9.25 17.68 -6.30
N SER A 132 8.32 18.03 -7.17
CA SER A 132 7.73 19.38 -7.13
C SER A 132 6.72 19.57 -6.01
N PHE A 133 5.89 18.57 -5.77
CA PHE A 133 4.75 18.75 -4.87
C PHE A 133 4.80 17.83 -3.65
N LEU A 134 5.59 16.77 -3.73
CA LEU A 134 5.80 15.81 -2.67
C LEU A 134 4.62 14.91 -2.55
N ASN A 135 4.90 13.63 -2.28
CA ASN A 135 3.90 12.62 -1.94
C ASN A 135 3.86 12.35 -0.44
N THR A 136 2.73 11.86 0.05
CA THR A 136 2.56 11.56 1.46
C THR A 136 2.38 10.07 1.60
N ARG A 137 3.20 9.46 2.45
CA ARG A 137 3.22 8.03 2.63
C ARG A 137 3.06 7.61 4.09
N ILE A 138 2.91 6.32 4.32
CA ILE A 138 2.83 5.76 5.66
C ILE A 138 3.76 4.56 5.71
N ARG A 139 4.62 4.51 6.71
CA ARG A 139 5.42 3.32 6.98
C ARG A 139 4.89 2.67 8.24
N ASN A 140 4.61 1.39 8.13
CA ASN A 140 4.18 0.62 9.28
C ASN A 140 5.38 -0.13 9.84
N LEU A 141 5.78 0.25 11.04
CA LEU A 141 7.02 -0.24 11.66
C LEU A 141 6.93 -1.69 12.15
N GLU A 142 5.72 -2.22 12.28
CA GLU A 142 5.52 -3.60 12.68
C GLU A 142 5.73 -4.52 11.49
N THR A 143 5.03 -4.24 10.39
CA THR A 143 5.04 -5.09 9.18
C THR A 143 6.06 -4.65 8.13
N GLY A 144 6.48 -3.38 8.16
CA GLY A 144 7.40 -2.88 7.15
C GLY A 144 6.73 -2.38 5.88
N GLU A 145 5.41 -2.55 5.83
CA GLU A 145 4.57 -2.08 4.73
C GLU A 145 4.59 -0.55 4.60
N ASP A 146 4.61 -0.08 3.36
CA ASP A 146 4.77 1.34 3.03
C ASP A 146 3.74 1.70 1.96
N ARG A 147 2.93 2.71 2.25
CA ARG A 147 1.80 3.00 1.41
C ARG A 147 1.81 4.43 0.92
N LEU A 148 1.37 4.63 -0.31
CA LEU A 148 1.04 5.93 -0.81
C LEU A 148 -0.29 6.38 -0.19
N LEU A 149 -0.29 7.52 0.47
CA LEU A 149 -1.51 8.06 1.05
C LEU A 149 -2.08 9.23 0.24
N ASN A 150 -1.22 10.10 -0.28
CA ASN A 150 -1.66 11.26 -1.03
C ASN A 150 -0.62 11.69 -2.05
N VAL A 151 -1.07 11.94 -3.28
CA VAL A 151 -0.20 12.43 -4.33
C VAL A 151 -0.34 13.94 -4.45
N GLY A 152 0.72 14.67 -4.16
CA GLY A 152 0.71 16.12 -4.33
C GLY A 152 0.32 16.56 -5.73
N GLU A 153 -0.50 17.61 -5.81
CA GLU A 153 -0.93 18.20 -7.09
C GLU A 153 -0.95 19.71 -6.98
N VAL A 154 -0.80 20.39 -8.11
CA VAL A 154 -1.02 21.84 -8.20
C VAL A 154 0.11 22.66 -7.55
N SER A 155 0.31 22.48 -6.25
CA SER A 155 1.41 23.13 -5.54
C SER A 155 1.87 22.21 -4.41
N THR A 156 2.84 22.67 -3.65
CA THR A 156 3.48 21.86 -2.63
C THR A 156 2.52 21.51 -1.49
N THR A 157 2.34 20.22 -1.26
CA THR A 157 1.33 19.73 -0.32
C THR A 157 1.96 18.90 0.78
N GLU A 158 1.72 19.29 2.03
CA GLU A 158 2.14 18.48 3.17
C GLU A 158 0.95 18.11 4.07
N LEU A 159 1.11 17.00 4.77
CA LEU A 159 0.16 16.51 5.75
C LEU A 159 0.49 17.16 7.08
N ALA A 160 -0.46 17.87 7.67
CA ALA A 160 -0.19 18.68 8.85
C ALA A 160 -0.89 18.23 10.13
N ALA A 161 -1.90 17.37 10.03
CA ALA A 161 -2.58 16.85 11.22
C ALA A 161 -3.38 15.62 10.88
N VAL A 162 -3.45 14.73 11.86
CA VAL A 162 -4.13 13.44 11.72
C VAL A 162 -4.92 13.13 12.98
N SER A 163 -6.15 12.68 12.78
CA SER A 163 -7.06 12.42 13.88
C SER A 163 -6.62 11.17 14.64
N GLU A 164 -6.89 11.19 15.95
CA GLU A 164 -6.71 10.05 16.83
C GLU A 164 -7.07 8.73 16.13
N ASN A 165 -8.21 8.70 15.44
CA ASN A 165 -8.68 7.46 14.79
C ASN A 165 -8.12 7.21 13.39
N GLU A 166 -7.20 8.07 12.94
CA GLU A 166 -6.54 7.92 11.64
C GLU A 166 -7.53 7.73 10.49
N GLU A 167 -8.68 8.39 10.59
CA GLU A 167 -9.64 8.41 9.50
C GLU A 167 -9.72 9.78 8.84
N SER A 168 -9.32 10.84 9.55
CA SER A 168 -9.40 12.21 9.03
C SER A 168 -8.02 12.86 8.97
N PHE A 169 -7.77 13.60 7.89
CA PHE A 169 -6.44 14.17 7.62
C PHE A 169 -6.51 15.62 7.13
N VAL A 170 -5.71 16.49 7.74
CA VAL A 170 -5.59 17.87 7.28
C VAL A 170 -4.29 18.07 6.46
N TYR A 171 -4.45 18.51 5.23
CA TYR A 171 -3.35 18.87 4.37
C TYR A 171 -3.24 20.37 4.24
N LEU A 172 -2.02 20.86 4.05
CA LEU A 172 -1.77 22.27 3.78
C LEU A 172 -1.10 22.37 2.43
N ARG A 173 -1.53 23.31 1.60
CA ARG A 173 -0.99 23.45 0.26
C ARG A 173 -0.50 24.86 0.05
N ALA A 174 0.82 25.01 -0.10
CA ALA A 174 1.44 26.33 -0.16
C ALA A 174 1.58 26.83 -1.60
N PHE A 175 1.01 28.01 -1.85
CA PHE A 175 1.18 28.73 -3.11
C PHE A 175 2.13 29.91 -2.92
N ALA A 176 2.23 30.40 -1.68
CA ALA A 176 3.21 31.40 -1.30
C ALA A 176 3.44 31.25 0.21
N ASN A 177 4.37 32.00 0.76
CA ASN A 177 4.54 32.03 2.20
C ASN A 177 3.31 32.68 2.89
N THR A 178 2.54 33.46 2.13
CA THR A 178 1.39 34.19 2.64
C THR A 178 0.07 33.68 2.05
N TYR A 179 0.12 32.54 1.37
CA TYR A 179 -1.04 31.95 0.76
C TYR A 179 -0.89 30.44 0.91
N ILE A 180 -1.55 29.92 1.93
CA ILE A 180 -1.48 28.51 2.28
C ILE A 180 -2.89 28.01 2.60
N VAL A 181 -3.38 27.12 1.76
CA VAL A 181 -4.77 26.68 1.79
C VAL A 181 -4.86 25.31 2.49
N GLY A 182 -5.83 25.19 3.38
CA GLY A 182 -6.03 23.98 4.16
C GLY A 182 -7.21 23.19 3.63
N PHE A 183 -7.05 21.87 3.56
CA PHE A 183 -8.16 21.00 3.23
C PHE A 183 -8.13 19.73 4.06
N VAL A 184 -9.31 19.19 4.36
CA VAL A 184 -9.48 18.00 5.16
C VAL A 184 -9.76 16.90 4.17
N LYS A 185 -9.26 15.72 4.44
CA LYS A 185 -9.59 14.57 3.63
C LYS A 185 -10.29 13.57 4.54
N MET A 186 -11.38 12.98 4.05
CA MET A 186 -12.21 12.10 4.86
C MET A 186 -12.51 10.77 4.15
N GLY A 187 -13.28 10.81 3.07
CA GLY A 187 -13.58 9.58 2.35
C GLY A 187 -12.57 9.48 1.24
N GLU A 188 -13.08 9.40 0.01
CA GLU A 188 -12.32 9.81 -1.15
C GLU A 188 -12.40 11.35 -1.27
N GLU A 189 -13.43 11.93 -0.64
CA GLU A 189 -13.74 13.36 -0.76
C GLU A 189 -12.89 14.26 0.14
N THR A 190 -12.74 15.52 -0.29
CA THR A 190 -11.96 16.53 0.42
C THR A 190 -12.74 17.83 0.58
N PHE A 191 -12.38 18.62 1.59
CA PHE A 191 -13.11 19.84 1.97
C PHE A 191 -12.18 20.96 2.39
N ASN A 192 -12.39 22.16 1.85
CA ASN A 192 -11.71 23.36 2.33
C ASN A 192 -12.09 23.61 3.75
N ILE A 193 -11.18 24.23 4.50
CA ILE A 193 -11.40 24.46 5.91
C ILE A 193 -11.59 25.95 6.24
N THR A 194 -11.43 26.81 5.24
CA THR A 194 -11.82 28.20 5.36
C THR A 194 -12.91 28.42 4.32
N PRO A 195 -13.66 29.51 4.44
CA PRO A 195 -14.85 29.70 3.59
C PRO A 195 -14.57 29.92 2.11
N ASP A 196 -13.37 30.41 1.77
CA ASP A 196 -13.05 30.81 0.39
C ASP A 196 -11.55 30.62 0.11
N PRO A 197 -11.19 29.51 -0.54
CA PRO A 197 -9.78 29.27 -0.83
C PRO A 197 -9.21 30.18 -1.92
N GLU A 198 -10.07 30.88 -2.65
CA GLU A 198 -9.65 31.84 -3.67
C GLU A 198 -9.14 33.13 -3.02
N LYS A 199 -9.58 33.43 -1.80
CA LYS A 199 -9.01 34.54 -1.04
C LYS A 199 -7.60 34.20 -0.54
N VAL A 200 -6.67 35.14 -0.73
CA VAL A 200 -5.29 35.00 -0.26
C VAL A 200 -5.24 34.98 1.26
N HIS A 201 -4.75 33.88 1.82
CA HIS A 201 -4.60 33.73 3.27
C HIS A 201 -3.74 32.52 3.61
N VAL A 202 -3.32 32.46 4.87
CA VAL A 202 -2.60 31.34 5.41
C VAL A 202 -3.49 30.58 6.38
N ALA A 203 -3.46 29.26 6.31
CA ALA A 203 -3.90 28.44 7.45
C ALA A 203 -2.67 27.65 7.93
N MET A 204 -2.41 27.72 9.23
CA MET A 204 -1.24 27.11 9.90
C MET A 204 -1.68 26.26 11.09
N GLU A 205 -0.81 25.33 11.50
CA GLU A 205 -0.85 24.71 12.84
C GLU A 205 -2.20 24.06 13.20
N PRO A 206 -2.75 23.24 12.31
CA PRO A 206 -3.96 22.54 12.68
C PRO A 206 -3.74 21.46 13.75
N VAL A 207 -4.69 21.35 14.68
CA VAL A 207 -4.70 20.32 15.72
C VAL A 207 -6.09 19.73 15.85
N PHE A 208 -6.19 18.40 15.81
CA PHE A 208 -7.45 17.71 16.14
C PHE A 208 -7.72 17.74 17.61
N THR A 209 -8.88 18.28 18.00
CA THR A 209 -9.37 18.19 19.39
C THR A 209 -10.33 17.01 19.58
N ASP A 210 -10.97 16.56 18.51
CA ASP A 210 -11.84 15.37 18.48
C ASP A 210 -11.53 14.74 17.17
N ASN A 211 -12.08 13.56 16.92
CA ASN A 211 -12.06 13.01 15.58
C ASN A 211 -12.93 13.81 14.60
N GLU A 212 -13.58 14.86 15.09
CA GLU A 212 -14.56 15.62 14.32
C GLU A 212 -14.34 17.15 14.39
N THR A 213 -13.22 17.57 14.97
CA THR A 213 -12.93 18.99 15.22
C THR A 213 -11.45 19.28 15.03
N ILE A 214 -11.13 20.37 14.35
CA ILE A 214 -9.79 20.95 14.39
C ILE A 214 -9.86 22.42 14.78
N TYR A 215 -8.84 22.89 15.47
CA TYR A 215 -8.57 24.31 15.56
C TYR A 215 -7.26 24.57 14.80
N PHE A 216 -7.07 25.80 14.37
CA PHE A 216 -5.88 26.15 13.61
C PHE A 216 -5.69 27.67 13.58
N ALA A 217 -4.59 28.13 13.01
CA ALA A 217 -4.32 29.56 12.92
C ALA A 217 -4.55 30.03 11.49
N THR A 218 -5.20 31.17 11.33
CA THR A 218 -5.45 31.69 9.98
C THR A 218 -5.65 33.18 10.00
N ASP A 219 -5.24 33.83 8.92
CA ASP A 219 -5.50 35.27 8.75
C ASP A 219 -6.61 35.50 7.71
N TYR A 220 -7.49 34.50 7.54
CA TYR A 220 -8.56 34.59 6.58
C TYR A 220 -9.38 35.84 6.86
N ASP A 221 -9.48 36.68 5.83
CA ASP A 221 -10.18 37.95 5.90
C ASP A 221 -9.78 38.80 7.10
N SER A 222 -8.50 38.81 7.43
CA SER A 222 -7.99 39.64 8.51
C SER A 222 -6.52 39.99 8.24
N ASP A 223 -6.04 41.05 8.86
CA ASP A 223 -4.66 41.45 8.70
C ASP A 223 -3.75 40.77 9.74
N GLU A 224 -4.33 39.97 10.63
CA GLU A 224 -3.58 39.24 11.64
C GLU A 224 -4.08 37.80 11.75
N MET A 225 -3.21 36.91 12.19
CA MET A 225 -3.52 35.48 12.33
C MET A 225 -4.33 35.27 13.61
N TYR A 226 -5.47 34.60 13.50
CA TYR A 226 -6.30 34.34 14.68
C TYR A 226 -6.58 32.87 14.81
N LEU A 227 -7.17 32.51 15.94
CA LEU A 227 -7.56 31.13 16.22
C LEU A 227 -8.92 30.84 15.59
N ALA A 228 -8.96 29.86 14.72
CA ALA A 228 -10.16 29.44 14.07
C ALA A 228 -10.44 28.01 14.46
N LYS A 229 -11.58 27.50 13.99
CA LYS A 229 -12.05 26.17 14.29
C LYS A 229 -12.84 25.65 13.11
N PHE A 230 -12.71 24.35 12.84
CA PHE A 230 -13.48 23.74 11.77
C PHE A 230 -14.09 22.42 12.26
N ASP A 231 -15.39 22.24 11.97
CA ASP A 231 -16.17 21.10 12.40
C ASP A 231 -16.35 20.20 11.22
N LEU A 232 -15.85 18.98 11.29
CA LEU A 232 -15.88 18.09 10.14
C LEU A 232 -17.27 17.52 9.85
N THR A 233 -18.13 17.46 10.88
CA THR A 233 -19.48 16.94 10.69
C THR A 233 -20.32 17.96 9.90
N SER A 234 -20.44 19.17 10.45
CA SER A 234 -21.25 20.24 9.84
C SER A 234 -20.51 21.02 8.77
N LYS A 235 -19.18 20.86 8.70
CA LYS A 235 -18.32 21.62 7.79
C LYS A 235 -18.42 23.13 8.01
N GLU A 236 -18.40 23.51 9.28
CA GLU A 236 -18.57 24.89 9.68
CA GLU A 236 -18.58 24.87 9.75
C GLU A 236 -17.24 25.49 10.13
N PHE A 237 -16.88 26.60 9.49
CA PHE A 237 -15.71 27.34 9.86
C PHE A 237 -16.18 28.41 10.82
N SER A 238 -15.37 28.67 11.86
CA SER A 238 -15.68 29.65 12.88
C SER A 238 -14.42 30.39 13.30
N LYS A 239 -14.54 31.70 13.47
CA LYS A 239 -13.50 32.52 14.09
C LYS A 239 -13.73 32.54 15.59
N VAL A 240 -12.71 32.17 16.37
CA VAL A 240 -12.89 31.92 17.80
C VAL A 240 -12.20 32.99 18.65
N LEU A 241 -10.92 33.24 18.36
CA LEU A 241 -10.17 34.19 19.18
C LEU A 241 -9.14 34.93 18.35
N ALA A 242 -9.14 36.26 18.46
CA ALA A 242 -8.19 37.13 17.75
C ALA A 242 -7.54 38.07 18.76
N PHE A 243 -6.33 38.51 18.43
CA PHE A 243 -5.56 39.44 19.25
C PHE A 243 -5.31 40.71 18.44
N ASP A 244 -5.69 41.86 19.00
CA ASP A 244 -5.50 43.16 18.33
C ASP A 244 -4.01 43.34 18.05
N GLY A 245 -3.64 43.58 16.80
CA GLY A 245 -2.26 43.91 16.45
C GLY A 245 -1.19 42.84 16.71
N GLU A 246 -1.61 41.58 16.78
CA GLU A 246 -0.71 40.45 17.04
C GLU A 246 -1.15 39.23 16.22
N SER A 247 -0.20 38.48 15.70
CA SER A 247 -0.51 37.31 14.88
C SER A 247 -0.15 36.04 15.62
N ILE A 248 -1.07 35.09 15.66
CA ILE A 248 -0.79 33.80 16.26
C ILE A 248 0.16 33.01 15.35
N GLN A 249 1.27 32.55 15.92
CA GLN A 249 2.21 31.69 15.18
C GLN A 249 2.36 30.30 15.78
N SER A 250 1.70 30.04 16.91
CA SER A 250 1.81 28.74 17.53
C SER A 250 0.55 28.37 18.30
N VAL A 251 0.05 27.17 18.04
CA VAL A 251 -1.15 26.67 18.66
C VAL A 251 -0.85 25.31 19.30
N LYS A 252 -1.08 25.23 20.61
CA LYS A 252 -0.79 24.03 21.38
C LYS A 252 -1.96 23.57 22.23
N TRP A 253 -2.53 22.43 21.86
CA TRP A 253 -3.61 21.80 22.62
C TRP A 253 -3.09 21.12 23.91
N ASP A 254 -3.47 21.68 25.05
CA ASP A 254 -3.35 20.99 26.33
C ASP A 254 -4.59 20.15 26.55
N LYS A 255 -4.53 18.89 26.14
CA LYS A 255 -5.73 18.04 26.06
C LYS A 255 -6.49 17.85 27.39
N ASP A 256 -5.81 17.37 28.43
CA ASP A 256 -6.49 17.06 29.69
C ASP A 256 -7.10 18.31 30.38
N ASN A 257 -6.61 19.50 30.04
CA ASN A 257 -7.15 20.73 30.64
C ASN A 257 -8.10 21.43 29.69
N LYS A 258 -8.32 20.82 28.52
CA LYS A 258 -9.06 21.44 27.42
C LYS A 258 -8.68 22.92 27.20
N ALA A 259 -7.38 23.17 27.05
CA ALA A 259 -6.88 24.53 26.90
C ALA A 259 -5.87 24.65 25.77
N PHE A 260 -5.69 25.86 25.28
CA PHE A 260 -4.70 26.16 24.25
C PHE A 260 -3.65 27.04 24.88
N TYR A 261 -2.38 26.78 24.54
CA TYR A 261 -1.35 27.80 24.70
C TYR A 261 -1.09 28.35 23.32
N LEU A 262 -0.99 29.67 23.24
CA LEU A 262 -0.90 30.33 21.98
C LEU A 262 0.21 31.34 22.08
N ILE A 263 1.10 31.30 21.09
CA ILE A 263 2.16 32.29 20.96
C ILE A 263 1.79 33.21 19.81
N THR A 264 1.93 34.51 20.05
CA THR A 264 1.73 35.51 19.01
C THR A 264 2.99 36.30 18.78
N VAL A 265 3.11 36.85 17.58
CA VAL A 265 4.16 37.80 17.26
C VAL A 265 3.59 39.21 17.37
N LYS A 266 4.24 40.02 18.21
CA LYS A 266 3.93 41.44 18.36
C LYS A 266 5.19 42.25 18.01
N GLY A 267 5.48 42.38 16.73
CA GLY A 267 6.66 43.09 16.28
C GLY A 267 7.95 42.32 16.52
N VAL A 268 8.72 42.79 17.49
CA VAL A 268 10.02 42.18 17.78
C VAL A 268 10.01 41.23 18.98
N THR A 269 8.85 41.03 19.62
CA THR A 269 8.73 40.03 20.71
C THR A 269 7.58 39.04 20.49
N ASP A 270 7.67 37.92 21.20
CA ASP A 270 6.63 36.90 21.23
C ASP A 270 5.90 36.99 22.57
N ILE A 271 4.58 36.79 22.53
CA ILE A 271 3.76 36.77 23.74
C ILE A 271 3.12 35.40 23.92
N LEU A 272 3.01 34.94 25.15
CA LEU A 272 2.32 33.69 25.45
C LEU A 272 0.96 33.95 26.10
N TYR A 273 -0.07 33.29 25.60
CA TYR A 273 -1.40 33.36 26.20
C TYR A 273 -1.91 31.96 26.45
N ARG A 274 -2.72 31.82 27.50
CA ARG A 274 -3.50 30.61 27.73
C ARG A 274 -4.97 30.91 27.41
N TYR A 275 -5.63 30.01 26.67
CA TYR A 275 -7.06 30.11 26.37
C TYR A 275 -7.82 28.87 26.87
N ASP A 276 -8.65 29.09 27.89
CA ASP A 276 -9.54 28.09 28.44
C ASP A 276 -10.78 28.00 27.58
N VAL A 277 -10.94 26.90 26.85
CA VAL A 277 -12.06 26.77 25.92
C VAL A 277 -13.42 26.90 26.63
N ALA A 278 -13.60 26.17 27.74
CA ALA A 278 -14.90 26.11 28.44
C ALA A 278 -15.38 27.45 28.97
N THR A 279 -14.51 28.17 29.68
CA THR A 279 -14.87 29.49 30.21
C THR A 279 -14.56 30.63 29.24
N ASP A 280 -14.29 30.30 27.98
CA ASP A 280 -13.92 31.29 26.96
C ASP A 280 -13.06 32.44 27.52
N LYS A 281 -12.09 32.11 28.36
CA LYS A 281 -11.26 33.11 29.03
C LYS A 281 -9.77 33.02 28.63
N VAL A 282 -9.12 34.18 28.59
CA VAL A 282 -7.73 34.33 28.18
C VAL A 282 -6.88 34.83 29.32
N GLU A 283 -5.86 34.07 29.68
CA GLU A 283 -4.84 34.51 30.63
C GLU A 283 -3.61 34.98 29.85
N GLU A 284 -3.06 36.11 30.25
CA GLU A 284 -1.80 36.58 29.71
C GLU A 284 -0.67 35.97 30.55
N CYS A 285 0.11 35.07 29.95
CA CYS A 285 1.27 34.46 30.60
C CYS A 285 2.49 35.33 30.44
N SER A 286 3.57 34.95 31.12
CA SER A 286 4.83 35.68 31.02
C SER A 286 5.94 34.72 30.60
N LEU A 287 6.63 35.07 29.53
CA LEU A 287 7.78 34.33 29.06
C LEU A 287 9.06 34.85 29.71
N PRO A 288 10.08 33.99 29.85
CA PRO A 288 11.32 34.49 30.41
C PRO A 288 12.32 34.96 29.35
N VAL A 289 11.99 34.77 28.07
CA VAL A 289 12.78 35.31 26.98
C VAL A 289 11.86 35.91 25.97
N ASP A 290 12.41 36.74 25.08
CA ASP A 290 11.59 37.52 24.16
C ASP A 290 11.23 36.80 22.85
N ILE A 291 11.95 35.72 22.51
CA ILE A 291 11.77 35.06 21.21
C ILE A 291 11.75 33.55 21.37
N ILE A 292 10.68 32.90 20.92
CA ILE A 292 10.51 31.45 21.12
C ILE A 292 10.76 30.71 19.83
N GLU A 293 11.63 29.71 19.90
CA GLU A 293 12.01 28.88 18.77
C GLU A 293 11.09 27.67 18.67
N GLN A 294 10.75 27.12 19.83
CA GLN A 294 9.85 25.98 19.89
C GLN A 294 9.22 25.87 21.25
N ILE A 295 8.03 25.27 21.26
CA ILE A 295 7.27 25.05 22.48
C ILE A 295 6.62 23.67 22.46
N GLN A 296 6.59 23.00 23.61
CA GLN A 296 5.90 21.72 23.74
CA GLN A 296 5.93 21.71 23.74
C GLN A 296 5.09 21.66 25.03
N VAL A 297 3.90 21.06 24.95
CA VAL A 297 3.06 20.87 26.15
C VAL A 297 3.04 19.40 26.44
N ALA A 298 3.36 19.01 27.67
CA ALA A 298 3.28 17.60 28.05
C ALA A 298 1.82 17.26 28.36
N LYS A 299 1.54 15.97 28.52
CA LYS A 299 0.22 15.49 28.96
C LYS A 299 -0.22 16.11 30.31
N SER A 300 0.73 16.32 31.20
CA SER A 300 0.47 16.85 32.54
C SER A 300 0.17 18.34 32.59
N GLY A 301 0.32 19.03 31.45
CA GLY A 301 0.09 20.47 31.39
C GLY A 301 1.35 21.27 31.61
N ASN A 302 2.45 20.60 31.90
CA ASN A 302 3.74 21.29 31.96
C ASN A 302 4.14 21.90 30.62
N LEU A 303 4.84 23.01 30.70
CA LEU A 303 5.19 23.78 29.53
C LEU A 303 6.70 23.80 29.36
N TYR A 304 7.15 23.60 28.13
CA TYR A 304 8.57 23.64 27.80
C TYR A 304 8.76 24.53 26.60
N ILE A 305 9.67 25.49 26.73
CA ILE A 305 10.03 26.34 25.60
C ILE A 305 11.54 26.36 25.31
N LEU A 306 11.87 26.62 24.05
CA LEU A 306 13.23 26.92 23.61
C LEU A 306 13.23 28.34 23.09
N GLY A 307 14.05 29.20 23.68
CA GLY A 307 14.08 30.56 23.22
C GLY A 307 15.28 31.34 23.64
N ARG A 308 15.26 32.62 23.27
CA ARG A 308 16.38 33.52 23.46
C ARG A 308 15.96 34.99 23.45
N SER A 309 16.89 35.84 23.87
CA SER A 309 16.71 37.28 23.91
C SER A 309 17.85 37.87 23.13
N ALA A 310 17.94 39.19 23.11
CA ALA A 310 19.11 39.90 22.61
C ALA A 310 20.34 39.56 23.43
N THR A 311 20.17 39.45 24.75
CA THR A 311 21.29 39.27 25.66
C THR A 311 21.33 37.89 26.32
N VAL A 312 20.47 36.97 25.89
CA VAL A 312 20.45 35.62 26.43
C VAL A 312 20.45 34.58 25.31
N PRO A 313 21.49 33.75 25.24
CA PRO A 313 21.53 32.69 24.21
C PRO A 313 20.39 31.68 24.28
N HIS A 314 20.28 30.89 23.22
CA HIS A 314 19.33 29.79 23.17
C HIS A 314 19.38 28.96 24.44
N ASN A 315 18.25 28.90 25.14
CA ASN A 315 18.09 28.11 26.35
C ASN A 315 16.68 27.51 26.43
N VAL A 316 16.58 26.42 27.17
CA VAL A 316 15.34 25.70 27.34
C VAL A 316 14.82 25.97 28.75
N TYR A 317 13.50 26.12 28.88
CA TYR A 317 12.90 26.50 30.16
C TYR A 317 11.69 25.66 30.39
N GLN A 318 11.30 25.52 31.65
CA GLN A 318 10.18 24.68 32.07
C GLN A 318 9.26 25.45 33.01
N SER A 319 7.95 25.29 32.82
CA SER A 319 6.99 25.86 33.75
C SER A 319 5.77 24.98 33.93
N SER A 320 5.21 25.00 35.13
CA SER A 320 3.86 24.44 35.41
C SER A 320 2.70 25.39 34.95
N ASN A 321 2.74 26.62 35.45
CA ASN A 321 1.65 27.60 35.25
C ASN A 321 1.86 28.58 34.09
N GLY A 322 2.97 28.44 33.37
CA GLY A 322 3.34 29.38 32.32
C GLY A 322 3.72 30.77 32.82
N VAL A 323 4.06 30.91 34.10
CA VAL A 323 4.37 32.23 34.68
C VAL A 323 5.71 32.26 35.44
N GLU A 324 5.99 31.19 36.21
CA GLU A 324 7.32 31.00 36.84
C GLU A 324 8.06 29.92 36.05
N TRP A 325 9.26 30.25 35.58
CA TRP A 325 10.02 29.38 34.70
C TRP A 325 11.29 28.93 35.38
N LYS A 326 11.52 27.61 35.41
CA LYS A 326 12.81 27.07 35.75
C LYS A 326 13.65 26.99 34.46
N GLN A 327 14.82 27.60 34.49
CA GLN A 327 15.73 27.48 33.38
C GLN A 327 16.51 26.17 33.47
N LEU A 328 16.39 25.32 32.46
CA LEU A 328 17.00 24.00 32.51
C LEU A 328 18.43 23.96 31.95
N THR A 329 18.65 24.56 30.80
CA THR A 329 19.99 24.63 30.25
C THR A 329 20.69 25.86 30.77
N ASN A 330 21.99 25.91 30.55
CA ASN A 330 22.80 26.98 31.06
C ASN A 330 23.80 27.42 30.02
N ASN A 331 23.29 27.67 28.82
CA ASN A 331 24.10 28.15 27.73
C ASN A 331 24.33 29.64 27.92
N ARG A 332 25.58 30.00 28.17
CA ARG A 332 25.99 31.38 28.42
C ARG A 332 27.05 31.86 27.44
N VAL A 333 27.33 33.16 27.51
CA VAL A 333 28.45 33.75 26.83
C VAL A 333 29.60 33.74 27.82
N LEU A 334 30.74 33.20 27.41
CA LEU A 334 31.88 32.99 28.28
C LEU A 334 32.21 34.18 29.18
N GLY A 335 32.04 33.97 30.49
CA GLY A 335 32.42 34.94 31.50
C GLY A 335 31.52 36.13 31.67
N LEU A 336 30.43 36.21 30.92
CA LEU A 336 29.57 37.39 30.91
C LEU A 336 28.14 37.08 31.35
N SER A 337 27.36 38.14 31.53
CA SER A 337 25.94 38.04 31.88
C SER A 337 25.21 39.06 31.03
N PRO A 338 23.87 39.04 31.01
CA PRO A 338 23.12 39.99 30.20
C PRO A 338 23.53 41.46 30.35
N GLU A 339 23.82 41.88 31.59
CA GLU A 339 24.29 43.25 31.87
C GLU A 339 25.50 43.62 31.02
N ASP A 340 26.35 42.64 30.75
CA ASP A 340 27.61 42.88 30.03
C ASP A 340 27.40 43.10 28.52
N MET A 341 26.21 42.78 28.04
CA MET A 341 25.86 42.89 26.63
C MET A 341 24.90 44.08 26.40
N VAL A 342 24.51 44.32 25.15
CA VAL A 342 23.68 45.46 24.81
C VAL A 342 22.27 45.03 24.37
N GLU A 343 21.26 45.64 24.98
CA GLU A 343 19.88 45.51 24.54
C GLU A 343 19.66 46.54 23.43
N PRO A 344 18.94 46.16 22.37
CA PRO A 344 18.66 47.16 21.36
C PRO A 344 17.51 48.08 21.75
N ASP A 345 17.61 49.32 21.29
CA ASP A 345 16.52 50.26 21.31
C ASP A 345 15.63 49.95 20.13
N ILE A 346 14.33 49.96 20.38
CA ILE A 346 13.35 49.90 19.30
C ILE A 346 13.09 51.33 18.85
N VAL A 347 13.01 51.51 17.54
CA VAL A 347 13.15 52.82 16.94
C VAL A 347 12.31 52.76 15.69
N SER A 348 11.83 53.90 15.19
CA SER A 348 11.12 53.90 13.92
C SER A 348 11.34 55.16 13.09
N TYR A 349 11.21 55.00 11.77
CA TYR A 349 11.42 56.08 10.82
C TYR A 349 10.41 55.95 9.72
N THR A 350 10.31 57.01 8.92
CA THR A 350 9.34 57.10 7.84
C THR A 350 10.05 56.87 6.53
N SER A 351 9.48 56.02 5.70
CA SER A 351 10.11 55.63 4.46
C SER A 351 9.54 56.48 3.32
N PHE A 352 9.97 56.16 2.09
CA PHE A 352 9.72 57.00 0.91
C PHE A 352 8.24 57.29 0.66
N ASP A 353 7.39 56.29 0.82
CA ASP A 353 5.96 56.43 0.55
C ASP A 353 5.11 56.68 1.79
N GLY A 354 5.71 57.17 2.87
CA GLY A 354 4.98 57.48 4.10
C GLY A 354 4.87 56.34 5.11
N MET A 355 5.30 55.14 4.72
CA MET A 355 5.22 53.95 5.58
C MET A 355 6.24 54.02 6.73
N GLU A 356 5.74 53.87 7.95
CA GLU A 356 6.59 53.82 9.14
C GLU A 356 7.29 52.43 9.21
N ILE A 357 8.61 52.45 9.42
CA ILE A 357 9.42 51.23 9.47
C ILE A 357 10.03 51.10 10.85
N GLU A 358 9.85 49.94 11.47
CA GLU A 358 10.41 49.72 12.81
C GLU A 358 11.80 49.10 12.65
N ALA A 359 12.72 49.47 13.53
CA ALA A 359 14.06 48.95 13.49
C ALA A 359 14.68 48.75 14.87
N LEU A 360 15.69 47.90 14.89
CA LEU A 360 16.48 47.65 16.08
C LEU A 360 17.82 48.34 15.95
N LEU A 361 18.13 49.18 16.95
CA LEU A 361 19.42 49.87 17.00
C LEU A 361 20.18 49.42 18.23
N PHE A 362 21.37 48.84 18.02
CA PHE A 362 22.21 48.36 19.11
C PHE A 362 23.34 49.35 19.24
N LYS A 363 23.35 50.17 20.26
CA LYS A 363 24.42 51.18 20.40
C LYS A 363 25.64 50.58 21.07
N ALA A 364 26.81 50.79 20.48
CA ALA A 364 28.05 50.42 21.16
C ALA A 364 28.15 51.22 22.45
N LYS A 365 28.75 50.58 23.46
CA LYS A 365 29.01 51.24 24.73
C LYS A 365 30.19 52.22 24.54
N PRO A 366 30.09 53.43 25.11
CA PRO A 366 31.19 54.41 25.07
C PRO A 366 32.59 53.81 25.23
N GLU A 367 32.74 52.93 26.23
CA GLU A 367 34.01 52.26 26.52
C GLU A 367 34.55 51.48 25.33
N ASN A 368 33.65 50.91 24.51
CA ASN A 368 34.08 50.11 23.35
C ASN A 368 33.96 50.83 22.00
N ASP A 369 33.10 51.85 21.96
CA ASP A 369 32.67 52.45 20.70
C ASP A 369 33.85 52.80 19.81
N ASN A 370 33.88 52.23 18.61
CA ASN A 370 34.96 52.48 17.64
C ASN A 370 34.54 53.50 16.56
N GLY A 371 33.35 54.08 16.70
CA GLY A 371 32.84 55.07 15.77
C GLY A 371 32.12 54.58 14.53
N TYR A 372 32.27 53.29 14.21
CA TYR A 372 31.62 52.74 13.00
C TYR A 372 30.26 52.09 13.26
N THR A 373 29.47 51.98 12.20
CA THR A 373 28.15 51.34 12.26
C THR A 373 28.07 50.25 11.22
N ILE A 374 27.38 49.15 11.56
CA ILE A 374 27.02 48.11 10.60
C ILE A 374 25.52 48.15 10.27
N PHE A 375 25.20 48.27 9.00
CA PHE A 375 23.83 48.25 8.58
C PHE A 375 23.54 46.82 8.19
N TRP A 376 22.60 46.19 8.87
CA TRP A 376 22.30 44.76 8.70
C TRP A 376 20.87 44.51 8.26
N PRO A 377 20.65 44.27 6.98
CA PRO A 377 19.34 43.80 6.58
C PRO A 377 19.22 42.30 6.85
N HIS A 378 18.16 41.90 7.57
CA HIS A 378 17.97 40.49 7.92
C HIS A 378 17.66 39.63 6.68
N GLY A 379 17.84 38.32 6.86
CA GLY A 379 17.55 37.34 5.80
C GLY A 379 16.09 36.98 5.75
N GLY A 380 15.68 36.26 4.72
CA GLY A 380 14.26 35.96 4.53
C GLY A 380 13.90 35.83 3.05
N PRO A 381 13.27 36.87 2.48
CA PRO A 381 12.86 38.14 3.11
C PRO A 381 11.69 38.08 4.07
N GLN A 382 10.82 37.07 3.98
CA GLN A 382 9.61 37.06 4.82
C GLN A 382 9.96 36.49 6.18
N SER A 383 10.96 37.15 6.78
CA SER A 383 11.45 36.87 8.13
C SER A 383 11.53 38.21 8.89
N ALA A 384 12.41 38.30 9.88
CA ALA A 384 12.51 39.53 10.68
C ALA A 384 13.75 39.54 11.56
N GLU A 385 14.24 40.74 11.86
CA GLU A 385 15.19 40.93 12.95
C GLU A 385 14.39 41.25 14.21
N ARG A 386 14.69 40.50 15.26
CA ARG A 386 13.91 40.56 16.50
C ARG A 386 14.87 40.47 17.68
N LYS A 387 14.34 40.62 18.89
CA LYS A 387 15.18 40.53 20.09
C LYS A 387 15.62 39.07 20.30
N MET A 388 16.47 38.58 19.39
CA MET A 388 16.94 37.19 19.37
C MET A 388 18.46 37.18 19.39
N PHE A 389 19.03 36.40 20.30
CA PHE A 389 20.47 36.38 20.49
C PHE A 389 21.16 35.80 19.27
N ARG A 390 22.10 36.57 18.71
CA ARG A 390 23.08 36.08 17.75
C ARG A 390 24.42 36.52 18.33
N SER A 391 25.28 35.53 18.59
CA SER A 391 26.56 35.80 19.24
C SER A 391 27.36 36.72 18.33
N MET A 392 27.08 36.60 17.03
CA MET A 392 27.60 37.50 16.02
C MET A 392 27.34 38.98 16.36
N PHE A 393 26.11 39.36 16.66
CA PHE A 393 25.83 40.78 16.91
C PHE A 393 26.63 41.26 18.11
N GLN A 394 26.47 40.59 19.24
CA GLN A 394 27.12 41.01 20.48
C GLN A 394 28.65 40.98 20.38
N CYS A 395 29.17 40.03 19.61
CA CYS A 395 30.60 40.02 19.28
C CYS A 395 31.04 41.34 18.60
N PHE A 396 30.38 41.72 17.52
CA PHE A 396 30.70 42.98 16.82
C PHE A 396 30.48 44.21 17.71
N ILE A 397 29.43 44.18 18.51
CA ILE A 397 29.18 45.25 19.46
C ILE A 397 30.30 45.34 20.50
N ASN A 398 30.86 44.19 20.88
CA ASN A 398 31.97 44.19 21.82
C ASN A 398 33.18 44.85 21.19
N ARG A 399 33.39 44.63 19.90
CA ARG A 399 34.52 45.21 19.20
C ARG A 399 34.29 46.69 18.97
N GLY A 400 33.06 47.15 19.18
CA GLY A 400 32.73 48.58 19.23
C GLY A 400 31.76 49.09 18.19
N TYR A 401 31.23 48.21 17.35
CA TYR A 401 30.31 48.64 16.33
C TYR A 401 28.93 48.90 16.91
N THR A 402 28.28 49.92 16.38
CA THR A 402 26.85 50.13 16.52
C THR A 402 26.23 49.32 15.40
N ILE A 403 25.07 48.71 15.65
CA ILE A 403 24.40 47.92 14.63
C ILE A 403 22.97 48.40 14.44
N PHE A 404 22.54 48.47 13.19
CA PHE A 404 21.21 48.92 12.87
C PHE A 404 20.59 47.89 11.94
N ALA A 405 19.44 47.36 12.34
CA ALA A 405 18.75 46.31 11.61
C ALA A 405 17.28 46.69 11.42
N PRO A 406 16.90 47.17 10.23
CA PRO A 406 15.51 47.57 10.02
C PRO A 406 14.63 46.42 9.51
N ASN A 407 13.37 46.40 9.95
CA ASN A 407 12.40 45.45 9.44
C ASN A 407 11.66 46.06 8.26
N PHE A 408 12.37 46.11 7.14
CA PHE A 408 11.83 46.64 5.90
C PHE A 408 10.54 45.91 5.51
N ARG A 409 9.80 46.50 4.58
CA ARG A 409 8.56 45.90 4.13
C ARG A 409 8.83 44.51 3.57
N GLY A 410 7.99 43.56 3.96
CA GLY A 410 8.25 42.16 3.70
C GLY A 410 8.53 41.44 5.00
N SER A 411 8.97 42.17 6.02
CA SER A 411 9.17 41.58 7.32
C SER A 411 7.86 41.09 7.95
N THR A 412 7.99 40.05 8.76
CA THR A 412 6.89 39.52 9.57
C THR A 412 6.76 40.31 10.85
N GLY A 413 5.61 40.18 11.52
CA GLY A 413 5.34 40.83 12.80
C GLY A 413 4.65 42.18 12.71
N TYR A 414 4.16 42.54 11.52
CA TYR A 414 3.47 43.84 11.30
C TYR A 414 2.24 43.64 10.43
N GLY A 415 1.67 42.44 10.53
CA GLY A 415 0.41 42.11 9.88
C GLY A 415 0.59 41.45 8.54
N SER A 416 -0.47 40.85 8.05
CA SER A 416 -0.41 40.12 6.81
C SER A 416 -0.05 40.98 5.61
N ALA A 417 -0.57 42.20 5.57
CA ALA A 417 -0.40 43.06 4.39
C ALA A 417 1.05 43.52 4.22
N PHE A 418 1.68 43.89 5.34
CA PHE A 418 3.06 44.35 5.36
C PHE A 418 3.99 43.27 4.81
N THR A 419 3.72 42.05 5.23
CA THR A 419 4.52 40.89 4.86
C THR A 419 4.42 40.58 3.37
N LYS A 420 3.29 40.92 2.75
CA LYS A 420 3.12 40.63 1.33
C LYS A 420 3.89 41.58 0.39
N LEU A 421 4.32 42.72 0.92
CA LEU A 421 4.89 43.82 0.12
C LEU A 421 6.21 43.53 -0.59
N VAL A 422 6.97 42.55 -0.13
CA VAL A 422 8.18 42.13 -0.83
C VAL A 422 7.84 41.19 -2.00
N GLU A 423 6.60 40.73 -2.07
CA GLU A 423 6.24 39.77 -3.12
C GLU A 423 6.22 40.45 -4.47
N LEU A 424 6.92 39.87 -5.44
CA LEU A 424 7.09 40.49 -6.76
C LEU A 424 7.83 41.84 -6.71
N ASP A 425 8.56 42.09 -5.62
CA ASP A 425 9.21 43.39 -5.37
C ASP A 425 10.41 43.21 -4.42
N TRP A 426 11.32 42.33 -4.79
CA TRP A 426 12.55 42.10 -4.02
C TRP A 426 13.53 43.28 -3.96
N GLY A 427 13.53 44.14 -4.99
CA GLY A 427 14.57 45.16 -5.15
C GLY A 427 14.15 46.61 -5.29
N GLU A 428 12.87 46.90 -5.16
CA GLU A 428 12.44 48.30 -5.19
C GLU A 428 12.08 48.75 -3.75
N GLY A 429 10.85 48.50 -3.29
CA GLY A 429 10.41 48.91 -1.94
C GLY A 429 11.34 48.62 -0.76
N PRO A 430 11.73 47.34 -0.58
CA PRO A 430 12.66 47.01 0.54
C PRO A 430 13.98 47.80 0.50
N ARG A 431 14.60 47.90 -0.68
CA ARG A 431 15.82 48.70 -0.90
C ARG A 431 15.63 50.16 -0.47
N LEU A 432 14.55 50.77 -0.92
CA LEU A 432 14.21 52.13 -0.51
C LEU A 432 13.91 52.27 0.98
N ASP A 433 13.36 51.23 1.61
CA ASP A 433 13.22 51.26 3.08
C ASP A 433 14.58 51.28 3.75
N CYS A 434 15.56 50.62 3.11
CA CYS A 434 16.91 50.55 3.66
C CYS A 434 17.63 51.88 3.49
N ILE A 435 17.59 52.45 2.28
CA ILE A 435 18.16 53.78 2.04
C ILE A 435 17.59 54.76 3.06
N ALA A 436 16.28 54.75 3.23
CA ALA A 436 15.61 55.65 4.16
C ALA A 436 16.09 55.47 5.58
N GLY A 437 16.34 54.23 5.98
CA GLY A 437 16.88 53.96 7.32
C GLY A 437 18.32 54.43 7.44
N ILE A 438 19.10 54.29 6.37
CA ILE A 438 20.46 54.84 6.35
C ILE A 438 20.44 56.35 6.55
N GLU A 439 19.61 57.07 5.79
CA GLU A 439 19.46 58.52 5.96
C GLU A 439 19.09 58.86 7.38
N TRP A 440 18.17 58.09 7.95
CA TRP A 440 17.79 58.28 9.36
C TRP A 440 18.99 58.16 10.32
N LEU A 441 19.85 57.18 10.10
CA LEU A 441 21.03 57.04 10.96
C LEU A 441 21.94 58.27 10.94
N PHE A 442 22.15 58.84 9.76
CA PHE A 442 22.93 60.08 9.64
C PHE A 442 22.28 61.26 10.38
N GLU A 443 20.99 61.49 10.13
CA GLU A 443 20.22 62.51 10.86
C GLU A 443 20.28 62.35 12.37
N SER A 444 20.10 61.13 12.83
CA SER A 444 20.11 60.82 14.25
C SER A 444 21.43 61.15 14.93
N GLY A 445 22.52 61.06 14.18
CA GLY A 445 23.86 61.21 14.74
C GLY A 445 24.44 59.95 15.38
N PHE A 446 23.74 58.82 15.27
CA PHE A 446 24.29 57.54 15.77
C PHE A 446 25.17 56.85 14.72
N THR A 447 25.28 57.43 13.55
CA THR A 447 26.21 56.99 12.54
C THR A 447 26.83 58.21 11.86
N ASP A 448 28.15 58.21 11.70
CA ASP A 448 28.82 59.23 10.91
C ASP A 448 28.99 58.74 9.50
N ARG A 449 28.91 59.68 8.57
CA ARG A 449 29.21 59.42 7.17
C ARG A 449 30.63 58.96 7.04
N ASN A 450 30.87 58.10 6.05
CA ASN A 450 32.16 57.47 5.87
C ASN A 450 32.51 56.48 7.00
N LYS A 451 31.56 56.17 7.86
CA LYS A 451 31.77 55.18 8.90
C LYS A 451 30.61 54.21 9.00
N LEU A 452 30.15 53.75 7.82
CA LEU A 452 29.04 52.83 7.72
C LEU A 452 29.47 51.58 6.97
N PHE A 453 29.41 50.44 7.64
CA PHE A 453 29.67 49.14 7.01
C PHE A 453 28.35 48.47 6.67
N LEU A 454 28.41 47.50 5.78
CA LEU A 454 27.22 46.85 5.28
C LEU A 454 27.43 45.35 5.29
N VAL A 455 26.60 44.65 6.06
CA VAL A 455 26.71 43.18 6.26
C VAL A 455 25.32 42.54 6.18
N GLY A 456 25.21 41.39 5.49
CA GLY A 456 23.92 40.73 5.29
C GLY A 456 24.08 39.28 4.83
N GLY A 457 23.13 38.44 5.22
CA GLY A 457 23.16 37.04 4.83
C GLY A 457 21.88 36.66 4.12
N SER A 458 21.97 35.74 3.18
CA SER A 458 20.81 35.22 2.46
C SER A 458 20.10 36.33 1.69
N TYR A 459 18.83 36.59 1.95
CA TYR A 459 18.17 37.73 1.34
C TYR A 459 18.88 39.04 1.69
N GLY A 460 19.42 39.10 2.90
CA GLY A 460 20.18 40.24 3.33
C GLY A 460 21.49 40.33 2.60
N GLY A 461 22.00 39.19 2.13
CA GLY A 461 23.21 39.15 1.33
C GLY A 461 22.94 39.72 -0.05
N TYR A 462 21.79 39.35 -0.62
CA TYR A 462 21.29 39.94 -1.85
C TYR A 462 21.10 41.43 -1.68
N MET A 463 20.54 41.84 -0.55
CA MET A 463 20.30 43.26 -0.34
C MET A 463 21.63 43.97 -0.13
N ALA A 464 22.60 43.30 0.48
CA ALA A 464 23.93 43.88 0.63
C ALA A 464 24.54 44.13 -0.74
N LEU A 465 24.53 43.12 -1.61
CA LEU A 465 25.00 43.27 -2.99
C LEU A 465 24.24 44.34 -3.78
N LEU A 466 22.93 44.41 -3.59
CA LEU A 466 22.09 45.33 -4.36
C LEU A 466 22.36 46.76 -3.93
N LEU A 467 22.42 46.99 -2.62
CA LEU A 467 22.78 48.28 -2.07
C LEU A 467 24.19 48.67 -2.47
N HIS A 468 25.07 47.70 -2.54
CA HIS A 468 26.43 47.97 -2.95
C HIS A 468 26.41 48.47 -4.40
N GLY A 469 25.75 47.73 -5.28
CA GLY A 469 25.77 48.06 -6.69
C GLY A 469 25.26 49.44 -6.97
N ARG A 470 24.12 49.76 -6.37
CA ARG A 470 23.36 50.94 -6.71
C ARG A 470 23.59 52.11 -5.79
N HIS A 471 24.22 51.89 -4.64
CA HIS A 471 24.38 52.98 -3.67
C HIS A 471 25.73 52.93 -2.99
N SER A 472 26.75 52.49 -3.73
CA SER A 472 28.10 52.32 -3.23
C SER A 472 28.59 53.45 -2.34
N ASP A 473 28.25 54.69 -2.68
CA ASP A 473 28.77 55.88 -1.98
C ASP A 473 28.53 55.90 -0.47
N TYR A 474 27.48 55.22 -0.03
CA TYR A 474 27.18 55.12 1.41
C TYR A 474 28.19 54.32 2.23
N PHE A 475 28.81 53.34 1.61
CA PHE A 475 29.46 52.28 2.37
C PHE A 475 30.97 52.27 2.31
N ARG A 476 31.56 51.97 3.45
CA ARG A 476 32.98 51.85 3.61
C ARG A 476 33.45 50.45 3.18
N ALA A 477 32.65 49.44 3.49
CA ALA A 477 32.92 48.06 3.07
C ALA A 477 31.66 47.20 3.15
N VAL A 478 31.65 46.09 2.42
CA VAL A 478 30.51 45.22 2.34
C VAL A 478 30.87 43.75 2.62
N VAL A 479 30.01 43.08 3.40
CA VAL A 479 30.08 41.62 3.56
C VAL A 479 28.80 40.98 3.06
N ASP A 480 28.96 40.07 2.09
CA ASP A 480 27.86 39.31 1.51
C ASP A 480 27.95 37.85 1.93
N ILE A 481 27.02 37.43 2.78
CA ILE A 481 26.93 36.04 3.22
C ILE A 481 25.84 35.28 2.45
N PHE A 482 26.28 34.30 1.66
CA PHE A 482 25.43 33.59 0.70
C PHE A 482 24.22 34.38 0.19
N GLY A 483 24.53 35.43 -0.57
CA GLY A 483 23.50 36.26 -1.17
C GLY A 483 23.30 35.81 -2.60
N PRO A 484 22.04 35.59 -2.99
CA PRO A 484 21.77 35.45 -4.43
C PRO A 484 22.14 36.75 -5.17
N SER A 485 22.82 36.61 -6.31
CA SER A 485 23.36 37.74 -7.07
C SER A 485 22.66 37.95 -8.41
N ASP A 486 22.05 36.89 -8.92
CA ASP A 486 21.34 36.92 -10.20
C ASP A 486 20.03 36.15 -10.05
N LEU A 487 18.93 36.87 -10.21
CA LEU A 487 17.60 36.30 -10.07
C LEU A 487 17.20 35.24 -11.11
N PHE A 488 17.76 35.31 -12.33
CA PHE A 488 17.46 34.30 -13.34
C PHE A 488 18.07 32.95 -12.98
N THR A 489 19.33 32.97 -12.58
CA THR A 489 20.00 31.75 -12.16
C THR A 489 19.41 31.24 -10.84
N PHE A 490 19.10 32.15 -9.93
CA PHE A 490 18.66 31.78 -8.59
C PHE A 490 17.31 31.08 -8.62
N ILE A 491 16.35 31.66 -9.31
CA ILE A 491 15.02 31.05 -9.43
C ILE A 491 15.05 29.70 -10.15
N ASN A 492 16.13 29.42 -10.89
CA ASN A 492 16.28 28.13 -11.55
C ASN A 492 17.01 27.10 -10.72
N SER A 493 17.70 27.55 -9.68
CA SER A 493 18.53 26.65 -8.91
C SER A 493 17.93 26.23 -7.55
N VAL A 494 16.86 26.89 -7.11
CA VAL A 494 16.22 26.55 -5.82
C VAL A 494 15.69 25.15 -5.89
N PRO A 495 15.38 24.53 -4.73
CA PRO A 495 14.94 23.14 -4.79
C PRO A 495 13.60 22.98 -5.50
N PRO A 496 13.35 21.81 -6.08
CA PRO A 496 12.13 21.73 -6.89
C PRO A 496 10.88 22.12 -6.11
N HIS A 497 10.74 21.62 -4.89
CA HIS A 497 9.52 21.88 -4.12
C HIS A 497 9.37 23.36 -3.72
N TRP A 498 10.39 24.18 -3.95
CA TRP A 498 10.24 25.62 -3.81
C TRP A 498 9.74 26.27 -5.11
N LYS A 499 9.81 25.54 -6.22
CA LYS A 499 9.51 26.14 -7.54
C LYS A 499 8.07 26.64 -7.66
N PRO A 500 7.07 25.78 -7.30
CA PRO A 500 5.68 26.24 -7.37
C PRO A 500 5.39 27.50 -6.57
N ILE A 501 6.12 27.73 -5.48
CA ILE A 501 5.98 28.95 -4.67
C ILE A 501 6.63 30.19 -5.33
N MET A 502 7.62 29.97 -6.19
CA MET A 502 8.48 31.06 -6.62
C MET A 502 7.80 32.01 -7.60
N GLU A 503 6.76 31.54 -8.28
CA GLU A 503 6.00 32.40 -9.19
C GLU A 503 5.28 33.53 -8.44
N ARG A 504 4.81 33.25 -7.24
CA ARG A 504 4.05 34.24 -6.45
C ARG A 504 4.96 35.08 -5.57
N TRP A 505 6.09 34.50 -5.19
CA TRP A 505 7.05 35.17 -4.30
C TRP A 505 7.93 36.14 -5.09
N LEU A 506 8.50 35.63 -6.18
CA LEU A 506 9.50 36.36 -6.94
C LEU A 506 8.90 36.81 -8.27
N GLY A 507 8.47 35.86 -9.09
CA GLY A 507 7.80 36.15 -10.36
C GLY A 507 8.06 35.08 -11.40
N ASP A 508 7.98 35.48 -12.67
CA ASP A 508 8.29 34.62 -13.82
C ASP A 508 9.40 35.25 -14.68
N PRO A 509 10.46 34.49 -15.00
CA PRO A 509 11.60 34.99 -15.79
C PRO A 509 11.26 35.65 -17.13
N GLU A 510 10.30 35.10 -17.87
CA GLU A 510 9.93 35.67 -19.16
C GLU A 510 8.96 36.85 -19.00
N ARG A 511 7.89 36.66 -18.25
CA ARG A 511 6.89 37.71 -18.06
C ARG A 511 7.45 38.92 -17.33
N ASP A 512 8.34 38.69 -16.36
CA ASP A 512 8.85 39.79 -15.54
C ASP A 512 10.34 40.06 -15.80
N LYS A 513 10.83 39.74 -17.01
CA LYS A 513 12.24 40.01 -17.40
C LYS A 513 12.80 41.37 -16.98
N GLU A 514 12.10 42.44 -17.29
CA GLU A 514 12.60 43.79 -16.99
C GLU A 514 12.79 43.99 -15.48
N ARG A 515 11.79 43.64 -14.68
CA ARG A 515 11.94 43.71 -13.22
C ARG A 515 13.09 42.80 -12.75
N PHE A 516 13.21 41.61 -13.35
CA PHE A 516 14.25 40.68 -12.93
C PHE A 516 15.66 41.24 -13.17
N ILE A 517 15.83 41.95 -14.30
CA ILE A 517 17.09 42.60 -14.61
C ILE A 517 17.39 43.69 -13.61
N LYS A 518 16.38 44.51 -13.34
CA LYS A 518 16.53 45.69 -12.47
C LYS A 518 16.77 45.33 -11.00
N ASP A 519 16.36 44.14 -10.59
CA ASP A 519 16.52 43.72 -9.19
C ASP A 519 17.68 42.72 -9.00
N SER A 520 18.30 42.27 -10.10
CA SER A 520 19.49 41.42 -10.01
C SER A 520 20.73 42.24 -9.68
N PRO A 521 21.46 41.90 -8.62
CA PRO A 521 22.67 42.67 -8.30
C PRO A 521 23.77 42.67 -9.36
N VAL A 522 23.89 41.58 -10.11
CA VAL A 522 24.95 41.45 -11.11
C VAL A 522 24.79 42.47 -12.26
N THR A 523 23.57 42.92 -12.48
CA THR A 523 23.26 44.03 -13.37
C THR A 523 23.99 45.34 -12.98
N TYR A 524 24.34 45.50 -11.71
CA TYR A 524 25.06 46.68 -11.25
C TYR A 524 26.47 46.37 -10.77
N LEU A 525 27.09 45.36 -11.37
CA LEU A 525 28.46 44.97 -11.06
C LEU A 525 29.49 46.11 -11.12
N ASP A 526 29.32 47.03 -12.08
CA ASP A 526 30.30 48.13 -12.31
C ASP A 526 30.30 49.12 -11.15
N GLY A 527 29.14 49.28 -10.54
CA GLY A 527 29.00 50.14 -9.36
C GLY A 527 29.48 49.54 -8.06
N MET A 528 29.99 48.30 -8.05
CA MET A 528 30.44 47.63 -6.81
C MET A 528 31.95 47.84 -6.49
N VAL A 529 32.30 49.05 -6.09
CA VAL A 529 33.70 49.50 -6.06
C VAL A 529 34.36 49.46 -4.69
N LYS A 530 33.52 49.39 -3.65
CA LYS A 530 34.02 49.28 -2.29
C LYS A 530 34.56 47.90 -2.00
N PRO A 531 35.45 47.81 -1.02
CA PRO A 531 35.98 46.50 -0.67
C PRO A 531 34.87 45.54 -0.21
N MET A 532 34.97 44.28 -0.58
CA MET A 532 33.93 43.34 -0.31
C MET A 532 34.44 41.94 0.06
N LEU A 533 33.75 41.35 1.03
CA LEU A 533 34.01 40.00 1.50
C LEU A 533 32.80 39.16 1.16
N VAL A 534 33.02 38.05 0.46
CA VAL A 534 31.93 37.14 0.11
C VAL A 534 32.15 35.81 0.81
N ILE A 535 31.07 35.29 1.39
CA ILE A 535 31.10 34.02 2.12
C ILE A 535 29.95 33.14 1.68
N GLN A 536 30.26 31.89 1.37
CA GLN A 536 29.30 30.92 0.84
C GLN A 536 29.59 29.48 1.34
N GLY A 537 28.53 28.70 1.51
CA GLY A 537 28.61 27.28 1.87
C GLY A 537 28.38 26.41 0.65
N ALA A 538 29.34 25.52 0.35
CA ALA A 538 29.31 24.78 -0.92
C ALA A 538 28.06 23.91 -1.08
N LYS A 539 27.51 23.40 0.02
CA LYS A 539 26.37 22.47 -0.02
C LYS A 539 24.99 23.13 0.08
N ASP A 540 24.95 24.47 0.01
CA ASP A 540 23.72 25.26 0.17
C ASP A 540 22.73 24.87 -0.94
N PRO A 541 21.51 24.48 -0.56
CA PRO A 541 20.46 24.17 -1.54
C PRO A 541 19.47 25.35 -1.79
N ARG A 542 19.43 26.31 -0.86
CA ARG A 542 18.57 27.48 -0.99
C ARG A 542 19.21 28.48 -1.93
N VAL A 543 20.39 28.97 -1.55
CA VAL A 543 21.21 29.83 -2.38
C VAL A 543 22.45 29.06 -2.81
N VAL A 544 22.41 28.50 -4.02
CA VAL A 544 23.53 27.64 -4.41
C VAL A 544 24.83 28.44 -4.64
N LYS A 545 25.94 27.71 -4.52
CA LYS A 545 27.28 28.23 -4.63
C LYS A 545 27.52 29.06 -5.87
N GLU A 546 26.94 28.63 -6.97
CA GLU A 546 27.09 29.35 -8.25
C GLU A 546 26.69 30.85 -8.17
N GLU A 547 25.75 31.20 -7.29
CA GLU A 547 25.35 32.61 -7.08
C GLU A 547 26.48 33.46 -6.50
N SER A 548 27.30 32.84 -5.65
CA SER A 548 28.50 33.47 -5.10
C SER A 548 29.78 33.29 -5.98
N ASP A 549 29.89 32.18 -6.73
CA ASP A 549 31.01 32.00 -7.66
C ASP A 549 30.95 33.03 -8.76
N GLN A 550 29.79 33.22 -9.35
CA GLN A 550 29.66 34.03 -10.57
C GLN A 550 29.90 35.51 -10.28
N ILE A 551 29.41 35.99 -9.14
CA ILE A 551 29.56 37.41 -8.80
C ILE A 551 31.00 37.70 -8.44
N VAL A 552 31.66 36.79 -7.72
CA VAL A 552 33.08 36.93 -7.39
C VAL A 552 33.93 36.89 -8.65
N ALA A 553 33.56 36.00 -9.58
CA ALA A 553 34.29 35.76 -10.82
C ALA A 553 34.23 36.99 -11.68
N LYS A 554 33.02 37.52 -11.82
CA LYS A 554 32.82 38.70 -12.66
C LYS A 554 33.59 39.91 -12.13
N LEU A 555 33.67 40.05 -10.81
CA LEU A 555 34.43 41.13 -10.17
C LEU A 555 35.93 41.00 -10.36
N LYS A 556 36.41 39.75 -10.41
CA LYS A 556 37.83 39.47 -10.43
C LYS A 556 38.43 39.76 -11.78
N GLU A 557 37.62 39.63 -12.83
CA GLU A 557 38.01 40.06 -14.17
C GLU A 557 38.32 41.57 -14.20
N LYS A 558 37.55 42.36 -13.46
CA LYS A 558 37.77 43.82 -13.36
C LYS A 558 38.79 44.23 -12.28
N GLY A 559 39.62 43.28 -11.84
CA GLY A 559 40.66 43.55 -10.85
C GLY A 559 40.20 44.22 -9.57
N ARG A 560 39.03 43.82 -9.06
CA ARG A 560 38.47 44.41 -7.84
C ARG A 560 39.02 43.82 -6.51
N ASP A 561 38.93 44.63 -5.45
CA ASP A 561 39.29 44.22 -4.08
C ASP A 561 38.19 43.32 -3.43
N VAL A 562 38.24 42.03 -3.77
CA VAL A 562 37.25 41.06 -3.32
C VAL A 562 37.94 39.94 -2.56
N GLU A 563 37.36 39.54 -1.43
CA GLU A 563 37.82 38.35 -0.73
C GLU A 563 36.70 37.35 -0.78
N TYR A 564 37.06 36.06 -0.89
CA TYR A 564 36.07 34.99 -1.01
C TYR A 564 36.45 33.82 -0.10
N LEU A 565 35.58 33.50 0.85
CA LEU A 565 35.71 32.31 1.69
C LEU A 565 34.62 31.31 1.37
N VAL A 566 35.01 30.11 0.99
CA VAL A 566 34.05 29.02 0.81
C VAL A 566 34.31 28.04 1.93
N LEU A 567 33.23 27.53 2.51
CA LEU A 567 33.32 26.48 3.50
C LEU A 567 32.82 25.23 2.82
N GLU A 568 33.74 24.30 2.56
CA GLU A 568 33.45 23.05 1.83
C GLU A 568 32.32 22.20 2.44
N ASP A 569 32.22 22.18 3.77
CA ASP A 569 31.26 21.29 4.45
C ASP A 569 30.02 21.95 5.07
N GLU A 570 29.65 23.15 4.63
CA GLU A 570 28.42 23.77 5.18
C GLU A 570 27.40 24.16 4.09
N GLY A 571 26.16 24.32 4.51
CA GLY A 571 25.10 24.85 3.65
C GLY A 571 24.70 26.29 4.00
N HIS A 572 23.39 26.49 4.04
CA HIS A 572 22.78 27.78 4.32
C HIS A 572 22.88 28.13 5.82
N GLY A 573 24.10 28.31 6.29
CA GLY A 573 24.40 28.42 7.73
C GLY A 573 25.72 27.71 8.06
N PHE A 574 26.12 27.77 9.33
CA PHE A 574 27.38 27.17 9.80
C PHE A 574 27.13 26.36 11.07
N SER A 575 26.85 25.07 10.92
CA SER A 575 26.53 24.22 12.08
C SER A 575 27.77 23.82 12.87
N LYS A 576 28.95 23.83 12.23
CA LYS A 576 30.21 23.53 12.91
C LYS A 576 30.93 24.74 13.52
N LYS A 577 31.25 24.65 14.81
CA LYS A 577 31.94 25.72 15.51
C LYS A 577 33.20 26.22 14.83
N GLU A 578 34.05 25.32 14.34
CA GLU A 578 35.27 25.75 13.65
C GLU A 578 34.93 26.75 12.56
N ASN A 579 33.94 26.41 11.75
CA ASN A 579 33.55 27.24 10.62
C ASN A 579 32.93 28.56 11.06
N GLU A 580 32.06 28.49 12.06
CA GLU A 580 31.46 29.68 12.64
C GLU A 580 32.52 30.65 13.10
N ILE A 581 33.52 30.15 13.82
CA ILE A 581 34.54 31.02 14.40
C ILE A 581 35.42 31.59 13.29
N LYS A 582 35.63 30.82 12.25
CA LYS A 582 36.48 31.24 11.18
C LYS A 582 35.82 32.43 10.46
N VAL A 583 34.50 32.33 10.28
CA VAL A 583 33.72 33.42 9.69
C VAL A 583 33.75 34.67 10.59
N TYR A 584 33.50 34.51 11.88
CA TYR A 584 33.55 35.67 12.74
C TYR A 584 34.91 36.32 12.61
N SER A 585 35.97 35.55 12.79
CA SER A 585 37.33 36.07 12.85
C SER A 585 37.68 36.85 11.58
N LEU A 586 37.24 36.31 10.44
CA LEU A 586 37.55 36.93 9.18
C LEU A 586 36.76 38.24 9.01
N MET A 587 35.47 38.21 9.36
CA MET A 587 34.63 39.42 9.22
C MET A 587 35.21 40.54 10.08
N LEU A 588 35.67 40.19 11.27
CA LEU A 588 36.28 41.20 12.15
C LEU A 588 37.55 41.80 11.59
N ALA A 589 38.41 40.97 10.98
CA ALA A 589 39.69 41.43 10.44
C ALA A 589 39.47 42.28 9.21
N PHE A 590 38.54 41.84 8.37
CA PHE A 590 38.14 42.56 7.18
C PHE A 590 37.63 43.96 7.50
N LEU A 591 36.71 44.04 8.45
CA LEU A 591 36.13 45.31 8.84
C LEU A 591 37.14 46.20 9.52
N GLU A 592 38.00 45.62 10.35
CA GLU A 592 39.06 46.36 11.02
C GLU A 592 39.99 47.02 10.02
N LYS A 593 40.50 46.25 9.07
CA LYS A 593 41.49 46.79 8.15
C LYS A 593 40.91 47.85 7.21
N HIS A 594 39.58 47.90 7.12
CA HIS A 594 38.91 48.90 6.31
C HIS A 594 38.31 50.07 7.09
N GLN A 595 38.56 50.12 8.40
CA GLN A 595 38.40 51.36 9.13
C GLN A 595 39.57 52.25 8.69
N ALA A 596 39.39 53.56 8.76
CA ALA A 596 40.48 54.50 8.48
C ALA A 596 41.38 54.54 9.70
N LEU A 597 42.70 54.63 9.48
CA LEU A 597 43.65 54.67 10.60
C LEU A 597 43.31 55.74 11.63
N GLU A 598 42.98 56.92 11.16
CA GLU A 598 42.62 58.02 12.05
C GLU A 598 43.56 58.14 13.26
N HIS A 599 44.85 57.97 12.99
CA HIS A 599 45.93 58.04 14.00
C HIS A 599 46.08 59.49 14.47
N HIS A 600 45.95 59.73 15.77
CA HIS A 600 46.19 61.06 16.36
C HIS A 600 47.51 61.09 17.13
N HIS A 601 48.36 62.07 16.84
CA HIS A 601 49.64 62.25 17.52
C HIS A 601 49.53 63.42 18.50
N HIS A 602 49.88 63.16 19.76
CA HIS A 602 49.68 64.11 20.85
C HIS A 602 51.02 64.71 21.28
N HIS A 603 50.97 65.67 22.20
CA HIS A 603 52.17 66.28 22.76
C HIS A 603 52.93 65.28 23.63
N HIS A 604 53.91 64.58 23.04
CA HIS A 604 54.78 63.65 23.77
C HIS A 604 56.23 63.91 23.43
N MET B 1 -19.21 4.84 -5.57
CA MET B 1 -18.18 3.80 -5.21
C MET B 1 -17.49 3.26 -6.48
N ILE B 2 -18.14 2.30 -7.13
CA ILE B 2 -17.69 1.78 -8.42
C ILE B 2 -18.45 2.59 -9.45
N ASN B 3 -17.74 3.08 -10.46
CA ASN B 3 -18.36 3.93 -11.47
C ASN B 3 -18.58 3.17 -12.78
N PHE B 4 -19.84 2.76 -12.97
CA PHE B 4 -20.29 2.04 -14.16
C PHE B 4 -20.62 2.99 -15.30
N PRO B 5 -20.14 2.69 -16.51
CA PRO B 5 -20.61 3.51 -17.64
C PRO B 5 -22.15 3.53 -17.74
N LYS B 6 -22.68 4.53 -18.43
CA LYS B 6 -24.10 4.53 -18.82
C LYS B 6 -24.33 3.40 -19.82
N PRO B 7 -25.56 2.87 -19.89
CA PRO B 7 -25.86 1.76 -20.78
C PRO B 7 -25.54 2.01 -22.26
N THR B 8 -25.02 0.99 -22.91
CA THR B 8 -24.67 1.04 -24.33
C THR B 8 -25.70 0.28 -25.18
N VAL B 9 -25.61 0.43 -26.51
CA VAL B 9 -26.54 -0.24 -27.41
C VAL B 9 -26.47 -1.76 -27.35
N GLU B 10 -25.31 -2.31 -26.98
CA GLU B 10 -25.16 -3.76 -26.88
C GLU B 10 -26.06 -4.37 -25.81
N GLN B 11 -26.48 -3.58 -24.82
CA GLN B 11 -27.46 -4.07 -23.85
C GLN B 11 -28.85 -4.32 -24.47
N PHE B 12 -29.16 -3.72 -25.61
CA PHE B 12 -30.46 -3.97 -26.24
C PHE B 12 -30.45 -5.15 -27.19
N PHE B 13 -29.29 -5.77 -27.39
CA PHE B 13 -29.12 -6.90 -28.31
C PHE B 13 -29.51 -8.26 -27.73
N ARG B 14 -29.78 -8.34 -26.43
CA ARG B 14 -29.92 -9.62 -25.72
C ARG B 14 -31.36 -9.88 -25.26
N THR B 15 -32.29 -9.24 -25.91
CA THR B 15 -33.71 -9.45 -25.63
C THR B 15 -34.21 -10.46 -26.64
N TYR B 16 -35.15 -11.32 -26.28
CA TYR B 16 -35.64 -12.31 -27.25
C TYR B 16 -37.11 -12.05 -27.50
N THR B 17 -37.64 -12.69 -28.53
CA THR B 17 -39.04 -12.56 -28.92
C THR B 17 -39.84 -13.80 -28.51
N ILE B 18 -41.06 -13.55 -28.06
CA ILE B 18 -42.08 -14.59 -27.87
C ILE B 18 -43.18 -14.28 -28.86
N THR B 19 -43.42 -15.20 -29.79
CA THR B 19 -44.31 -14.95 -30.93
C THR B 19 -45.68 -15.50 -30.68
N ASN B 20 -45.78 -16.47 -29.78
CA ASN B 20 -46.93 -17.34 -29.79
C ASN B 20 -46.94 -18.29 -28.58
N PHE B 21 -48.12 -18.68 -28.12
CA PHE B 21 -48.23 -19.66 -27.04
C PHE B 21 -49.57 -20.39 -26.96
N ALA B 22 -49.59 -21.45 -26.15
CA ALA B 22 -50.77 -22.26 -25.88
C ALA B 22 -50.77 -22.81 -24.45
N VAL B 23 -51.97 -22.98 -23.89
CA VAL B 23 -52.11 -23.56 -22.56
C VAL B 23 -52.90 -24.85 -22.64
N SER B 24 -52.41 -25.91 -22.00
CA SER B 24 -53.12 -27.20 -21.98
C SER B 24 -54.48 -27.05 -21.30
N SER B 25 -55.39 -27.97 -21.59
CA SER B 25 -56.80 -27.82 -21.14
C SER B 25 -56.96 -27.80 -19.62
N ASP B 26 -56.04 -28.47 -18.92
CA ASP B 26 -55.97 -28.46 -17.45
C ASP B 26 -55.08 -27.34 -16.85
N GLU B 27 -54.41 -26.57 -17.71
CA GLU B 27 -53.48 -25.51 -17.24
C GLU B 27 -52.26 -26.06 -16.49
N LYS B 28 -51.83 -27.26 -16.82
CA LYS B 28 -50.64 -27.79 -16.19
C LYS B 28 -49.38 -27.54 -17.01
N ARG B 29 -49.57 -27.16 -18.26
CA ARG B 29 -48.44 -26.83 -19.08
C ARG B 29 -48.78 -25.59 -19.93
N LEU B 30 -47.85 -24.66 -20.01
CA LEU B 30 -47.91 -23.61 -21.02
C LEU B 30 -46.68 -23.71 -21.92
N VAL B 31 -46.90 -23.77 -23.22
CA VAL B 31 -45.83 -23.90 -24.20
C VAL B 31 -45.81 -22.62 -25.02
N PHE B 32 -44.62 -22.10 -25.28
CA PHE B 32 -44.50 -20.87 -26.02
C PHE B 32 -43.29 -20.89 -26.93
N ASN B 33 -43.39 -20.15 -28.02
CA ASN B 33 -42.35 -20.15 -29.01
C ASN B 33 -41.50 -18.91 -28.80
N ALA B 34 -40.20 -19.11 -28.63
CA ALA B 34 -39.28 -18.03 -28.33
C ALA B 34 -37.87 -18.36 -28.81
N ASN B 35 -37.07 -17.31 -29.05
CA ASN B 35 -35.66 -17.50 -29.46
C ASN B 35 -34.68 -17.18 -28.34
N LEU B 36 -35.14 -17.45 -27.12
CA LEU B 36 -34.31 -17.42 -25.92
C LEU B 36 -32.91 -18.06 -26.12
N ASN B 37 -32.79 -19.18 -26.82
CA ASN B 37 -31.46 -19.75 -27.01
C ASN B 37 -30.79 -19.35 -28.33
N GLY B 38 -31.29 -18.31 -28.97
CA GLY B 38 -30.69 -17.80 -30.19
C GLY B 38 -31.49 -18.11 -31.41
N LYS B 39 -32.35 -19.12 -31.34
CA LYS B 39 -33.20 -19.48 -32.47
C LYS B 39 -34.58 -19.86 -31.97
N MET B 40 -35.56 -19.76 -32.87
CA MET B 40 -36.93 -20.08 -32.50
C MET B 40 -37.11 -21.55 -32.09
N ASN B 41 -37.67 -21.76 -30.91
CA ASN B 41 -37.97 -23.09 -30.40
C ASN B 41 -39.09 -22.99 -29.42
N LEU B 42 -39.71 -24.12 -29.16
CA LEU B 42 -40.74 -24.19 -28.20
C LEU B 42 -40.16 -24.42 -26.83
N TRP B 43 -40.65 -23.67 -25.86
CA TRP B 43 -40.34 -23.85 -24.46
C TRP B 43 -41.65 -24.10 -23.71
N ALA B 44 -41.53 -24.58 -22.48
CA ALA B 44 -42.70 -24.89 -21.64
C ALA B 44 -42.44 -24.59 -20.19
N MET B 45 -43.53 -24.38 -19.47
CA MET B 45 -43.57 -24.10 -18.04
C MET B 45 -44.56 -25.04 -17.42
N ASP B 46 -44.23 -25.64 -16.30
CA ASP B 46 -45.19 -26.48 -15.58
C ASP B 46 -45.86 -25.61 -14.50
N LEU B 47 -46.90 -24.90 -14.90
CA LEU B 47 -47.59 -23.97 -14.02
C LEU B 47 -48.06 -24.66 -12.74
N PRO B 48 -47.98 -23.96 -11.59
CA PRO B 48 -47.60 -22.56 -11.35
C PRO B 48 -46.09 -22.23 -11.37
N ASP B 49 -45.25 -23.25 -11.52
CA ASP B 49 -43.80 -23.06 -11.60
C ASP B 49 -43.48 -22.46 -12.95
N THR B 50 -42.70 -21.37 -12.97
CA THR B 50 -42.46 -20.65 -14.21
C THR B 50 -41.06 -20.83 -14.80
N TYR B 51 -40.17 -21.57 -14.17
CA TYR B 51 -38.85 -21.80 -14.81
C TYR B 51 -39.06 -22.59 -16.09
N PRO B 52 -38.64 -22.03 -17.23
CA PRO B 52 -38.95 -22.69 -18.48
C PRO B 52 -37.91 -23.74 -18.88
N TYR B 53 -38.39 -24.75 -19.61
CA TYR B 53 -37.53 -25.80 -20.19
C TYR B 53 -37.86 -26.03 -21.65
N LEU B 54 -36.85 -26.49 -22.38
CA LEU B 54 -37.02 -26.68 -23.79
C LEU B 54 -38.08 -27.74 -23.98
N PHE B 55 -39.03 -27.47 -24.88
CA PHE B 55 -40.11 -28.40 -25.16
C PHE B 55 -39.83 -29.21 -26.42
N ALA B 56 -39.42 -28.53 -27.48
CA ALA B 56 -39.12 -29.19 -28.75
C ALA B 56 -38.12 -28.38 -29.57
N HIS B 57 -36.96 -28.97 -29.82
CA HIS B 57 -35.91 -28.30 -30.60
C HIS B 57 -35.97 -28.50 -32.10
N ARG B 58 -36.14 -27.41 -32.83
CA ARG B 58 -36.33 -27.45 -34.27
C ARG B 58 -35.55 -26.34 -34.95
N ASP B 59 -35.48 -25.19 -34.29
CA ASP B 59 -34.79 -24.01 -34.85
C ASP B 59 -35.55 -23.40 -36.06
N GLU B 60 -36.87 -23.57 -36.15
CA GLU B 60 -37.67 -22.93 -37.19
C GLU B 60 -38.79 -22.07 -36.61
N SER B 61 -39.31 -21.16 -37.43
CA SER B 61 -40.49 -20.38 -37.06
C SER B 61 -41.69 -21.28 -36.91
N CYS B 62 -42.62 -20.87 -36.06
CA CYS B 62 -43.75 -21.68 -35.71
C CYS B 62 -45.01 -20.87 -35.95
N ASN B 63 -45.98 -21.40 -36.69
CA ASN B 63 -47.21 -20.64 -36.93
C ASN B 63 -48.42 -20.98 -36.05
N PHE B 64 -48.35 -22.05 -35.26
CA PHE B 64 -49.45 -22.44 -34.35
C PHE B 64 -48.96 -23.53 -33.41
N ILE B 65 -49.62 -23.58 -32.25
CA ILE B 65 -49.44 -24.63 -31.26
C ILE B 65 -50.82 -25.06 -30.81
N LYS B 66 -51.01 -26.37 -30.65
CA LYS B 66 -52.28 -26.92 -30.21
C LYS B 66 -52.05 -28.12 -29.29
N PHE B 67 -52.66 -28.08 -28.11
CA PHE B 67 -52.68 -29.23 -27.23
C PHE B 67 -53.82 -30.16 -27.63
N ASP B 68 -53.54 -31.45 -27.59
CA ASP B 68 -54.59 -32.47 -27.55
C ASP B 68 -55.39 -32.26 -26.29
N PRO B 69 -56.73 -32.21 -26.38
CA PRO B 69 -57.51 -32.09 -25.14
C PRO B 69 -57.37 -33.28 -24.18
N GLU B 70 -56.96 -34.45 -24.66
CA GLU B 70 -56.63 -35.59 -23.79
C GLU B 70 -55.19 -35.63 -23.31
N ASN B 71 -54.32 -34.74 -23.81
CA ASN B 71 -52.90 -34.67 -23.41
C ASN B 71 -52.04 -35.87 -23.82
N ARG B 72 -52.15 -36.31 -25.07
CA ARG B 72 -51.30 -37.37 -25.62
C ARG B 72 -50.31 -36.84 -26.66
N TYR B 73 -50.51 -35.59 -27.08
CA TYR B 73 -49.63 -34.96 -28.04
C TYR B 73 -49.84 -33.46 -28.05
N VAL B 74 -48.93 -32.76 -28.69
CA VAL B 74 -49.06 -31.35 -29.00
C VAL B 74 -48.77 -31.23 -30.47
N LEU B 75 -49.57 -30.48 -31.17
CA LEU B 75 -49.35 -30.22 -32.57
C LEU B 75 -48.73 -28.86 -32.68
N ALA B 76 -47.79 -28.73 -33.61
CA ALA B 76 -47.15 -27.47 -33.89
C ALA B 76 -46.90 -27.36 -35.38
N GLY B 77 -46.79 -26.14 -35.90
CA GLY B 77 -46.51 -25.93 -37.32
C GLY B 77 -45.15 -25.29 -37.53
N PHE B 78 -44.35 -25.84 -38.46
CA PHE B 78 -42.98 -25.37 -38.70
C PHE B 78 -42.70 -25.24 -40.19
N ASP B 79 -41.78 -24.34 -40.54
CA ASP B 79 -41.32 -24.15 -41.92
C ASP B 79 -39.80 -24.42 -42.03
N LYS B 80 -39.15 -23.86 -43.05
CA LYS B 80 -37.69 -23.98 -43.27
C LYS B 80 -37.03 -22.62 -43.55
N ASP B 81 -36.15 -22.19 -42.64
CA ASP B 81 -35.45 -20.93 -42.78
C ASP B 81 -36.34 -19.88 -43.44
N GLY B 82 -37.41 -19.49 -42.73
CA GLY B 82 -38.33 -18.50 -43.23
C GLY B 82 -38.95 -18.90 -44.56
N ASP B 83 -39.17 -20.19 -44.73
CA ASP B 83 -39.75 -20.71 -45.97
C ASP B 83 -41.25 -20.41 -46.04
N GLU B 84 -41.85 -20.15 -44.88
CA GLU B 84 -43.28 -19.86 -44.81
C GLU B 84 -44.12 -21.07 -45.20
N ASN B 85 -43.46 -22.10 -45.72
CA ASN B 85 -44.14 -23.32 -46.15
C ASN B 85 -44.41 -24.18 -44.95
N TYR B 86 -45.24 -23.64 -44.06
CA TYR B 86 -45.56 -24.31 -42.81
C TYR B 86 -46.29 -25.62 -43.08
N GLN B 87 -45.91 -26.66 -42.33
CA GLN B 87 -46.61 -27.96 -42.38
C GLN B 87 -46.85 -28.42 -40.95
N ILE B 88 -47.62 -29.49 -40.75
CA ILE B 88 -48.09 -29.86 -39.41
C ILE B 88 -47.31 -31.02 -38.81
N TYR B 89 -46.85 -30.84 -37.57
CA TYR B 89 -45.98 -31.80 -36.87
C TYR B 89 -46.58 -32.11 -35.51
N ALA B 90 -46.29 -33.32 -35.00
CA ALA B 90 -46.76 -33.73 -33.68
C ALA B 90 -45.60 -33.90 -32.74
N ILE B 91 -45.81 -33.52 -31.49
CA ILE B 91 -44.79 -33.56 -30.47
C ILE B 91 -45.39 -34.34 -29.32
N PRO B 92 -44.57 -35.18 -28.65
CA PRO B 92 -45.13 -35.87 -27.48
C PRO B 92 -45.52 -34.90 -26.37
N ASN B 93 -46.48 -35.32 -25.56
CA ASN B 93 -47.02 -34.48 -24.53
C ASN B 93 -45.98 -33.92 -23.59
N GLU B 94 -44.91 -34.68 -23.38
CA GLU B 94 -43.85 -34.26 -22.46
C GLU B 94 -42.73 -33.53 -23.18
N GLY B 95 -42.89 -33.29 -24.48
CA GLY B 95 -41.86 -32.67 -25.30
C GLY B 95 -41.01 -33.71 -26.01
N GLY B 96 -40.14 -33.25 -26.88
CA GLY B 96 -39.29 -34.15 -27.64
C GLY B 96 -38.94 -33.57 -28.99
N LEU B 97 -38.78 -34.46 -29.97
CA LEU B 97 -38.49 -34.11 -31.36
C LEU B 97 -39.77 -34.14 -32.20
N PRO B 98 -40.00 -33.08 -32.99
CA PRO B 98 -41.20 -33.02 -33.84
C PRO B 98 -41.27 -34.13 -34.88
N HIS B 99 -42.46 -34.69 -35.04
CA HIS B 99 -42.69 -35.84 -35.90
C HIS B 99 -43.61 -35.33 -37.01
N PRO B 100 -43.21 -35.50 -38.29
CA PRO B 100 -44.08 -35.14 -39.42
C PRO B 100 -45.43 -35.81 -39.31
N LEU B 101 -46.50 -35.03 -39.34
CA LEU B 101 -47.83 -35.60 -39.16
C LEU B 101 -48.64 -35.37 -40.43
N ILE B 102 -48.74 -34.12 -40.86
CA ILE B 102 -49.42 -33.78 -42.11
C ILE B 102 -48.49 -32.89 -42.90
N THR B 103 -47.78 -33.52 -43.83
CA THR B 103 -46.67 -32.87 -44.54
C THR B 103 -46.60 -33.38 -45.97
N GLY B 104 -45.71 -32.77 -46.75
CA GLY B 104 -45.48 -33.19 -48.12
C GLY B 104 -44.24 -32.54 -48.71
N ASP B 105 -44.37 -32.09 -49.96
CA ASP B 105 -43.26 -31.53 -50.71
C ASP B 105 -42.85 -30.17 -50.11
N ALA B 106 -41.58 -29.83 -50.28
CA ALA B 106 -41.00 -28.63 -49.69
C ALA B 106 -41.78 -27.34 -49.95
N SER B 107 -42.38 -27.22 -51.14
CA SER B 107 -43.09 -25.99 -51.55
C SER B 107 -44.58 -25.97 -51.16
N GLU B 108 -45.10 -27.06 -50.63
CA GLU B 108 -46.49 -27.11 -50.20
C GLU B 108 -46.70 -26.49 -48.81
N LYS B 109 -47.91 -25.95 -48.57
CA LYS B 109 -48.33 -25.45 -47.26
C LYS B 109 -49.39 -26.35 -46.67
N TYR B 110 -49.29 -26.68 -45.39
CA TYR B 110 -50.40 -27.29 -44.66
C TYR B 110 -50.73 -26.46 -43.43
N TYR B 111 -51.88 -25.81 -43.43
CA TYR B 111 -52.31 -24.95 -42.32
C TYR B 111 -53.33 -25.61 -41.39
N PHE B 112 -53.07 -25.63 -40.10
CA PHE B 112 -54.05 -26.13 -39.14
C PHE B 112 -55.29 -25.22 -39.10
N SER B 113 -56.47 -25.82 -38.95
CA SER B 113 -57.74 -25.11 -38.85
C SER B 113 -58.46 -25.41 -37.56
N HIS B 114 -58.64 -26.69 -37.27
CA HIS B 114 -59.42 -27.12 -36.10
C HIS B 114 -59.05 -28.54 -35.65
N LEU B 115 -59.25 -28.80 -34.38
CA LEU B 115 -59.07 -30.13 -33.84
C LEU B 115 -60.35 -30.53 -33.13
N SER B 116 -60.82 -31.75 -33.38
CA SER B 116 -62.07 -32.21 -32.79
C SER B 116 -61.91 -32.36 -31.28
N ALA B 117 -63.01 -32.25 -30.54
CA ALA B 117 -62.98 -32.24 -29.07
C ALA B 117 -62.52 -33.54 -28.38
N ASP B 118 -62.50 -34.63 -29.13
CA ASP B 118 -61.94 -35.89 -28.65
C ASP B 118 -60.47 -36.02 -29.05
N GLY B 119 -59.99 -35.09 -29.87
CA GLY B 119 -58.60 -35.04 -30.29
C GLY B 119 -58.30 -35.99 -31.42
N LYS B 120 -59.33 -36.43 -32.13
CA LYS B 120 -59.18 -37.52 -33.11
C LYS B 120 -58.96 -37.04 -34.54
N CYS B 121 -59.58 -35.92 -34.91
CA CYS B 121 -59.57 -35.47 -36.29
C CYS B 121 -58.97 -34.08 -36.43
N VAL B 122 -58.12 -33.91 -37.43
CA VAL B 122 -57.46 -32.64 -37.68
C VAL B 122 -57.97 -32.09 -38.99
N TYR B 123 -58.54 -30.89 -38.94
CA TYR B 123 -59.02 -30.21 -40.12
C TYR B 123 -57.93 -29.25 -40.53
N TYR B 124 -57.63 -29.16 -41.81
CA TYR B 124 -56.56 -28.29 -42.30
C TYR B 124 -56.77 -27.81 -43.71
N GLU B 125 -56.07 -26.75 -44.10
CA GLU B 125 -56.02 -26.33 -45.50
C GLU B 125 -54.69 -26.75 -46.10
N THR B 126 -54.70 -26.95 -47.40
CA THR B 126 -53.49 -27.27 -48.11
C THR B 126 -53.47 -26.56 -49.45
N SER B 127 -52.27 -26.33 -49.97
CA SER B 127 -52.10 -25.73 -51.28
C SER B 127 -51.84 -26.82 -52.31
N LYS B 128 -51.61 -28.03 -51.83
CA LYS B 128 -51.20 -29.18 -52.65
C LYS B 128 -51.83 -29.16 -54.03
N GLU B 129 -53.15 -29.28 -54.06
CA GLU B 129 -53.89 -29.51 -55.31
C GLU B 129 -54.57 -28.24 -55.79
N ASN B 130 -54.47 -27.16 -55.00
CA ASN B 130 -55.20 -25.91 -55.26
C ASN B 130 -54.40 -24.71 -54.72
N PRO B 131 -53.26 -24.40 -55.38
CA PRO B 131 -52.38 -23.33 -54.93
C PRO B 131 -53.07 -21.99 -54.65
N SER B 132 -54.05 -21.66 -55.46
CA SER B 132 -54.63 -20.31 -55.46
C SER B 132 -55.69 -20.08 -54.37
N PHE B 133 -56.51 -21.10 -54.12
CA PHE B 133 -57.66 -20.92 -53.22
C PHE B 133 -57.65 -21.84 -51.99
N LEU B 134 -56.82 -22.89 -52.04
CA LEU B 134 -56.67 -23.89 -50.99
C LEU B 134 -57.86 -24.83 -50.92
N ASN B 135 -57.59 -26.08 -50.53
CA ASN B 135 -58.63 -27.05 -50.19
C ASN B 135 -58.64 -27.33 -48.70
N THR B 136 -59.78 -27.79 -48.19
CA THR B 136 -59.91 -28.10 -46.77
C THR B 136 -60.10 -29.59 -46.63
N ARG B 137 -59.27 -30.22 -45.80
CA ARG B 137 -59.29 -31.67 -45.59
C ARG B 137 -59.44 -32.05 -44.14
N ILE B 138 -59.61 -33.35 -43.90
CA ILE B 138 -59.61 -33.93 -42.57
C ILE B 138 -58.67 -35.12 -42.52
N ARG B 139 -57.86 -35.19 -41.47
CA ARG B 139 -57.03 -36.36 -41.17
C ARG B 139 -57.60 -36.98 -39.92
N ASN B 140 -58.07 -38.22 -40.04
CA ASN B 140 -58.38 -39.00 -38.85
C ASN B 140 -57.07 -39.57 -38.32
N LEU B 141 -56.85 -39.47 -37.01
CA LEU B 141 -55.56 -39.85 -36.43
C LEU B 141 -55.53 -41.28 -35.88
N GLU B 142 -56.69 -41.86 -35.57
CA GLU B 142 -56.74 -43.26 -35.16
C GLU B 142 -56.52 -44.16 -36.38
N THR B 143 -57.36 -43.99 -37.40
CA THR B 143 -57.14 -44.59 -38.72
C THR B 143 -56.22 -43.63 -39.43
N GLY B 144 -55.71 -43.99 -40.59
CA GLY B 144 -54.82 -43.07 -41.34
C GLY B 144 -55.53 -42.19 -42.34
N GLU B 145 -56.87 -42.12 -42.23
CA GLU B 145 -57.74 -41.72 -43.32
C GLU B 145 -57.81 -40.21 -43.57
N ASP B 146 -57.69 -39.82 -44.84
CA ASP B 146 -57.64 -38.41 -45.25
C ASP B 146 -58.67 -38.08 -46.35
N ARG B 147 -59.59 -37.16 -46.05
CA ARG B 147 -60.68 -36.81 -46.96
C ARG B 147 -60.66 -35.35 -47.37
N LEU B 148 -60.98 -35.08 -48.63
CA LEU B 148 -61.30 -33.73 -49.09
C LEU B 148 -62.64 -33.33 -48.49
N LEU B 149 -62.71 -32.11 -47.95
CA LEU B 149 -63.92 -31.62 -47.30
C LEU B 149 -64.55 -30.43 -48.00
N ASN B 150 -63.71 -29.65 -48.69
CA ASN B 150 -64.17 -28.46 -49.36
C ASN B 150 -63.10 -28.03 -50.35
N VAL B 151 -63.54 -27.50 -51.50
CA VAL B 151 -62.64 -27.08 -52.54
C VAL B 151 -62.73 -25.58 -52.68
N GLY B 152 -61.62 -24.89 -52.52
CA GLY B 152 -61.62 -23.45 -52.70
C GLY B 152 -61.95 -23.02 -54.12
N GLU B 153 -62.84 -22.03 -54.24
CA GLU B 153 -63.18 -21.38 -55.51
C GLU B 153 -63.25 -19.89 -55.32
N VAL B 154 -63.03 -19.17 -56.41
CA VAL B 154 -63.34 -17.75 -56.52
C VAL B 154 -62.27 -16.88 -55.88
N SER B 155 -61.86 -17.23 -54.66
CA SER B 155 -60.82 -16.49 -53.96
C SER B 155 -60.36 -17.38 -52.81
N THR B 156 -59.36 -16.94 -52.07
CA THR B 156 -58.76 -17.80 -51.05
C THR B 156 -59.76 -18.10 -49.90
N THR B 157 -59.89 -19.38 -49.57
CA THR B 157 -60.92 -19.90 -48.65
C THR B 157 -60.33 -20.78 -47.54
N GLU B 158 -60.70 -20.49 -46.30
CA GLU B 158 -60.26 -21.28 -45.15
C GLU B 158 -61.43 -21.63 -44.22
N LEU B 159 -61.31 -22.77 -43.55
CA LEU B 159 -62.22 -23.15 -42.49
C LEU B 159 -61.85 -22.42 -41.21
N ALA B 160 -62.78 -21.62 -40.68
CA ALA B 160 -62.53 -20.80 -39.49
C ALA B 160 -63.19 -21.33 -38.23
N ALA B 161 -64.26 -22.11 -38.35
CA ALA B 161 -64.91 -22.67 -37.16
C ALA B 161 -65.71 -23.90 -37.49
N VAL B 162 -65.79 -24.77 -36.51
CA VAL B 162 -66.43 -26.06 -36.62
C VAL B 162 -67.24 -26.32 -35.34
N SER B 163 -68.52 -26.66 -35.53
CA SER B 163 -69.44 -26.90 -34.41
C SER B 163 -69.00 -28.10 -33.59
N GLU B 164 -69.47 -28.17 -32.35
CA GLU B 164 -69.15 -29.30 -31.46
C GLU B 164 -69.48 -30.63 -32.13
N ASN B 165 -70.66 -30.72 -32.75
CA ASN B 165 -71.10 -31.98 -33.40
C ASN B 165 -70.50 -32.20 -34.79
N GLU B 166 -69.60 -31.33 -35.22
CA GLU B 166 -68.92 -31.45 -36.51
C GLU B 166 -69.87 -31.59 -37.70
N GLU B 167 -71.08 -31.04 -37.58
CA GLU B 167 -72.01 -31.01 -38.70
C GLU B 167 -72.11 -29.62 -39.33
N SER B 168 -71.74 -28.57 -38.61
CA SER B 168 -71.74 -27.20 -39.19
C SER B 168 -70.34 -26.59 -39.21
N PHE B 169 -70.08 -25.82 -40.27
CA PHE B 169 -68.76 -25.27 -40.55
C PHE B 169 -68.90 -23.84 -41.03
N VAL B 170 -68.01 -22.96 -40.58
CA VAL B 170 -67.96 -21.57 -41.05
C VAL B 170 -66.68 -21.36 -41.87
N TYR B 171 -66.85 -20.98 -43.14
CA TYR B 171 -65.72 -20.66 -44.00
C TYR B 171 -65.60 -19.15 -44.21
N LEU B 172 -64.37 -18.65 -44.37
CA LEU B 172 -64.14 -17.25 -44.71
C LEU B 172 -63.46 -17.22 -46.06
N ARG B 173 -63.94 -16.35 -46.93
CA ARG B 173 -63.35 -16.20 -48.23
C ARG B 173 -62.84 -14.78 -48.34
N ALA B 174 -61.51 -14.64 -48.52
CA ALA B 174 -60.89 -13.33 -48.56
C ALA B 174 -60.69 -12.83 -49.99
N PHE B 175 -61.27 -11.66 -50.25
CA PHE B 175 -61.11 -10.93 -51.52
C PHE B 175 -60.14 -9.75 -51.37
N ALA B 176 -60.07 -9.22 -50.16
CA ALA B 176 -59.09 -8.20 -49.79
C ALA B 176 -58.82 -8.34 -48.28
N ASN B 177 -57.88 -7.59 -47.72
CA ASN B 177 -57.72 -7.58 -46.28
C ASN B 177 -58.91 -6.94 -45.59
N THR B 178 -59.64 -6.10 -46.33
CA THR B 178 -60.82 -5.39 -45.86
C THR B 178 -62.11 -5.94 -46.44
N TYR B 179 -62.02 -7.07 -47.13
CA TYR B 179 -63.19 -7.67 -47.78
C TYR B 179 -63.12 -9.17 -47.61
N ILE B 180 -63.75 -9.65 -46.56
CA ILE B 180 -63.69 -11.07 -46.21
C ILE B 180 -65.12 -11.51 -45.86
N VAL B 181 -65.63 -12.46 -46.65
CA VAL B 181 -67.03 -12.89 -46.56
C VAL B 181 -67.13 -14.26 -45.90
N GLY B 182 -68.05 -14.35 -44.94
CA GLY B 182 -68.28 -15.59 -44.20
C GLY B 182 -69.46 -16.37 -44.75
N PHE B 183 -69.35 -17.69 -44.78
CA PHE B 183 -70.49 -18.52 -45.03
C PHE B 183 -70.51 -19.77 -44.15
N VAL B 184 -71.70 -20.35 -43.98
CA VAL B 184 -71.87 -21.56 -43.21
C VAL B 184 -72.14 -22.69 -44.18
N LYS B 185 -71.55 -23.84 -43.91
CA LYS B 185 -71.85 -25.04 -44.68
C LYS B 185 -72.46 -26.00 -43.69
N MET B 186 -73.65 -26.49 -44.01
CA MET B 186 -74.45 -27.31 -43.08
C MET B 186 -74.74 -28.69 -43.64
N GLY B 187 -75.24 -28.75 -44.87
CA GLY B 187 -75.39 -30.03 -45.55
C GLY B 187 -74.36 -30.06 -46.65
N GLU B 188 -74.84 -30.08 -47.88
CA GLU B 188 -74.02 -29.76 -49.04
C GLU B 188 -74.29 -28.30 -49.43
N GLU B 189 -75.28 -27.69 -48.78
CA GLU B 189 -75.72 -26.33 -49.10
C GLU B 189 -75.07 -25.27 -48.18
N THR B 190 -74.86 -24.07 -48.74
CA THR B 190 -74.17 -22.99 -48.03
C THR B 190 -75.03 -21.73 -47.88
N PHE B 191 -74.75 -20.96 -46.82
CA PHE B 191 -75.50 -19.75 -46.46
C PHE B 191 -74.57 -18.64 -46.00
N ASN B 192 -74.82 -17.43 -46.49
CA ASN B 192 -74.10 -16.25 -46.04
C ASN B 192 -74.48 -15.89 -44.62
N ILE B 193 -73.50 -15.40 -43.86
CA ILE B 193 -73.72 -15.07 -42.47
C ILE B 193 -73.96 -13.59 -42.20
N THR B 194 -73.81 -12.76 -43.22
CA THR B 194 -74.20 -11.36 -43.13
C THR B 194 -75.28 -11.10 -44.19
N PRO B 195 -76.02 -9.99 -44.07
CA PRO B 195 -77.20 -9.76 -44.91
C PRO B 195 -76.97 -9.56 -46.41
N ASP B 196 -75.76 -9.14 -46.80
CA ASP B 196 -75.44 -8.89 -48.22
C ASP B 196 -73.95 -9.08 -48.47
N PRO B 197 -73.58 -10.19 -49.12
CA PRO B 197 -72.16 -10.36 -49.46
C PRO B 197 -71.62 -9.40 -50.53
N GLU B 198 -72.48 -8.57 -51.13
CA GLU B 198 -72.03 -7.61 -52.14
C GLU B 198 -71.48 -6.32 -51.52
N LYS B 199 -71.83 -6.02 -50.28
CA LYS B 199 -71.23 -4.92 -49.56
C LYS B 199 -69.81 -5.31 -49.14
N VAL B 200 -68.86 -4.39 -49.33
CA VAL B 200 -67.48 -4.57 -48.86
C VAL B 200 -67.47 -4.61 -47.33
N HIS B 201 -66.95 -5.70 -46.77
CA HIS B 201 -66.84 -5.83 -45.34
C HIS B 201 -65.99 -7.01 -44.99
N VAL B 202 -65.64 -7.07 -43.70
CA VAL B 202 -64.92 -8.17 -43.12
C VAL B 202 -65.80 -8.89 -42.14
N ALA B 203 -65.71 -10.21 -42.15
CA ALA B 203 -66.19 -11.05 -41.07
C ALA B 203 -65.00 -11.83 -40.53
N MET B 204 -64.91 -11.95 -39.19
CA MET B 204 -63.70 -12.43 -38.50
C MET B 204 -64.06 -13.24 -37.27
N GLU B 205 -63.19 -14.18 -36.91
CA GLU B 205 -63.16 -14.74 -35.58
C GLU B 205 -64.48 -15.38 -35.16
N PRO B 206 -65.09 -16.19 -36.03
CA PRO B 206 -66.31 -16.88 -35.68
C PRO B 206 -66.12 -17.96 -34.62
N VAL B 207 -67.12 -18.08 -33.74
CA VAL B 207 -67.12 -19.09 -32.70
C VAL B 207 -68.52 -19.70 -32.54
N PHE B 208 -68.58 -21.03 -32.47
CA PHE B 208 -69.84 -21.71 -32.18
C PHE B 208 -70.10 -21.68 -30.71
N THR B 209 -71.22 -21.06 -30.32
CA THR B 209 -71.72 -21.08 -28.94
C THR B 209 -72.72 -22.22 -28.73
N ASP B 210 -73.41 -22.59 -29.79
CA ASP B 210 -74.29 -23.78 -29.85
C ASP B 210 -73.92 -24.48 -31.13
N ASN B 211 -74.49 -25.64 -31.35
CA ASN B 211 -74.46 -26.26 -32.66
C ASN B 211 -75.33 -25.49 -33.66
N GLU B 212 -76.10 -24.52 -33.18
CA GLU B 212 -77.02 -23.75 -34.03
C GLU B 212 -76.71 -22.24 -34.06
N THR B 213 -75.68 -21.82 -33.34
CA THR B 213 -75.43 -20.39 -33.09
C THR B 213 -73.93 -20.11 -33.24
N ILE B 214 -73.59 -19.12 -34.05
CA ILE B 214 -72.24 -18.56 -34.05
C ILE B 214 -72.22 -17.06 -33.75
N TYR B 215 -71.20 -16.62 -33.03
CA TYR B 215 -70.92 -15.21 -32.91
C TYR B 215 -69.62 -14.92 -33.66
N PHE B 216 -69.46 -13.69 -34.11
CA PHE B 216 -68.26 -13.33 -34.83
C PHE B 216 -68.11 -11.81 -34.87
N ALA B 217 -66.96 -11.34 -35.35
CA ALA B 217 -66.71 -9.90 -35.46
C ALA B 217 -66.88 -9.48 -36.89
N THR B 218 -67.49 -8.32 -37.10
CA THR B 218 -67.75 -7.84 -38.45
C THR B 218 -68.01 -6.36 -38.40
N ASP B 219 -67.68 -5.69 -39.51
CA ASP B 219 -67.93 -4.27 -39.68
C ASP B 219 -68.98 -4.02 -40.78
N TYR B 220 -69.90 -4.98 -40.94
CA TYR B 220 -70.96 -4.89 -41.95
C TYR B 220 -71.78 -3.64 -41.66
N ASP B 221 -71.79 -2.73 -42.63
CA ASP B 221 -72.53 -1.48 -42.53
C ASP B 221 -72.08 -0.62 -41.34
N SER B 222 -70.77 -0.63 -41.08
CA SER B 222 -70.20 0.19 -40.00
C SER B 222 -68.74 0.52 -40.30
N ASP B 223 -68.21 1.51 -39.59
CA ASP B 223 -66.81 1.89 -39.73
C ASP B 223 -65.91 1.23 -38.67
N GLU B 224 -66.52 0.47 -37.77
CA GLU B 224 -65.81 -0.26 -36.73
C GLU B 224 -66.34 -1.69 -36.65
N MET B 225 -65.49 -2.60 -36.24
CA MET B 225 -65.87 -4.01 -36.10
C MET B 225 -66.65 -4.22 -34.83
N TYR B 226 -67.78 -4.91 -34.93
CA TYR B 226 -68.63 -5.14 -33.77
C TYR B 226 -68.92 -6.62 -33.63
N LEU B 227 -69.58 -7.00 -32.54
CA LEU B 227 -69.88 -8.37 -32.24
C LEU B 227 -71.23 -8.70 -32.83
N ALA B 228 -71.27 -9.75 -33.64
CA ALA B 228 -72.48 -10.14 -34.32
C ALA B 228 -72.81 -11.58 -34.00
N LYS B 229 -74.00 -11.98 -34.42
CA LYS B 229 -74.57 -13.27 -34.09
C LYS B 229 -75.26 -13.80 -35.31
N PHE B 230 -75.10 -15.09 -35.58
CA PHE B 230 -75.84 -15.74 -36.65
C PHE B 230 -76.45 -17.03 -36.12
N ASP B 231 -77.77 -17.18 -36.35
CA ASP B 231 -78.54 -18.35 -35.95
C ASP B 231 -78.67 -19.25 -37.15
N LEU B 232 -78.18 -20.48 -37.03
CA LEU B 232 -78.14 -21.37 -38.19
C LEU B 232 -79.52 -21.95 -38.51
N THR B 233 -80.39 -22.06 -37.51
CA THR B 233 -81.75 -22.55 -37.72
C THR B 233 -82.58 -21.52 -38.50
N SER B 234 -82.70 -20.32 -37.96
CA SER B 234 -83.53 -19.29 -38.59
C SER B 234 -82.81 -18.48 -39.64
N LYS B 235 -81.49 -18.60 -39.71
CA LYS B 235 -80.68 -17.82 -40.64
C LYS B 235 -80.78 -16.31 -40.42
N GLU B 236 -80.70 -15.90 -39.15
CA GLU B 236 -80.86 -14.51 -38.78
CA GLU B 236 -80.87 -14.53 -38.72
C GLU B 236 -79.53 -13.90 -38.32
N PHE B 237 -79.17 -12.81 -38.99
CA PHE B 237 -78.03 -12.01 -38.61
C PHE B 237 -78.50 -10.96 -37.62
N SER B 238 -77.74 -10.80 -36.54
CA SER B 238 -78.04 -9.81 -35.52
C SER B 238 -76.76 -9.11 -35.08
N LYS B 239 -76.81 -7.79 -35.00
CA LYS B 239 -75.77 -6.97 -34.38
C LYS B 239 -75.98 -6.93 -32.87
N VAL B 240 -75.03 -7.45 -32.10
CA VAL B 240 -75.19 -7.64 -30.65
C VAL B 240 -74.54 -6.50 -29.86
N LEU B 241 -73.25 -6.24 -30.12
CA LEU B 241 -72.47 -5.30 -29.32
C LEU B 241 -71.48 -4.54 -30.17
N ALA B 242 -71.48 -3.21 -30.04
CA ALA B 242 -70.54 -2.33 -30.72
C ALA B 242 -69.89 -1.37 -29.71
N PHE B 243 -68.63 -0.99 -29.97
CA PHE B 243 -67.89 -0.03 -29.16
C PHE B 243 -67.64 1.20 -29.99
N ASP B 244 -68.02 2.36 -29.48
CA ASP B 244 -67.83 3.62 -30.21
C ASP B 244 -66.34 3.87 -30.43
N GLY B 245 -65.93 4.10 -31.67
CA GLY B 245 -64.52 4.44 -31.95
C GLY B 245 -63.49 3.33 -31.77
N GLU B 246 -63.96 2.08 -31.74
CA GLU B 246 -63.09 0.93 -31.46
C GLU B 246 -63.53 -0.30 -32.27
N SER B 247 -62.59 -0.96 -32.92
CA SER B 247 -62.88 -2.20 -33.66
C SER B 247 -62.51 -3.44 -32.84
N ILE B 248 -63.43 -4.36 -32.72
CA ILE B 248 -63.11 -5.66 -32.15
C ILE B 248 -62.18 -6.42 -33.08
N GLN B 249 -61.09 -6.94 -32.54
CA GLN B 249 -60.15 -7.78 -33.32
C GLN B 249 -60.02 -9.20 -32.78
N SER B 250 -60.52 -9.43 -31.57
CA SER B 250 -60.45 -10.74 -30.99
C SER B 250 -61.70 -11.05 -30.18
N VAL B 251 -62.23 -12.25 -30.40
CA VAL B 251 -63.44 -12.73 -29.78
C VAL B 251 -63.13 -14.08 -29.15
N LYS B 252 -63.43 -14.24 -27.86
CA LYS B 252 -63.14 -15.49 -27.15
C LYS B 252 -64.30 -15.91 -26.28
N TRP B 253 -64.81 -17.09 -26.54
CA TRP B 253 -65.94 -17.62 -25.79
C TRP B 253 -65.45 -18.30 -24.50
N ASP B 254 -65.89 -17.80 -23.35
CA ASP B 254 -65.74 -18.50 -22.09
C ASP B 254 -66.99 -19.33 -21.82
N LYS B 255 -67.00 -20.58 -22.31
CA LYS B 255 -68.21 -21.41 -22.32
C LYS B 255 -68.97 -21.48 -20.99
N ASP B 256 -68.33 -21.97 -19.95
CA ASP B 256 -68.98 -22.20 -18.65
C ASP B 256 -69.64 -20.95 -18.06
N ASN B 257 -69.01 -19.79 -18.21
CA ASN B 257 -69.57 -18.54 -17.71
C ASN B 257 -70.49 -17.85 -18.74
N LYS B 258 -70.67 -18.48 -19.90
CA LYS B 258 -71.43 -17.90 -20.98
C LYS B 258 -71.06 -16.44 -21.18
N ALA B 259 -69.78 -16.21 -21.46
CA ALA B 259 -69.30 -14.84 -21.63
C ALA B 259 -68.20 -14.74 -22.67
N PHE B 260 -68.05 -13.52 -23.18
CA PHE B 260 -67.08 -13.21 -24.21
C PHE B 260 -66.02 -12.29 -23.64
N TYR B 261 -64.75 -12.57 -23.97
CA TYR B 261 -63.70 -11.58 -23.82
C TYR B 261 -63.41 -11.02 -25.19
N LEU B 262 -63.44 -9.70 -25.26
CA LEU B 262 -63.28 -9.00 -26.51
C LEU B 262 -62.12 -8.04 -26.33
N ILE B 263 -61.23 -8.06 -27.32
CA ILE B 263 -60.15 -7.10 -27.43
C ILE B 263 -60.50 -6.19 -28.59
N THR B 264 -60.47 -4.88 -28.35
CA THR B 264 -60.65 -3.90 -29.40
C THR B 264 -59.37 -3.14 -29.64
N VAL B 265 -59.30 -2.51 -30.80
CA VAL B 265 -58.22 -1.61 -31.16
C VAL B 265 -58.74 -0.18 -31.06
N LYS B 266 -58.14 0.63 -30.20
CA LYS B 266 -58.37 2.08 -30.17
C LYS B 266 -57.07 2.76 -30.60
N GLY B 267 -56.90 2.91 -31.90
CA GLY B 267 -55.66 3.48 -32.46
C GLY B 267 -54.39 2.70 -32.10
N VAL B 268 -53.64 3.27 -31.17
CA VAL B 268 -52.31 2.79 -30.84
C VAL B 268 -52.31 1.79 -29.66
N THR B 269 -53.42 1.67 -28.92
CA THR B 269 -53.52 0.68 -27.82
C THR B 269 -54.71 -0.31 -27.99
N ASP B 270 -54.59 -1.47 -27.33
CA ASP B 270 -55.62 -2.48 -27.28
C ASP B 270 -56.38 -2.41 -25.95
N ILE B 271 -57.67 -2.72 -25.97
CA ILE B 271 -58.50 -2.66 -24.75
C ILE B 271 -59.17 -4.01 -24.59
N LEU B 272 -59.29 -4.46 -23.35
CA LEU B 272 -59.99 -5.70 -23.03
C LEU B 272 -61.31 -5.42 -22.32
N TYR B 273 -62.37 -6.06 -22.81
CA TYR B 273 -63.70 -6.00 -22.23
C TYR B 273 -64.19 -7.41 -21.98
N ARG B 274 -65.09 -7.54 -21.01
CA ARG B 274 -65.82 -8.79 -20.78
C ARG B 274 -67.29 -8.48 -21.04
N TYR B 275 -67.97 -9.39 -21.75
CA TYR B 275 -69.39 -9.25 -22.07
C TYR B 275 -70.16 -10.49 -21.59
N ASP B 276 -71.01 -10.26 -20.58
CA ASP B 276 -71.90 -11.29 -20.03
C ASP B 276 -73.12 -11.38 -20.92
N VAL B 277 -73.32 -12.55 -21.51
CA VAL B 277 -74.42 -12.73 -22.46
C VAL B 277 -75.77 -12.64 -21.75
N ALA B 278 -75.92 -13.38 -20.65
CA ALA B 278 -77.18 -13.44 -19.93
C ALA B 278 -77.68 -12.06 -19.47
N THR B 279 -76.81 -11.24 -18.89
CA THR B 279 -77.23 -9.96 -18.33
C THR B 279 -77.01 -8.78 -19.27
N ASP B 280 -76.60 -9.03 -20.51
CA ASP B 280 -76.25 -7.97 -21.47
C ASP B 280 -75.32 -6.90 -20.89
N LYS B 281 -74.32 -7.30 -20.12
CA LYS B 281 -73.47 -6.34 -19.41
C LYS B 281 -71.97 -6.36 -19.82
N VAL B 282 -71.38 -5.17 -19.91
CA VAL B 282 -69.99 -4.98 -20.33
C VAL B 282 -69.14 -4.44 -19.19
N GLU B 283 -68.16 -5.23 -18.75
CA GLU B 283 -67.09 -4.73 -17.87
C GLU B 283 -65.89 -4.37 -18.72
N GLU B 284 -65.26 -3.25 -18.41
CA GLU B 284 -63.99 -2.86 -19.00
C GLU B 284 -62.91 -3.46 -18.10
N CYS B 285 -61.98 -4.20 -18.69
CA CYS B 285 -60.90 -4.83 -17.96
C CYS B 285 -59.62 -4.04 -18.13
N SER B 286 -58.65 -4.30 -17.27
CA SER B 286 -57.37 -3.62 -17.33
C SER B 286 -56.31 -4.61 -17.81
N LEU B 287 -55.58 -4.21 -18.83
CA LEU B 287 -54.46 -4.99 -19.36
C LEU B 287 -53.14 -4.50 -18.75
N PRO B 288 -52.16 -5.39 -18.57
CA PRO B 288 -50.91 -4.96 -18.01
C PRO B 288 -49.93 -4.49 -19.09
N VAL B 289 -50.31 -4.61 -20.36
CA VAL B 289 -49.51 -4.08 -21.46
C VAL B 289 -50.43 -3.44 -22.47
N ASP B 290 -49.85 -2.70 -23.42
CA ASP B 290 -50.62 -1.88 -24.34
C ASP B 290 -51.05 -2.60 -25.61
N ILE B 291 -50.29 -3.61 -26.03
CA ILE B 291 -50.49 -4.32 -27.30
C ILE B 291 -50.55 -5.81 -27.06
N ILE B 292 -51.62 -6.48 -27.51
CA ILE B 292 -51.77 -7.93 -27.33
C ILE B 292 -51.45 -8.67 -28.62
N GLU B 293 -50.63 -9.71 -28.54
CA GLU B 293 -50.31 -10.58 -29.70
C GLU B 293 -51.21 -11.79 -29.76
N GLN B 294 -51.64 -12.27 -28.59
CA GLN B 294 -52.52 -13.40 -28.52
C GLN B 294 -53.16 -13.51 -27.16
N ILE B 295 -54.34 -14.14 -27.15
CA ILE B 295 -55.11 -14.38 -25.93
C ILE B 295 -55.70 -15.80 -25.95
N GLN B 296 -55.75 -16.46 -24.81
CA GLN B 296 -56.42 -17.76 -24.68
CA GLN B 296 -56.40 -17.76 -24.68
C GLN B 296 -57.19 -17.79 -23.35
N VAL B 297 -58.40 -18.34 -23.38
CA VAL B 297 -59.22 -18.52 -22.17
C VAL B 297 -59.24 -20.00 -21.87
N ALA B 298 -58.86 -20.39 -20.68
CA ALA B 298 -58.96 -21.79 -20.28
C ALA B 298 -60.39 -22.11 -19.90
N LYS B 299 -60.68 -23.41 -19.81
CA LYS B 299 -61.98 -23.93 -19.34
C LYS B 299 -62.44 -23.33 -18.00
N SER B 300 -61.51 -23.10 -17.08
CA SER B 300 -61.82 -22.53 -15.77
C SER B 300 -62.15 -21.02 -15.80
N GLY B 301 -62.04 -20.39 -16.97
CA GLY B 301 -62.26 -18.95 -17.09
C GLY B 301 -61.01 -18.12 -16.92
N ASN B 302 -59.91 -18.76 -16.54
CA ASN B 302 -58.61 -18.10 -16.43
C ASN B 302 -58.12 -17.57 -17.78
N LEU B 303 -57.36 -16.49 -17.69
CA LEU B 303 -57.09 -15.67 -18.85
C LEU B 303 -55.60 -15.56 -19.02
N TYR B 304 -55.14 -15.72 -20.26
CA TYR B 304 -53.73 -15.72 -20.60
C TYR B 304 -53.54 -14.86 -21.82
N ILE B 305 -52.61 -13.90 -21.74
CA ILE B 305 -52.27 -13.03 -22.85
C ILE B 305 -50.76 -13.00 -23.08
N LEU B 306 -50.40 -12.74 -24.34
CA LEU B 306 -49.04 -12.46 -24.78
C LEU B 306 -49.08 -11.06 -25.35
N GLY B 307 -48.26 -10.18 -24.80
CA GLY B 307 -48.27 -8.80 -25.24
C GLY B 307 -47.04 -8.01 -24.86
N ARG B 308 -47.09 -6.72 -25.15
CA ARG B 308 -45.95 -5.83 -24.95
C ARG B 308 -46.32 -4.34 -24.96
N SER B 309 -45.36 -3.51 -24.57
CA SER B 309 -45.52 -2.08 -24.58
C SER B 309 -44.32 -1.53 -25.27
N ALA B 310 -44.28 -0.22 -25.44
CA ALA B 310 -43.10 0.46 -25.94
C ALA B 310 -41.87 0.16 -25.07
N THR B 311 -42.06 0.06 -23.76
CA THR B 311 -40.94 -0.15 -22.85
C THR B 311 -40.93 -1.50 -22.14
N VAL B 312 -41.82 -2.41 -22.52
CA VAL B 312 -41.89 -3.76 -21.96
C VAL B 312 -41.87 -4.77 -23.11
N PRO B 313 -40.88 -5.66 -23.15
CA PRO B 313 -40.81 -6.66 -24.23
C PRO B 313 -41.90 -7.68 -24.18
N HIS B 314 -42.01 -8.46 -25.25
CA HIS B 314 -42.95 -9.59 -25.30
C HIS B 314 -42.92 -10.42 -24.02
N ASN B 315 -44.05 -10.47 -23.32
CA ASN B 315 -44.19 -11.26 -22.09
C ASN B 315 -45.59 -11.85 -22.01
N VAL B 316 -45.71 -12.94 -21.27
CA VAL B 316 -46.96 -13.66 -21.06
C VAL B 316 -47.49 -13.43 -19.64
N TYR B 317 -48.78 -13.21 -19.52
CA TYR B 317 -49.40 -12.86 -18.24
C TYR B 317 -50.60 -13.73 -18.03
N GLN B 318 -51.00 -13.88 -16.78
CA GLN B 318 -52.12 -14.73 -16.38
C GLN B 318 -53.06 -13.97 -15.45
N SER B 319 -54.36 -14.23 -15.55
CA SER B 319 -55.33 -13.58 -14.66
C SER B 319 -56.57 -14.39 -14.42
N SER B 320 -57.10 -14.27 -13.21
CA SER B 320 -58.44 -14.77 -12.87
C SER B 320 -59.58 -13.86 -13.43
N ASN B 321 -59.46 -12.56 -13.21
CA ASN B 321 -60.56 -11.61 -13.44
C ASN B 321 -60.30 -10.58 -14.53
N GLY B 322 -59.18 -10.69 -15.23
CA GLY B 322 -58.78 -9.66 -16.17
C GLY B 322 -58.45 -8.32 -15.55
N VAL B 323 -58.17 -8.26 -14.24
CA VAL B 323 -57.81 -6.98 -13.59
C VAL B 323 -56.43 -6.99 -12.90
N GLU B 324 -56.16 -8.03 -12.09
CA GLU B 324 -54.84 -8.21 -11.46
C GLU B 324 -54.14 -9.30 -12.23
N TRP B 325 -53.00 -8.97 -12.84
CA TRP B 325 -52.28 -9.92 -13.68
C TRP B 325 -51.02 -10.42 -13.00
N LYS B 326 -50.76 -11.71 -13.10
CA LYS B 326 -49.46 -12.24 -12.77
C LYS B 326 -48.65 -12.36 -14.06
N GLN B 327 -47.50 -11.72 -14.10
CA GLN B 327 -46.59 -11.89 -15.20
C GLN B 327 -45.80 -13.19 -15.01
N LEU B 328 -45.77 -14.02 -16.04
CA LEU B 328 -45.24 -15.37 -15.91
C LEU B 328 -43.83 -15.47 -16.47
N THR B 329 -43.60 -14.89 -17.63
CA THR B 329 -42.25 -14.79 -18.17
C THR B 329 -41.55 -13.55 -17.66
N ASN B 330 -40.24 -13.49 -17.88
CA ASN B 330 -39.40 -12.39 -17.43
C ASN B 330 -38.44 -12.01 -18.52
N ASN B 331 -39.00 -11.79 -19.69
CA ASN B 331 -38.25 -11.28 -20.82
C ASN B 331 -37.98 -9.80 -20.54
N ARG B 332 -36.71 -9.44 -20.40
CA ARG B 332 -36.28 -8.07 -20.08
C ARG B 332 -35.19 -7.57 -21.02
N VAL B 333 -34.88 -6.28 -20.94
CA VAL B 333 -33.74 -5.73 -21.63
C VAL B 333 -32.61 -5.72 -20.60
N LEU B 334 -31.46 -6.19 -21.03
CA LEU B 334 -30.38 -6.50 -20.15
C LEU B 334 -30.03 -5.31 -19.26
N GLY B 335 -30.15 -5.53 -17.96
CA GLY B 335 -29.79 -4.54 -16.99
C GLY B 335 -30.73 -3.37 -16.83
N LEU B 336 -31.86 -3.35 -17.54
CA LEU B 336 -32.69 -2.14 -17.60
C LEU B 336 -34.12 -2.39 -17.20
N SER B 337 -34.81 -1.30 -16.92
CA SER B 337 -36.21 -1.30 -16.54
C SER B 337 -36.97 -0.33 -17.43
N PRO B 338 -38.30 -0.42 -17.45
CA PRO B 338 -39.13 0.48 -18.26
C PRO B 338 -38.71 1.94 -18.20
N GLU B 339 -38.46 2.44 -17.00
CA GLU B 339 -38.05 3.83 -16.79
C GLU B 339 -36.78 4.18 -17.54
N ASP B 340 -35.92 3.20 -17.77
CA ASP B 340 -34.64 3.45 -18.48
C ASP B 340 -34.87 3.70 -19.96
N MET B 341 -36.06 3.40 -20.45
CA MET B 341 -36.40 3.53 -21.87
C MET B 341 -37.39 4.68 -22.10
N VAL B 342 -37.74 4.93 -23.35
CA VAL B 342 -38.60 6.05 -23.74
C VAL B 342 -40.02 5.62 -24.20
N GLU B 343 -41.04 6.19 -23.56
CA GLU B 343 -42.42 6.11 -24.04
C GLU B 343 -42.66 7.14 -25.17
N PRO B 344 -43.40 6.74 -26.21
CA PRO B 344 -43.64 7.69 -27.27
C PRO B 344 -44.72 8.67 -26.89
N ASP B 345 -44.59 9.89 -27.39
CA ASP B 345 -45.69 10.84 -27.35
C ASP B 345 -46.59 10.57 -28.54
N ILE B 346 -47.89 10.67 -28.31
CA ILE B 346 -48.86 10.57 -29.39
C ILE B 346 -49.20 11.98 -29.87
N VAL B 347 -48.96 12.22 -31.14
CA VAL B 347 -49.18 13.52 -31.71
C VAL B 347 -50.08 13.36 -32.91
N SER B 348 -50.60 14.47 -33.42
CA SER B 348 -51.38 14.43 -34.66
C SER B 348 -51.06 15.64 -35.52
N TYR B 349 -51.06 15.42 -36.82
CA TYR B 349 -50.90 16.52 -37.78
C TYR B 349 -51.92 16.38 -38.90
N THR B 350 -52.05 17.49 -39.64
CA THR B 350 -53.00 17.59 -40.73
C THR B 350 -52.28 17.35 -42.04
N SER B 351 -52.82 16.47 -42.84
CA SER B 351 -52.20 16.11 -44.10
C SER B 351 -52.72 17.03 -45.23
N PHE B 352 -52.36 16.68 -46.47
CA PHE B 352 -52.61 17.52 -47.64
C PHE B 352 -54.10 17.77 -47.91
N ASP B 353 -54.92 16.74 -47.77
CA ASP B 353 -56.36 16.83 -48.04
C ASP B 353 -57.19 17.14 -46.79
N GLY B 354 -56.55 17.61 -45.71
CA GLY B 354 -57.23 17.90 -44.45
C GLY B 354 -57.42 16.71 -43.50
N MET B 355 -56.89 15.55 -43.87
CA MET B 355 -57.03 14.36 -43.03
C MET B 355 -56.08 14.41 -41.83
N GLU B 356 -56.62 14.15 -40.65
CA GLU B 356 -55.80 14.12 -39.43
C GLU B 356 -55.04 12.76 -39.35
N ILE B 357 -53.73 12.83 -39.08
CA ILE B 357 -52.87 11.63 -39.03
C ILE B 357 -52.24 11.52 -37.66
N GLU B 358 -52.48 10.39 -36.98
CA GLU B 358 -51.87 10.11 -35.68
C GLU B 358 -50.47 9.52 -35.89
N ALA B 359 -49.56 9.86 -34.97
CA ALA B 359 -48.18 9.41 -35.05
C ALA B 359 -47.54 9.21 -33.68
N LEU B 360 -46.51 8.37 -33.66
CA LEU B 360 -45.71 8.17 -32.47
C LEU B 360 -44.37 8.86 -32.61
N LEU B 361 -44.06 9.69 -31.62
CA LEU B 361 -42.81 10.42 -31.55
C LEU B 361 -42.08 9.95 -30.30
N PHE B 362 -40.90 9.37 -30.50
CA PHE B 362 -40.05 8.94 -29.39
C PHE B 362 -38.93 9.97 -29.29
N LYS B 363 -38.92 10.80 -28.26
CA LYS B 363 -37.85 11.80 -28.13
C LYS B 363 -36.62 11.18 -27.45
N ALA B 364 -35.45 11.37 -28.06
CA ALA B 364 -34.20 10.98 -27.43
C ALA B 364 -34.08 11.72 -26.10
N LYS B 365 -33.64 11.03 -25.07
CA LYS B 365 -33.42 11.68 -23.78
C LYS B 365 -32.30 12.73 -23.96
N PRO B 366 -32.44 13.90 -23.30
CA PRO B 366 -31.41 14.97 -23.37
C PRO B 366 -29.94 14.48 -23.32
N GLU B 367 -29.65 13.52 -22.45
CA GLU B 367 -28.27 13.07 -22.23
C GLU B 367 -27.73 12.16 -23.31
N ASN B 368 -28.61 11.46 -24.04
CA ASN B 368 -28.17 10.60 -25.14
C ASN B 368 -28.23 11.31 -26.48
N ASP B 369 -29.18 12.23 -26.59
CA ASP B 369 -29.57 12.88 -27.83
C ASP B 369 -28.41 13.27 -28.74
N ASN B 370 -28.40 12.73 -29.96
CA ASN B 370 -27.34 13.00 -30.92
C ASN B 370 -27.76 14.05 -31.97
N GLY B 371 -28.98 14.57 -31.86
CA GLY B 371 -29.50 15.60 -32.76
C GLY B 371 -30.17 15.12 -34.03
N TYR B 372 -30.00 13.85 -34.38
CA TYR B 372 -30.64 13.30 -35.57
C TYR B 372 -31.99 12.64 -35.27
N THR B 373 -32.84 12.56 -36.30
CA THR B 373 -34.14 11.91 -36.24
C THR B 373 -34.21 10.82 -37.28
N ILE B 374 -34.89 9.71 -36.93
CA ILE B 374 -35.27 8.66 -37.89
C ILE B 374 -36.77 8.67 -38.18
N PHE B 375 -37.12 8.85 -39.45
CA PHE B 375 -38.49 8.79 -39.88
C PHE B 375 -38.70 7.35 -40.32
N TRP B 376 -39.70 6.71 -39.72
CA TRP B 376 -39.94 5.28 -39.93
C TRP B 376 -41.38 5.03 -40.32
N PRO B 377 -41.63 4.76 -41.61
CA PRO B 377 -42.95 4.29 -42.00
C PRO B 377 -43.08 2.79 -41.73
N HIS B 378 -44.14 2.38 -41.03
CA HIS B 378 -44.31 0.99 -40.65
C HIS B 378 -44.65 0.15 -41.88
N GLY B 379 -44.50 -1.16 -41.73
CA GLY B 379 -44.83 -2.13 -42.77
C GLY B 379 -46.28 -2.55 -42.77
N GLY B 380 -46.61 -3.52 -43.61
CA GLY B 380 -48.02 -3.85 -43.88
C GLY B 380 -48.36 -3.83 -45.37
N PRO B 381 -48.94 -2.73 -45.88
CA PRO B 381 -49.32 -1.47 -45.22
C PRO B 381 -50.51 -1.52 -44.30
N GLN B 382 -51.39 -2.53 -44.41
CA GLN B 382 -52.63 -2.55 -43.62
C GLN B 382 -52.32 -3.12 -42.25
N SER B 383 -51.35 -2.44 -41.62
CA SER B 383 -50.86 -2.71 -40.29
C SER B 383 -50.78 -1.37 -39.54
N ALA B 384 -49.96 -1.29 -38.49
CA ALA B 384 -49.84 -0.05 -37.70
C ALA B 384 -48.57 -0.01 -36.88
N GLU B 385 -48.12 1.21 -36.57
CA GLU B 385 -47.12 1.42 -35.52
C GLU B 385 -47.89 1.78 -34.26
N ARG B 386 -47.62 1.02 -33.21
CA ARG B 386 -48.43 1.05 -32.00
C ARG B 386 -47.46 0.94 -30.83
N LYS B 387 -47.99 1.00 -29.61
CA LYS B 387 -47.13 0.99 -28.43
C LYS B 387 -46.65 -0.44 -28.16
N MET B 388 -45.77 -0.92 -29.06
CA MET B 388 -45.30 -2.31 -29.07
C MET B 388 -43.79 -2.29 -29.05
N PHE B 389 -43.21 -3.04 -28.12
CA PHE B 389 -41.78 -3.03 -27.93
C PHE B 389 -41.09 -3.62 -29.15
N ARG B 390 -40.19 -2.83 -29.75
CA ARG B 390 -39.18 -3.35 -30.65
C ARG B 390 -37.84 -2.92 -30.06
N SER B 391 -36.98 -3.90 -29.83
CA SER B 391 -35.67 -3.64 -29.22
C SER B 391 -34.89 -2.76 -30.17
N MET B 392 -35.23 -2.90 -31.46
CA MET B 392 -34.76 -1.96 -32.47
C MET B 392 -35.02 -0.50 -32.09
N PHE B 393 -36.26 -0.11 -31.81
CA PHE B 393 -36.50 1.31 -31.54
C PHE B 393 -35.69 1.81 -30.35
N GLN B 394 -35.79 1.09 -29.24
CA GLN B 394 -35.14 1.54 -28.02
C GLN B 394 -33.62 1.53 -28.15
N CYS B 395 -33.09 0.60 -28.94
CA CYS B 395 -31.66 0.59 -29.23
C CYS B 395 -31.23 1.88 -29.97
N PHE B 396 -31.94 2.25 -31.03
CA PHE B 396 -31.67 3.51 -31.73
C PHE B 396 -31.87 4.74 -30.84
N ILE B 397 -32.93 4.73 -30.03
CA ILE B 397 -33.17 5.81 -29.10
C ILE B 397 -32.04 5.95 -28.09
N ASN B 398 -31.51 4.83 -27.63
CA ASN B 398 -30.36 4.83 -26.74
C ASN B 398 -29.11 5.45 -27.38
N ARG B 399 -28.88 5.21 -28.66
CA ARG B 399 -27.73 5.78 -29.34
C ARG B 399 -27.95 7.28 -29.58
N GLY B 400 -29.18 7.74 -29.35
CA GLY B 400 -29.48 9.18 -29.31
C GLY B 400 -30.43 9.67 -30.38
N TYR B 401 -31.05 8.76 -31.11
CA TYR B 401 -31.96 9.16 -32.16
C TYR B 401 -33.38 9.42 -31.60
N THR B 402 -34.00 10.49 -32.10
CA THR B 402 -35.44 10.69 -32.00
C THR B 402 -36.03 9.85 -33.12
N ILE B 403 -37.21 9.28 -32.89
CA ILE B 403 -37.85 8.46 -33.92
C ILE B 403 -39.27 8.90 -34.09
N PHE B 404 -39.70 9.00 -35.34
CA PHE B 404 -41.06 9.44 -35.67
C PHE B 404 -41.73 8.40 -36.56
N ALA B 405 -42.81 7.81 -36.05
CA ALA B 405 -43.54 6.76 -36.75
C ALA B 405 -44.99 7.17 -36.97
N PRO B 406 -45.35 7.58 -38.19
CA PRO B 406 -46.72 8.00 -38.49
C PRO B 406 -47.67 6.88 -38.93
N ASN B 407 -48.93 6.96 -38.52
CA ASN B 407 -49.92 6.00 -38.99
C ASN B 407 -50.69 6.57 -40.16
N PHE B 408 -50.02 6.50 -41.31
CA PHE B 408 -50.54 7.04 -42.57
C PHE B 408 -51.77 6.26 -42.99
N ARG B 409 -52.56 6.87 -43.89
CA ARG B 409 -53.79 6.28 -44.39
C ARG B 409 -53.48 4.90 -44.96
N GLY B 410 -54.31 3.93 -44.61
CA GLY B 410 -54.01 2.52 -44.83
C GLY B 410 -53.72 1.81 -43.52
N SER B 411 -53.37 2.58 -42.50
CA SER B 411 -53.08 2.01 -41.20
C SER B 411 -54.37 1.54 -40.56
N THR B 412 -54.29 0.43 -39.82
CA THR B 412 -55.41 -0.04 -39.01
C THR B 412 -55.53 0.79 -37.73
N GLY B 413 -56.69 0.71 -37.07
CA GLY B 413 -56.89 1.34 -35.75
C GLY B 413 -57.64 2.66 -35.80
N TYR B 414 -57.98 3.13 -36.99
CA TYR B 414 -58.70 4.41 -37.14
C TYR B 414 -59.98 4.23 -37.95
N GLY B 415 -60.54 3.02 -37.86
CA GLY B 415 -61.78 2.68 -38.55
C GLY B 415 -61.55 2.05 -39.91
N SER B 416 -62.61 1.45 -40.44
CA SER B 416 -62.57 0.68 -41.68
C SER B 416 -62.27 1.49 -42.92
N ALA B 417 -62.87 2.66 -43.03
CA ALA B 417 -62.64 3.54 -44.21
C ALA B 417 -61.16 3.92 -44.38
N PHE B 418 -60.56 4.35 -43.27
CA PHE B 418 -59.16 4.72 -43.23
C PHE B 418 -58.25 3.60 -43.72
N THR B 419 -58.52 2.38 -43.26
CA THR B 419 -57.73 1.23 -43.65
C THR B 419 -57.78 0.97 -45.16
N LYS B 420 -58.89 1.35 -45.80
CA LYS B 420 -59.07 1.07 -47.24
C LYS B 420 -58.33 2.03 -48.19
N LEU B 421 -57.92 3.20 -47.69
CA LEU B 421 -57.37 4.25 -48.54
C LEU B 421 -56.03 3.94 -49.18
N VAL B 422 -55.34 2.91 -48.70
CA VAL B 422 -54.09 2.48 -49.31
C VAL B 422 -54.38 1.57 -50.49
N GLU B 423 -55.59 1.02 -50.55
CA GLU B 423 -55.92 0.07 -51.62
C GLU B 423 -55.98 0.81 -52.95
N LEU B 424 -55.26 0.25 -53.93
CA LEU B 424 -55.13 0.83 -55.26
C LEU B 424 -54.43 2.20 -55.21
N ASP B 425 -53.60 2.39 -54.20
CA ASP B 425 -52.94 3.67 -53.95
C ASP B 425 -51.76 3.52 -52.99
N TRP B 426 -50.78 2.71 -53.37
CA TRP B 426 -49.60 2.46 -52.54
C TRP B 426 -48.62 3.64 -52.47
N GLY B 427 -48.58 4.48 -53.51
CA GLY B 427 -47.53 5.47 -53.64
C GLY B 427 -47.95 6.91 -53.85
N GLU B 428 -49.13 7.29 -53.38
CA GLU B 428 -49.62 8.64 -53.58
C GLU B 428 -50.12 9.22 -52.24
N GLY B 429 -51.33 8.86 -51.82
CA GLY B 429 -51.88 9.31 -50.53
C GLY B 429 -50.96 9.04 -49.35
N PRO B 430 -50.58 7.76 -49.14
CA PRO B 430 -49.64 7.46 -48.06
C PRO B 430 -48.34 8.30 -48.12
N ARG B 431 -47.72 8.39 -49.30
CA ARG B 431 -46.47 9.15 -49.51
C ARG B 431 -46.68 10.60 -49.09
N LEU B 432 -47.79 11.20 -49.50
CA LEU B 432 -48.08 12.56 -49.12
C LEU B 432 -48.32 12.70 -47.60
N ASP B 433 -48.92 11.69 -46.96
CA ASP B 433 -48.99 11.71 -45.49
C ASP B 433 -47.60 11.74 -44.84
N CYS B 434 -46.65 11.02 -45.46
CA CYS B 434 -45.29 10.96 -44.94
C CYS B 434 -44.57 12.31 -45.11
N ILE B 435 -44.65 12.89 -46.31
CA ILE B 435 -44.10 14.22 -46.58
C ILE B 435 -44.67 15.22 -45.59
N ALA B 436 -45.97 15.20 -45.39
CA ALA B 436 -46.62 16.12 -44.48
C ALA B 436 -46.14 15.93 -43.04
N GLY B 437 -45.80 14.69 -42.70
CA GLY B 437 -45.30 14.38 -41.36
C GLY B 437 -43.89 14.91 -41.18
N ILE B 438 -43.09 14.78 -42.23
CA ILE B 438 -41.76 15.35 -42.25
C ILE B 438 -41.81 16.86 -42.03
N GLU B 439 -42.65 17.56 -42.79
CA GLU B 439 -42.79 19.00 -42.62
C GLU B 439 -43.22 19.35 -41.19
N TRP B 440 -44.09 18.54 -40.62
CA TRP B 440 -44.49 18.75 -39.22
C TRP B 440 -43.29 18.65 -38.25
N LEU B 441 -42.44 17.66 -38.45
CA LEU B 441 -41.21 17.51 -37.64
C LEU B 441 -40.33 18.77 -37.66
N PHE B 442 -40.06 19.30 -38.84
CA PHE B 442 -39.33 20.59 -38.95
C PHE B 442 -40.02 21.77 -38.23
N GLU B 443 -41.33 21.97 -38.43
CA GLU B 443 -42.07 23.03 -37.73
C GLU B 443 -42.03 22.85 -36.22
N SER B 444 -42.25 21.62 -35.77
CA SER B 444 -42.31 21.30 -34.35
C SER B 444 -41.01 21.62 -33.65
N GLY B 445 -39.91 21.65 -34.40
CA GLY B 445 -38.59 21.80 -33.84
C GLY B 445 -37.98 20.50 -33.32
N PHE B 446 -38.68 19.37 -33.44
CA PHE B 446 -38.18 18.10 -32.89
C PHE B 446 -37.23 17.39 -33.83
N THR B 447 -37.10 17.91 -35.05
CA THR B 447 -36.13 17.45 -36.02
C THR B 447 -35.48 18.66 -36.69
N ASP B 448 -34.19 18.55 -37.02
CA ASP B 448 -33.50 19.58 -37.78
C ASP B 448 -33.30 19.12 -39.22
N ARG B 449 -33.30 20.10 -40.11
CA ARG B 449 -33.07 19.85 -41.52
C ARG B 449 -31.65 19.37 -41.63
N ASN B 450 -31.41 18.51 -42.59
CA ASN B 450 -30.10 17.91 -42.76
C ASN B 450 -29.76 16.91 -41.65
N LYS B 451 -30.67 16.70 -40.71
CA LYS B 451 -30.46 15.68 -39.68
C LYS B 451 -31.66 14.75 -39.59
N LEU B 452 -32.13 14.31 -40.76
CA LEU B 452 -33.22 13.35 -40.88
C LEU B 452 -32.75 12.08 -41.64
N PHE B 453 -32.78 10.96 -40.95
CA PHE B 453 -32.57 9.65 -41.56
C PHE B 453 -33.90 8.98 -41.86
N LEU B 454 -33.88 8.06 -42.83
CA LEU B 454 -35.06 7.34 -43.26
C LEU B 454 -34.79 5.83 -43.24
N VAL B 455 -35.66 5.10 -42.54
CA VAL B 455 -35.52 3.64 -42.31
C VAL B 455 -36.91 3.01 -42.32
N GLY B 456 -37.05 1.88 -43.00
CA GLY B 456 -38.33 1.20 -43.10
C GLY B 456 -38.16 -0.23 -43.61
N GLY B 457 -39.16 -1.06 -43.31
CA GLY B 457 -39.14 -2.47 -43.72
C GLY B 457 -40.44 -2.94 -44.35
N SER B 458 -40.33 -3.83 -45.33
CA SER B 458 -41.50 -4.36 -46.02
C SER B 458 -42.21 -3.26 -46.81
N TYR B 459 -43.47 -2.96 -46.52
CA TYR B 459 -44.10 -1.80 -47.15
C TYR B 459 -43.34 -0.51 -46.77
N GLY B 460 -42.85 -0.43 -45.54
CA GLY B 460 -42.02 0.69 -45.11
C GLY B 460 -40.70 0.78 -45.89
N GLY B 461 -40.18 -0.37 -46.28
CA GLY B 461 -39.01 -0.45 -47.14
C GLY B 461 -39.38 0.13 -48.50
N TYR B 462 -40.52 -0.29 -49.04
CA TYR B 462 -41.04 0.28 -50.29
C TYR B 462 -41.16 1.80 -50.18
N MET B 463 -41.75 2.27 -49.09
CA MET B 463 -41.96 3.69 -48.89
C MET B 463 -40.62 4.43 -48.71
N ALA B 464 -39.66 3.78 -48.04
CA ALA B 464 -38.33 4.38 -47.94
C ALA B 464 -37.72 4.63 -49.31
N LEU B 465 -37.78 3.62 -50.15
CA LEU B 465 -37.26 3.70 -51.50
C LEU B 465 -38.00 4.76 -52.32
N LEU B 466 -39.30 4.83 -52.12
CA LEU B 466 -40.10 5.76 -52.89
C LEU B 466 -39.80 7.19 -52.46
N LEU B 467 -39.71 7.42 -51.16
CA LEU B 467 -39.47 8.75 -50.64
C LEU B 467 -38.06 9.18 -50.99
N HIS B 468 -37.18 8.20 -51.07
CA HIS B 468 -35.82 8.48 -51.44
C HIS B 468 -35.77 8.95 -52.91
N GLY B 469 -36.41 8.21 -53.79
CA GLY B 469 -36.35 8.54 -55.21
C GLY B 469 -37.01 9.86 -55.54
N ARG B 470 -38.07 10.20 -54.82
CA ARG B 470 -38.93 11.35 -55.17
C ARG B 470 -38.74 12.56 -54.27
N HIS B 471 -38.07 12.39 -53.14
CA HIS B 471 -37.91 13.50 -52.19
C HIS B 471 -36.59 13.44 -51.48
N SER B 472 -35.53 13.12 -52.23
CA SER B 472 -34.20 12.88 -51.67
C SER B 472 -33.67 14.05 -50.85
N ASP B 473 -34.06 15.27 -51.20
CA ASP B 473 -33.52 16.45 -50.53
C ASP B 473 -33.77 16.43 -49.03
N TYR B 474 -34.84 15.79 -48.58
CA TYR B 474 -35.10 15.64 -47.15
C TYR B 474 -34.05 14.84 -46.34
N PHE B 475 -33.42 13.85 -46.96
CA PHE B 475 -32.77 12.80 -46.18
C PHE B 475 -31.25 12.76 -46.25
N ARG B 476 -30.61 12.49 -45.11
CA ARG B 476 -29.16 12.25 -45.03
C ARG B 476 -28.77 10.89 -45.55
N ALA B 477 -29.49 9.89 -45.10
CA ALA B 477 -29.19 8.52 -45.47
C ALA B 477 -30.46 7.69 -45.35
N VAL B 478 -30.49 6.57 -46.08
CA VAL B 478 -31.66 5.70 -46.12
C VAL B 478 -31.30 4.24 -45.87
N VAL B 479 -32.18 3.57 -45.14
CA VAL B 479 -32.12 2.13 -44.93
C VAL B 479 -33.44 1.51 -45.43
N ASP B 480 -33.30 0.54 -46.33
CA ASP B 480 -34.41 -0.22 -46.93
C ASP B 480 -34.31 -1.69 -46.52
N ILE B 481 -35.26 -2.15 -45.70
CA ILE B 481 -35.28 -3.52 -45.22
C ILE B 481 -36.36 -4.50 -45.79
N PHE B 482 -35.94 -5.36 -46.69
CA PHE B 482 -36.82 -6.13 -47.59
C PHE B 482 -38.05 -5.39 -48.12
N GLY B 483 -37.78 -4.32 -48.86
CA GLY B 483 -38.85 -3.52 -49.47
C GLY B 483 -38.91 -3.84 -50.95
N PRO B 484 -40.12 -3.98 -51.50
CA PRO B 484 -40.30 -4.09 -52.95
C PRO B 484 -39.92 -2.81 -53.72
N SER B 485 -39.10 -2.97 -54.76
CA SER B 485 -38.63 -1.85 -55.58
C SER B 485 -39.49 -1.58 -56.83
N ASP B 486 -40.21 -2.61 -57.29
CA ASP B 486 -40.97 -2.58 -58.55
C ASP B 486 -42.28 -3.37 -58.43
N LEU B 487 -43.39 -2.68 -58.61
CA LEU B 487 -44.70 -3.29 -58.45
C LEU B 487 -45.03 -4.39 -59.49
N PHE B 488 -44.58 -4.24 -60.73
CA PHE B 488 -44.81 -5.29 -61.75
C PHE B 488 -44.18 -6.61 -61.35
N THR B 489 -42.90 -6.57 -60.97
CA THR B 489 -42.22 -7.78 -60.51
C THR B 489 -42.77 -8.29 -59.20
N PHE B 490 -43.27 -7.39 -58.37
CA PHE B 490 -43.64 -7.76 -57.01
C PHE B 490 -44.98 -8.51 -57.00
N ILE B 491 -45.96 -7.96 -57.72
CA ILE B 491 -47.28 -8.58 -57.81
C ILE B 491 -47.23 -9.96 -58.48
N ASN B 492 -46.23 -10.20 -59.32
CA ASN B 492 -46.05 -11.52 -59.94
C ASN B 492 -45.29 -12.52 -59.09
N SER B 493 -44.53 -12.05 -58.11
CA SER B 493 -43.66 -12.92 -57.32
C SER B 493 -44.28 -13.37 -55.99
N VAL B 494 -45.37 -12.72 -55.54
CA VAL B 494 -45.99 -13.07 -54.26
C VAL B 494 -46.52 -14.47 -54.31
N PRO B 495 -46.86 -15.06 -53.16
CA PRO B 495 -47.28 -16.45 -53.22
C PRO B 495 -48.63 -16.62 -53.93
N PRO B 496 -48.87 -17.82 -54.48
CA PRO B 496 -50.08 -18.01 -55.29
C PRO B 496 -51.36 -17.66 -54.53
N HIS B 497 -51.45 -18.05 -53.26
CA HIS B 497 -52.66 -17.80 -52.49
C HIS B 497 -52.86 -16.32 -52.11
N TRP B 498 -51.87 -15.47 -52.36
CA TRP B 498 -52.06 -14.02 -52.20
C TRP B 498 -52.58 -13.37 -53.49
N LYS B 499 -52.49 -14.08 -54.62
CA LYS B 499 -52.84 -13.54 -55.94
C LYS B 499 -54.26 -12.98 -56.08
N PRO B 500 -55.29 -13.76 -55.68
CA PRO B 500 -56.69 -13.26 -55.69
C PRO B 500 -56.92 -11.94 -54.94
N ILE B 501 -56.19 -11.75 -53.85
CA ILE B 501 -56.29 -10.53 -53.04
C ILE B 501 -55.59 -9.35 -53.70
N MET B 502 -54.55 -9.63 -54.49
CA MET B 502 -53.70 -8.57 -54.99
C MET B 502 -54.39 -7.69 -56.03
N GLU B 503 -55.46 -8.18 -56.62
CA GLU B 503 -56.25 -7.36 -57.54
C GLU B 503 -56.92 -6.18 -56.82
N ARG B 504 -57.47 -6.43 -55.62
CA ARG B 504 -58.22 -5.40 -54.89
C ARG B 504 -57.33 -4.55 -53.98
N TRP B 505 -56.15 -5.06 -53.68
CA TRP B 505 -55.22 -4.40 -52.77
C TRP B 505 -54.35 -3.41 -53.54
N LEU B 506 -53.74 -3.93 -54.61
CA LEU B 506 -52.78 -3.20 -55.40
C LEU B 506 -53.39 -2.79 -56.75
N GLY B 507 -53.96 -3.77 -57.48
CA GLY B 507 -54.58 -3.54 -58.80
C GLY B 507 -54.24 -4.60 -59.84
N ASP B 508 -54.38 -4.24 -61.12
CA ASP B 508 -54.00 -5.12 -62.25
C ASP B 508 -52.93 -4.44 -63.09
N PRO B 509 -51.86 -5.17 -63.44
CA PRO B 509 -50.73 -4.61 -64.21
C PRO B 509 -51.08 -3.92 -65.55
N GLU B 510 -52.01 -4.48 -66.31
CA GLU B 510 -52.34 -3.95 -67.63
C GLU B 510 -53.29 -2.75 -67.49
N ARG B 511 -54.45 -2.96 -66.87
CA ARG B 511 -55.44 -1.90 -66.68
C ARG B 511 -54.91 -0.71 -65.85
N ASP B 512 -53.94 -0.97 -64.97
CA ASP B 512 -53.39 0.05 -64.09
C ASP B 512 -51.90 0.36 -64.35
N LYS B 513 -51.43 0.18 -65.59
CA LYS B 513 -50.01 0.41 -65.94
C LYS B 513 -49.43 1.74 -65.46
N GLU B 514 -50.13 2.82 -65.76
CA GLU B 514 -49.64 4.17 -65.48
C GLU B 514 -49.41 4.37 -63.97
N ARG B 515 -50.37 3.95 -63.15
CA ARG B 515 -50.21 4.01 -61.69
C ARG B 515 -49.05 3.16 -61.20
N PHE B 516 -48.92 1.94 -61.73
CA PHE B 516 -47.85 1.03 -61.31
C PHE B 516 -46.46 1.60 -61.56
N ILE B 517 -46.32 2.36 -62.64
CA ILE B 517 -45.07 3.03 -62.97
C ILE B 517 -44.87 4.20 -62.02
N LYS B 518 -45.91 5.00 -61.86
CA LYS B 518 -45.90 6.15 -60.98
C LYS B 518 -45.59 5.81 -59.52
N ASP B 519 -45.93 4.59 -59.10
CA ASP B 519 -45.78 4.15 -57.71
C ASP B 519 -44.63 3.15 -57.52
N SER B 520 -43.88 2.86 -58.59
CA SER B 520 -42.74 1.92 -58.50
C SER B 520 -41.42 2.65 -58.22
N PRO B 521 -40.77 2.37 -57.08
CA PRO B 521 -39.54 3.07 -56.76
C PRO B 521 -38.47 3.04 -57.86
N VAL B 522 -38.31 1.91 -58.52
CA VAL B 522 -37.31 1.77 -59.60
C VAL B 522 -37.48 2.82 -60.72
N THR B 523 -38.71 3.27 -60.93
CA THR B 523 -38.97 4.37 -61.84
C THR B 523 -38.14 5.64 -61.50
N TYR B 524 -37.86 5.87 -60.22
CA TYR B 524 -37.17 7.09 -59.77
C TYR B 524 -35.75 6.82 -59.32
N LEU B 525 -35.15 5.81 -59.91
CA LEU B 525 -33.78 5.44 -59.62
C LEU B 525 -32.79 6.62 -59.68
N ASP B 526 -32.95 7.49 -60.67
CA ASP B 526 -32.05 8.65 -60.85
C ASP B 526 -32.04 9.61 -59.65
N GLY B 527 -33.19 9.78 -59.01
CA GLY B 527 -33.31 10.64 -57.82
C GLY B 527 -32.79 10.06 -56.51
N MET B 528 -32.30 8.80 -56.54
CA MET B 528 -31.84 8.10 -55.32
C MET B 528 -30.34 8.28 -55.07
N VAL B 529 -29.95 9.48 -54.61
CA VAL B 529 -28.53 9.91 -54.59
C VAL B 529 -27.87 9.90 -53.21
N LYS B 530 -28.70 9.92 -52.17
CA LYS B 530 -28.21 9.75 -50.81
C LYS B 530 -27.72 8.33 -50.55
N PRO B 531 -26.82 8.20 -49.57
CA PRO B 531 -26.25 6.88 -49.32
C PRO B 531 -27.32 5.93 -48.83
N MET B 532 -27.22 4.67 -49.22
CA MET B 532 -28.29 3.77 -48.88
C MET B 532 -27.82 2.37 -48.46
N LEU B 533 -28.52 1.83 -47.46
CA LEU B 533 -28.26 0.49 -46.96
C LEU B 533 -29.46 -0.35 -47.32
N VAL B 534 -29.18 -1.46 -47.98
CA VAL B 534 -30.24 -2.39 -48.35
C VAL B 534 -30.02 -3.72 -47.62
N ILE B 535 -31.08 -4.21 -47.02
CA ILE B 535 -31.06 -5.49 -46.31
C ILE B 535 -32.18 -6.39 -46.85
N GLN B 536 -31.85 -7.63 -47.18
CA GLN B 536 -32.84 -8.63 -47.67
C GLN B 536 -32.55 -10.05 -47.17
N GLY B 537 -33.63 -10.77 -46.81
CA GLY B 537 -33.58 -12.19 -46.45
C GLY B 537 -33.85 -13.06 -47.68
N ALA B 538 -32.89 -13.94 -48.03
CA ALA B 538 -32.96 -14.71 -49.30
C ALA B 538 -34.21 -15.56 -49.47
N LYS B 539 -34.72 -16.13 -48.38
CA LYS B 539 -35.84 -17.08 -48.44
C LYS B 539 -37.24 -16.43 -48.36
N ASP B 540 -37.30 -15.11 -48.47
CA ASP B 540 -38.53 -14.33 -48.34
C ASP B 540 -39.49 -14.69 -49.47
N PRO B 541 -40.73 -15.06 -49.13
CA PRO B 541 -41.81 -15.33 -50.10
C PRO B 541 -42.76 -14.15 -50.35
N ARG B 542 -42.87 -13.22 -49.39
CA ARG B 542 -43.72 -12.06 -49.55
C ARG B 542 -43.07 -11.02 -50.43
N VAL B 543 -41.85 -10.64 -50.07
CA VAL B 543 -41.03 -9.74 -50.89
C VAL B 543 -39.75 -10.47 -51.26
N VAL B 544 -39.70 -10.95 -52.50
CA VAL B 544 -38.60 -11.84 -52.86
C VAL B 544 -37.28 -11.07 -53.12
N LYS B 545 -36.18 -11.83 -53.04
CA LYS B 545 -34.81 -11.35 -53.20
C LYS B 545 -34.57 -10.50 -54.44
N GLU B 546 -35.30 -10.81 -55.51
CA GLU B 546 -35.16 -10.10 -56.79
C GLU B 546 -35.59 -8.62 -56.69
N GLU B 547 -36.51 -8.31 -55.77
CA GLU B 547 -36.95 -6.93 -55.53
C GLU B 547 -35.82 -6.08 -54.95
N SER B 548 -34.93 -6.71 -54.17
CA SER B 548 -33.70 -6.07 -53.65
C SER B 548 -32.49 -6.24 -54.59
N ASP B 549 -32.29 -7.43 -55.15
CA ASP B 549 -31.25 -7.65 -56.17
C ASP B 549 -31.29 -6.57 -57.24
N GLN B 550 -32.46 -6.36 -57.81
CA GLN B 550 -32.59 -5.58 -59.06
C GLN B 550 -32.40 -4.08 -58.89
N ILE B 551 -32.68 -3.56 -57.69
CA ILE B 551 -32.49 -2.13 -57.40
C ILE B 551 -31.07 -1.85 -56.97
N VAL B 552 -30.47 -2.78 -56.23
CA VAL B 552 -29.06 -2.68 -55.90
C VAL B 552 -28.28 -2.75 -57.20
N ALA B 553 -28.74 -3.62 -58.12
CA ALA B 553 -28.06 -3.87 -59.38
C ALA B 553 -28.10 -2.60 -60.22
N LYS B 554 -29.28 -2.01 -60.32
CA LYS B 554 -29.47 -0.74 -61.04
C LYS B 554 -28.61 0.43 -60.49
N LEU B 555 -28.54 0.55 -59.17
CA LEU B 555 -27.75 1.60 -58.50
C LEU B 555 -26.24 1.46 -58.68
N LYS B 556 -25.78 0.22 -58.74
CA LYS B 556 -24.35 -0.07 -58.85
C LYS B 556 -23.81 0.30 -60.22
N GLU B 557 -24.65 0.17 -61.24
CA GLU B 557 -24.29 0.61 -62.59
C GLU B 557 -23.99 2.11 -62.66
N LYS B 558 -24.56 2.89 -61.74
CA LYS B 558 -24.30 4.34 -61.65
C LYS B 558 -23.27 4.71 -60.59
N GLY B 559 -22.51 3.72 -60.11
CA GLY B 559 -21.46 3.90 -59.10
C GLY B 559 -21.86 4.61 -57.82
N ARG B 560 -23.07 4.33 -57.31
CA ARG B 560 -23.60 5.02 -56.12
C ARG B 560 -23.04 4.50 -54.76
N ASP B 561 -23.20 5.30 -53.71
CA ASP B 561 -22.87 4.88 -52.32
C ASP B 561 -23.97 3.96 -51.75
N VAL B 562 -23.98 2.71 -52.19
CA VAL B 562 -24.94 1.72 -51.71
C VAL B 562 -24.21 0.72 -50.84
N GLU B 563 -24.95 0.08 -49.93
CA GLU B 563 -24.46 -1.10 -49.22
C GLU B 563 -25.54 -2.13 -49.26
N TYR B 564 -25.14 -3.39 -49.39
CA TYR B 564 -26.10 -4.49 -49.49
C TYR B 564 -25.68 -5.59 -48.51
N LEU B 565 -26.63 -6.06 -47.71
CA LEU B 565 -26.45 -7.18 -46.82
C LEU B 565 -27.53 -8.17 -47.10
N VAL B 566 -27.11 -9.40 -47.39
CA VAL B 566 -28.01 -10.51 -47.60
C VAL B 566 -27.83 -11.50 -46.47
N LEU B 567 -28.94 -12.01 -45.95
CA LEU B 567 -28.93 -13.00 -44.89
C LEU B 567 -29.44 -14.29 -45.51
N GLU B 568 -28.54 -15.26 -45.66
CA GLU B 568 -28.86 -16.46 -46.43
C GLU B 568 -29.96 -17.31 -45.83
N ASP B 569 -30.04 -17.36 -44.50
CA ASP B 569 -30.97 -18.28 -43.85
C ASP B 569 -32.19 -17.60 -43.20
N GLU B 570 -32.63 -16.47 -43.75
CA GLU B 570 -33.84 -15.80 -43.21
C GLU B 570 -34.83 -15.39 -44.30
N GLY B 571 -36.07 -15.17 -43.89
CA GLY B 571 -37.12 -14.70 -44.79
C GLY B 571 -37.54 -13.26 -44.51
N HIS B 572 -38.85 -13.09 -44.33
CA HIS B 572 -39.46 -11.78 -44.08
C HIS B 572 -39.35 -11.46 -42.59
N GLY B 573 -38.11 -11.28 -42.13
CA GLY B 573 -37.79 -11.23 -40.69
C GLY B 573 -36.45 -11.86 -40.33
N PHE B 574 -36.08 -11.76 -39.05
CA PHE B 574 -34.83 -12.32 -38.51
C PHE B 574 -35.15 -13.17 -37.30
N SER B 575 -35.42 -14.45 -37.53
CA SER B 575 -35.76 -15.38 -36.46
C SER B 575 -34.56 -15.64 -35.56
N LYS B 576 -33.36 -15.64 -36.17
CA LYS B 576 -32.10 -15.96 -35.48
C LYS B 576 -31.36 -14.75 -34.88
N LYS B 577 -30.94 -14.87 -33.63
CA LYS B 577 -30.32 -13.76 -32.92
C LYS B 577 -29.06 -13.26 -33.61
N GLU B 578 -28.18 -14.16 -34.04
CA GLU B 578 -26.98 -13.74 -34.78
C GLU B 578 -27.28 -12.73 -35.88
N ASN B 579 -28.36 -12.98 -36.62
CA ASN B 579 -28.71 -12.17 -37.79
C ASN B 579 -29.33 -10.84 -37.39
N GLU B 580 -30.23 -10.88 -36.42
CA GLU B 580 -30.85 -9.68 -35.91
C GLU B 580 -29.77 -8.70 -35.43
N ILE B 581 -28.79 -9.23 -34.72
CA ILE B 581 -27.77 -8.43 -34.09
C ILE B 581 -26.84 -7.89 -35.17
N LYS B 582 -26.65 -8.68 -36.22
CA LYS B 582 -25.82 -8.28 -37.32
C LYS B 582 -26.48 -7.11 -38.04
N VAL B 583 -27.80 -7.16 -38.15
CA VAL B 583 -28.56 -6.05 -38.73
C VAL B 583 -28.51 -4.80 -37.85
N TYR B 584 -28.70 -4.93 -36.54
CA TYR B 584 -28.69 -3.75 -35.70
C TYR B 584 -27.32 -3.07 -35.76
N SER B 585 -26.26 -3.87 -35.73
CA SER B 585 -24.91 -3.33 -35.67
C SER B 585 -24.61 -2.55 -36.95
N LEU B 586 -24.97 -3.11 -38.08
CA LEU B 586 -24.66 -2.52 -39.35
C LEU B 586 -25.43 -1.20 -39.52
N MET B 587 -26.69 -1.20 -39.12
CA MET B 587 -27.55 -0.02 -39.26
C MET B 587 -27.01 1.10 -38.39
N LEU B 588 -26.55 0.76 -37.19
CA LEU B 588 -25.97 1.75 -36.29
C LEU B 588 -24.70 2.34 -36.86
N ALA B 589 -23.83 1.48 -37.38
CA ALA B 589 -22.56 1.86 -37.97
C ALA B 589 -22.80 2.75 -39.19
N PHE B 590 -23.72 2.32 -40.03
CA PHE B 590 -24.10 3.06 -41.21
C PHE B 590 -24.61 4.49 -40.90
N LEU B 591 -25.51 4.60 -39.93
CA LEU B 591 -26.11 5.89 -39.59
C LEU B 591 -25.13 6.78 -38.87
N GLU B 592 -24.25 6.21 -38.05
CA GLU B 592 -23.14 6.98 -37.42
C GLU B 592 -22.25 7.65 -38.47
N LYS B 593 -21.76 6.86 -39.43
CA LYS B 593 -20.77 7.35 -40.37
C LYS B 593 -21.36 8.39 -41.35
N HIS B 594 -22.68 8.40 -41.50
CA HIS B 594 -23.32 9.41 -42.33
C HIS B 594 -23.90 10.58 -41.55
N GLN B 595 -23.59 10.67 -40.26
CA GLN B 595 -23.84 11.88 -39.52
C GLN B 595 -22.74 12.88 -39.92
N ALA B 596 -23.01 14.17 -39.76
CA ALA B 596 -21.98 15.19 -39.98
C ALA B 596 -21.01 15.17 -38.81
N LEU B 597 -19.70 15.24 -39.09
CA LEU B 597 -18.66 15.25 -38.05
C LEU B 597 -18.94 16.29 -37.00
N GLU B 598 -19.15 17.52 -37.44
CA GLU B 598 -19.54 18.60 -36.55
C GLU B 598 -18.64 18.69 -35.31
N HIS B 599 -17.32 18.59 -35.57
CA HIS B 599 -16.24 18.70 -34.56
C HIS B 599 -16.15 20.15 -34.08
N HIS B 600 -16.29 20.38 -32.78
CA HIS B 600 -16.12 21.72 -32.23
C HIS B 600 -14.78 21.77 -31.53
N HIS B 601 -14.03 22.86 -31.71
CA HIS B 601 -12.74 23.01 -31.06
C HIS B 601 -12.83 24.12 -30.02
N HIS B 602 -12.55 23.77 -28.77
CA HIS B 602 -12.70 24.70 -27.63
C HIS B 602 -11.35 25.27 -27.24
N HIS B 603 -11.36 26.23 -26.30
CA HIS B 603 -10.12 26.84 -25.81
C HIS B 603 -9.53 26.02 -24.67
N HIS B 604 -8.43 25.32 -24.94
CA HIS B 604 -7.75 24.48 -23.93
C HIS B 604 -6.39 25.06 -23.55
N MET C 1 10.13 -4.17 17.89
CA MET C 1 9.51 -3.33 16.81
C MET C 1 10.55 -2.99 15.73
N ILE C 2 11.53 -2.15 16.09
CA ILE C 2 12.62 -1.74 15.19
C ILE C 2 13.84 -2.58 15.53
N ASN C 3 14.55 -3.03 14.50
CA ASN C 3 15.71 -3.91 14.67
C ASN C 3 17.02 -3.12 14.79
N PHE C 4 17.35 -2.74 16.02
CA PHE C 4 18.58 -2.00 16.31
C PHE C 4 19.81 -2.90 16.34
N PRO C 5 20.84 -2.57 15.54
CA PRO C 5 22.07 -3.37 15.63
C PRO C 5 22.71 -3.26 17.01
N LYS C 6 23.45 -4.29 17.40
CA LYS C 6 24.13 -4.32 18.72
C LYS C 6 25.25 -3.28 18.81
N PRO C 7 25.55 -2.82 20.04
CA PRO C 7 26.56 -1.79 20.29
C PRO C 7 27.85 -2.03 19.51
N THR C 8 28.30 -1.00 18.82
CA THR C 8 29.56 -1.06 18.12
C THR C 8 30.62 -0.33 18.90
N VAL C 9 31.83 -0.57 18.44
CA VAL C 9 33.01 0.06 18.94
C VAL C 9 32.93 1.58 19.00
N GLU C 10 32.32 2.21 17.99
CA GLU C 10 32.37 3.70 17.91
C GLU C 10 31.56 4.37 19.02
N GLN C 11 30.74 3.61 19.74
CA GLN C 11 30.01 4.11 20.90
C GLN C 11 30.87 4.31 22.13
N PHE C 12 32.07 3.73 22.16
CA PHE C 12 33.02 3.96 23.27
C PHE C 12 33.93 5.14 22.99
N PHE C 13 33.81 5.75 21.82
CA PHE C 13 34.67 6.88 21.40
C PHE C 13 34.18 8.25 21.89
N ARG C 14 32.98 8.33 22.45
CA ARG C 14 32.34 9.64 22.74
C ARG C 14 32.26 9.96 24.23
N THR C 15 33.17 9.38 24.99
CA THR C 15 33.19 9.54 26.41
C THR C 15 34.31 10.50 26.74
N TYR C 16 34.11 11.41 27.67
CA TYR C 16 35.16 12.38 27.94
C TYR C 16 35.79 12.04 29.28
N THR C 17 36.91 12.71 29.56
CA THR C 17 37.65 12.56 30.79
C THR C 17 37.45 13.81 31.62
N ILE C 18 37.39 13.62 32.93
CA ILE C 18 37.47 14.71 33.90
C ILE C 18 38.68 14.40 34.75
N THR C 19 39.67 15.28 34.71
CA THR C 19 40.95 15.00 35.34
C THR C 19 41.06 15.56 36.75
N ASN C 20 40.26 16.57 37.07
CA ASN C 20 40.54 17.38 38.24
C ASN C 20 39.43 18.41 38.48
N PHE C 21 39.24 18.85 39.73
CA PHE C 21 38.18 19.82 40.05
C PHE C 21 38.40 20.57 41.33
N ALA C 22 37.61 21.63 41.54
CA ALA C 22 37.62 22.38 42.80
C ALA C 22 36.25 23.01 43.11
N VAL C 23 36.00 23.25 44.39
CA VAL C 23 34.73 23.79 44.85
C VAL C 23 35.01 25.07 45.60
N SER C 24 34.27 26.13 45.29
CA SER C 24 34.43 27.39 45.99
C SER C 24 34.19 27.20 47.50
N SER C 25 34.73 28.10 48.32
CA SER C 25 34.61 28.01 49.79
C SER C 25 33.15 27.93 50.27
N ASP C 26 32.27 28.72 49.64
CA ASP C 26 30.82 28.74 49.96
C ASP C 26 29.98 27.67 49.21
N GLU C 27 30.64 26.74 48.53
CA GLU C 27 29.97 25.68 47.75
C GLU C 27 28.93 26.14 46.70
N LYS C 28 29.10 27.34 46.18
CA LYS C 28 28.19 27.89 45.17
C LYS C 28 28.73 27.75 43.76
N ARG C 29 29.99 27.33 43.64
CA ARG C 29 30.51 26.97 42.34
C ARG C 29 31.46 25.77 42.42
N LEU C 30 31.33 24.88 41.45
CA LEU C 30 32.25 23.78 41.27
C LEU C 30 32.82 23.91 39.87
N VAL C 31 34.15 23.99 39.76
CA VAL C 31 34.80 24.04 38.46
C VAL C 31 35.61 22.78 38.24
N PHE C 32 35.55 22.25 37.02
CA PHE C 32 36.27 21.04 36.70
C PHE C 32 36.85 21.03 35.29
N ASN C 33 37.93 20.28 35.12
CA ASN C 33 38.62 20.19 33.85
C ASN C 33 38.19 18.94 33.10
N ALA C 34 37.80 19.12 31.84
CA ALA C 34 37.22 18.05 31.02
C ALA C 34 37.34 18.37 29.55
N ASN C 35 37.29 17.33 28.72
CA ASN C 35 37.39 17.49 27.27
C ASN C 35 36.09 17.16 26.60
N LEU C 36 35.02 17.47 27.34
CA LEU C 36 33.64 17.42 26.89
C LEU C 36 33.39 18.11 25.55
N ASN C 37 34.13 19.15 25.22
CA ASN C 37 33.99 19.70 23.87
C ASN C 37 35.09 19.32 22.91
N GLY C 38 35.87 18.30 23.24
CA GLY C 38 36.88 17.77 22.33
C GLY C 38 38.29 18.13 22.75
N LYS C 39 38.42 19.09 23.64
CA LYS C 39 39.72 19.51 24.18
C LYS C 39 39.55 19.89 25.66
N MET C 40 40.64 19.86 26.41
CA MET C 40 40.60 20.19 27.82
C MET C 40 40.29 21.66 28.07
N ASN C 41 39.27 21.88 28.89
CA ASN C 41 38.87 23.21 29.31
C ASN C 41 38.16 23.12 30.65
N LEU C 42 38.10 24.24 31.35
CA LEU C 42 37.40 24.34 32.61
C LEU C 42 35.93 24.59 32.36
N TRP C 43 35.11 23.77 33.01
CA TRP C 43 33.66 23.89 33.02
C TRP C 43 33.21 24.15 34.44
N ALA C 44 32.00 24.64 34.61
CA ALA C 44 31.50 25.03 35.92
C ALA C 44 30.01 24.78 36.10
N MET C 45 29.61 24.50 37.34
CA MET C 45 28.20 24.34 37.75
C MET C 45 27.90 25.25 38.93
N ASP C 46 26.79 25.95 38.86
CA ASP C 46 26.31 26.78 39.97
C ASP C 46 25.44 25.92 40.87
N LEU C 47 26.08 25.19 41.76
CA LEU C 47 25.36 24.24 42.61
C LEU C 47 24.25 24.94 43.41
N PRO C 48 23.11 24.27 43.61
CA PRO C 48 22.79 22.88 43.26
C PRO C 48 22.41 22.61 41.79
N ASP C 49 22.37 23.63 40.94
CA ASP C 49 22.20 23.42 39.48
C ASP C 49 23.40 22.64 38.91
N THR C 50 23.18 21.52 38.20
CA THR C 50 24.30 20.77 37.64
C THR C 50 24.47 20.96 36.12
N TYR C 51 23.65 21.77 35.47
CA TYR C 51 23.91 22.01 34.04
C TYR C 51 25.17 22.83 33.92
N PRO C 52 26.23 22.24 33.34
CA PRO C 52 27.51 22.88 33.30
C PRO C 52 27.63 23.93 32.19
N TYR C 53 28.50 24.91 32.41
CA TYR C 53 28.82 25.92 31.41
C TYR C 53 30.33 26.15 31.37
N LEU C 54 30.82 26.63 30.23
CA LEU C 54 32.23 26.83 30.04
C LEU C 54 32.70 27.92 30.98
N PHE C 55 33.80 27.67 31.67
CA PHE C 55 34.34 28.58 32.67
C PHE C 55 35.59 29.26 32.18
N ALA C 56 36.43 28.53 31.46
CA ALA C 56 37.59 29.13 30.86
C ALA C 56 37.96 28.40 29.62
N HIS C 57 38.33 29.15 28.58
CA HIS C 57 38.80 28.56 27.33
C HIS C 57 40.30 28.62 27.21
N ARG C 58 40.91 27.48 26.88
CA ARG C 58 42.36 27.43 26.72
C ARG C 58 42.83 26.25 25.85
N ASP C 59 42.06 25.16 25.79
CA ASP C 59 42.42 23.95 25.02
C ASP C 59 43.72 23.26 25.48
N GLU C 60 44.09 23.43 26.74
CA GLU C 60 45.31 22.87 27.27
C GLU C 60 45.04 22.05 28.52
N SER C 61 45.92 21.11 28.81
CA SER C 61 45.86 20.35 30.06
C SER C 61 46.04 21.29 31.24
N CYS C 62 45.38 20.95 32.33
CA CYS C 62 45.36 21.75 33.53
C CYS C 62 45.88 20.95 34.70
N ASN C 63 46.88 21.44 35.43
CA ASN C 63 47.44 20.63 36.54
C ASN C 63 46.88 20.98 37.93
N PHE C 64 46.32 22.17 38.12
CA PHE C 64 45.62 22.46 39.36
C PHE C 64 44.59 23.53 39.14
N ILE C 65 43.64 23.61 40.08
CA ILE C 65 42.60 24.65 40.11
C ILE C 65 42.47 25.13 41.57
N LYS C 66 42.34 26.44 41.77
CA LYS C 66 42.27 27.01 43.12
C LYS C 66 41.39 28.24 43.18
N PHE C 67 40.34 28.19 43.99
CA PHE C 67 39.51 29.37 44.20
C PHE C 67 40.19 30.31 45.21
N ASP C 68 40.09 31.61 44.97
CA ASP C 68 40.27 32.64 45.99
C ASP C 68 39.21 32.47 47.08
N PRO C 69 39.62 32.46 48.36
CA PRO C 69 38.64 32.46 49.47
C PRO C 69 37.62 33.62 49.44
N GLU C 70 38.03 34.82 49.03
CA GLU C 70 37.08 35.94 48.95
C GLU C 70 36.45 36.11 47.56
N ASN C 71 36.57 35.08 46.72
CA ASN C 71 35.85 34.97 45.43
C ASN C 71 36.08 36.11 44.43
N ARG C 72 37.32 36.55 44.33
CA ARG C 72 37.73 37.59 43.37
C ARG C 72 38.45 37.00 42.14
N TYR C 73 38.81 35.72 42.20
CA TYR C 73 39.54 35.07 41.12
C TYR C 73 39.60 33.56 41.33
N VAL C 74 40.03 32.87 40.27
CA VAL C 74 40.36 31.46 40.34
C VAL C 74 41.70 31.31 39.68
N LEU C 75 42.57 30.55 40.32
CA LEU C 75 43.86 30.23 39.75
C LEU C 75 43.80 28.87 39.10
N ALA C 76 44.54 28.74 38.01
CA ALA C 76 44.65 27.48 37.32
C ALA C 76 45.99 27.41 36.64
N GLY C 77 46.49 26.18 36.49
CA GLY C 77 47.74 25.95 35.80
C GLY C 77 47.71 25.14 34.51
N PHE C 78 48.21 25.73 33.43
CA PHE C 78 48.13 25.17 32.08
C PHE C 78 49.51 25.01 31.49
N ASP C 79 49.67 23.99 30.64
CA ASP C 79 50.88 23.83 29.84
C ASP C 79 50.57 24.09 28.35
N LYS C 80 51.45 23.62 27.45
CA LYS C 80 51.28 23.74 25.98
C LYS C 80 51.37 22.39 25.25
N ASP C 81 50.26 21.91 24.72
CA ASP C 81 50.25 20.66 23.95
C ASP C 81 50.92 19.45 24.67
N GLY C 82 50.76 19.36 25.99
CA GLY C 82 51.33 18.26 26.77
C GLY C 82 52.84 18.37 26.92
N ASP C 83 53.37 19.58 26.73
CA ASP C 83 54.63 20.12 27.25
C ASP C 83 55.03 19.62 28.66
N GLU C 84 54.02 19.72 29.56
CA GLU C 84 54.16 19.70 31.03
C GLU C 84 54.95 20.90 31.63
N ASN C 85 55.23 21.92 30.83
CA ASN C 85 55.68 23.21 31.37
C ASN C 85 54.50 24.04 31.91
N TYR C 86 53.92 23.57 33.01
CA TYR C 86 52.78 24.23 33.62
C TYR C 86 53.22 25.55 34.21
N GLN C 87 52.37 26.57 34.06
CA GLN C 87 52.60 27.88 34.66
C GLN C 87 51.30 28.37 35.23
N ILE C 88 51.30 29.52 35.90
CA ILE C 88 50.15 29.88 36.72
C ILE C 88 49.38 31.06 36.11
N TYR C 89 48.07 30.87 35.95
CA TYR C 89 47.19 31.82 35.31
C TYR C 89 46.06 32.17 36.27
N ALA C 90 45.43 33.33 36.07
CA ALA C 90 44.28 33.73 36.91
C ALA C 90 43.07 33.93 36.03
N ILE C 91 41.90 33.59 36.57
CA ILE C 91 40.67 33.69 35.82
C ILE C 91 39.70 34.51 36.66
N PRO C 92 38.86 35.33 36.03
CA PRO C 92 37.94 36.07 36.88
C PRO C 92 37.02 35.12 37.60
N ASN C 93 36.43 35.57 38.70
CA ASN C 93 35.52 34.71 39.46
C ASN C 93 34.38 34.12 38.63
N GLU C 94 33.88 34.88 37.66
CA GLU C 94 32.75 34.45 36.83
C GLU C 94 33.20 33.61 35.64
N GLY C 95 34.51 33.46 35.42
CA GLY C 95 35.04 32.80 34.24
C GLY C 95 35.51 33.80 33.20
N GLY C 96 36.06 33.30 32.10
CA GLY C 96 36.61 34.15 31.07
C GLY C 96 37.88 33.57 30.51
N LEU C 97 38.80 34.44 30.09
CA LEU C 97 40.05 34.02 29.49
C LEU C 97 41.17 34.04 30.52
N PRO C 98 41.95 32.93 30.64
CA PRO C 98 43.05 32.94 31.62
C PRO C 98 44.08 34.02 31.34
N HIS C 99 44.60 34.60 32.41
CA HIS C 99 45.48 35.74 32.33
C HIS C 99 46.84 35.32 32.91
N PRO C 100 47.93 35.56 32.18
CA PRO C 100 49.25 35.19 32.72
C PRO C 100 49.50 35.86 34.07
N LEU C 101 49.80 35.06 35.10
CA LEU C 101 50.01 35.60 36.44
C LEU C 101 51.43 35.41 36.95
N ILE C 102 51.86 34.14 37.02
CA ILE C 102 53.20 33.77 37.45
C ILE C 102 53.71 32.85 36.36
N THR C 103 54.39 33.43 35.39
CA THR C 103 54.77 32.74 34.16
C THR C 103 56.15 33.19 33.75
N GLY C 104 56.65 32.62 32.66
CA GLY C 104 57.93 33.01 32.10
C GLY C 104 58.20 32.35 30.77
N ASP C 105 59.44 31.91 30.58
CA ASP C 105 59.86 31.32 29.32
C ASP C 105 59.18 29.96 29.12
N ALA C 106 58.97 29.60 27.86
CA ALA C 106 58.22 28.39 27.50
C ALA C 106 58.77 27.06 28.05
N SER C 107 60.03 27.05 28.46
CA SER C 107 60.66 25.83 28.99
C SER C 107 60.59 25.78 30.53
N GLU C 108 60.17 26.87 31.15
CA GLU C 108 60.13 26.97 32.60
C GLU C 108 58.85 26.38 33.19
N LYS C 109 58.94 25.86 34.39
CA LYS C 109 57.83 25.29 35.12
C LYS C 109 57.57 26.17 36.33
N TYR C 110 56.30 26.48 36.58
CA TYR C 110 55.86 27.17 37.81
C TYR C 110 54.71 26.37 38.45
N TYR C 111 55.00 25.66 39.53
CA TYR C 111 54.02 24.82 40.23
C TYR C 111 53.42 25.52 41.44
N PHE C 112 52.10 25.66 41.49
CA PHE C 112 51.42 26.21 42.68
C PHE C 112 51.63 25.33 43.91
N SER C 113 51.79 25.94 45.09
CA SER C 113 51.98 25.20 46.36
C SER C 113 50.91 25.50 47.39
N HIS C 114 50.68 26.78 47.61
CA HIS C 114 49.75 27.20 48.64
C HIS C 114 49.26 28.62 48.35
N LEU C 115 48.02 28.89 48.71
CA LEU C 115 47.48 30.24 48.67
C LEU C 115 47.18 30.69 50.11
N SER C 116 47.52 31.93 50.44
CA SER C 116 47.30 32.42 51.79
C SER C 116 45.80 32.51 52.04
N ALA C 117 45.42 32.39 53.30
CA ALA C 117 44.00 32.36 53.69
C ALA C 117 43.23 33.66 53.39
N ASP C 118 43.95 34.76 53.21
CA ASP C 118 43.34 36.04 52.78
C ASP C 118 43.36 36.23 51.28
N GLY C 119 43.94 35.27 50.56
CA GLY C 119 44.02 35.30 49.10
C GLY C 119 45.04 36.28 48.54
N LYS C 120 46.04 36.61 49.35
CA LYS C 120 46.97 37.68 49.03
C LYS C 120 48.26 37.11 48.45
N CYS C 121 48.69 35.97 48.97
CA CYS C 121 50.02 35.47 48.71
C CYS C 121 49.97 34.08 48.09
N VAL C 122 50.71 33.92 47.00
CA VAL C 122 50.77 32.67 46.28
C VAL C 122 52.17 32.08 46.43
N TYR C 123 52.27 30.91 47.05
CA TYR C 123 53.53 30.21 47.19
C TYR C 123 53.65 29.26 46.00
N TYR C 124 54.84 29.11 45.44
CA TYR C 124 55.01 28.24 44.29
C TYR C 124 56.42 27.76 44.13
N GLU C 125 56.62 26.76 43.29
CA GLU C 125 57.94 26.28 42.95
C GLU C 125 58.27 26.65 41.52
N THR C 126 59.51 27.01 41.26
CA THR C 126 59.95 27.21 39.88
C THR C 126 61.24 26.51 39.57
N SER C 127 61.39 26.12 38.31
CA SER C 127 62.58 25.51 37.82
C SER C 127 63.58 26.57 37.41
N LYS C 128 63.09 27.80 37.24
CA LYS C 128 63.88 28.84 36.60
C LYS C 128 65.37 28.81 36.97
N GLU C 129 65.68 29.08 38.24
CA GLU C 129 67.09 29.16 38.66
C GLU C 129 67.62 27.85 39.22
N ASN C 130 66.75 26.85 39.31
CA ASN C 130 67.13 25.60 39.92
C ASN C 130 66.35 24.45 39.27
N PRO C 131 66.75 24.10 38.05
CA PRO C 131 66.04 23.07 37.31
C PRO C 131 66.07 21.68 37.95
N SER C 132 67.14 21.36 38.66
CA SER C 132 67.29 20.02 39.22
C SER C 132 66.46 19.83 40.49
N PHE C 133 66.45 20.84 41.35
CA PHE C 133 65.86 20.66 42.67
C PHE C 133 64.67 21.58 42.94
N LEU C 134 64.59 22.67 42.18
CA LEU C 134 63.53 23.71 42.26
C LEU C 134 63.74 24.61 43.45
N ASN C 135 63.23 25.83 43.34
CA ASN C 135 63.19 26.77 44.43
C ASN C 135 61.74 27.14 44.70
N THR C 136 61.49 27.58 45.92
CA THR C 136 60.18 27.92 46.37
C THR C 136 60.20 29.42 46.56
N ARG C 137 59.18 30.09 46.03
CA ARG C 137 59.12 31.53 46.09
C ARG C 137 57.74 31.90 46.56
N ILE C 138 57.53 33.20 46.74
CA ILE C 138 56.23 33.70 47.11
C ILE C 138 55.96 34.98 46.36
N ARG C 139 54.72 35.15 45.97
CA ARG C 139 54.28 36.29 45.19
C ARG C 139 53.19 36.96 45.97
N ASN C 140 53.32 38.26 46.16
CA ASN C 140 52.26 39.06 46.77
C ASN C 140 51.44 39.69 45.66
N LEU C 141 50.16 39.35 45.62
CA LEU C 141 49.26 39.80 44.54
C LEU C 141 48.81 41.27 44.69
N GLU C 142 48.84 41.80 45.91
CA GLU C 142 48.47 43.21 46.14
C GLU C 142 49.56 44.16 45.65
N THR C 143 50.82 43.80 45.88
CA THR C 143 51.95 44.69 45.59
C THR C 143 52.72 44.35 44.31
N GLY C 144 52.64 43.10 43.89
CA GLY C 144 53.44 42.59 42.78
C GLY C 144 54.78 42.01 43.21
N GLU C 145 55.06 42.04 44.52
CA GLU C 145 56.36 41.63 45.07
C GLU C 145 56.58 40.12 44.98
N ASP C 146 57.83 39.73 44.73
CA ASP C 146 58.17 38.34 44.54
C ASP C 146 59.48 38.00 45.23
N ARG C 147 59.40 37.26 46.33
CA ARG C 147 60.57 36.91 47.14
C ARG C 147 60.94 35.46 46.95
N LEU C 148 62.17 35.15 47.28
CA LEU C 148 62.70 33.80 47.29
C LEU C 148 62.51 33.28 48.70
N LEU C 149 62.12 32.02 48.82
CA LEU C 149 61.78 31.46 50.12
C LEU C 149 62.65 30.27 50.48
N ASN C 150 62.96 29.40 49.54
CA ASN C 150 63.81 28.26 49.82
C ASN C 150 64.51 27.78 48.56
N VAL C 151 65.69 27.24 48.73
CA VAL C 151 66.53 26.82 47.63
C VAL C 151 66.63 25.32 47.72
N GLY C 152 66.27 24.65 46.63
CA GLY C 152 66.35 23.21 46.58
C GLY C 152 67.78 22.75 46.63
N GLU C 153 68.05 21.79 47.51
CA GLU C 153 69.39 21.23 47.68
C GLU C 153 69.26 19.75 47.78
N VAL C 154 70.37 19.06 47.50
CA VAL C 154 70.50 17.63 47.69
C VAL C 154 69.63 16.84 46.71
N SER C 155 68.32 17.05 46.81
CA SER C 155 67.37 16.47 45.88
C SER C 155 66.15 17.36 45.70
N THR C 156 65.26 16.94 44.82
CA THR C 156 64.16 17.79 44.40
C THR C 156 63.13 17.98 45.53
N THR C 157 62.83 19.24 45.81
CA THR C 157 62.22 19.67 47.06
C THR C 157 61.05 20.62 46.80
N GLU C 158 59.89 20.31 47.37
CA GLU C 158 58.69 21.15 47.26
C GLU C 158 58.13 21.51 48.62
N LEU C 159 57.42 22.62 48.65
CA LEU C 159 56.67 23.06 49.80
C LEU C 159 55.30 22.36 49.80
N ALA C 160 55.06 21.53 50.81
CA ALA C 160 53.84 20.72 50.87
C ALA C 160 52.77 21.28 51.80
N ALA C 161 53.14 22.10 52.79
CA ALA C 161 52.12 22.71 53.65
C ALA C 161 52.62 23.98 54.34
N VAL C 162 51.67 24.86 54.64
CA VAL C 162 51.94 26.16 55.24
C VAL C 162 50.96 26.41 56.37
N SER C 163 51.46 26.80 57.54
CA SER C 163 50.61 27.03 58.70
C SER C 163 49.71 28.22 58.49
N GLU C 164 48.62 28.25 59.24
CA GLU C 164 47.66 29.34 59.19
C GLU C 164 48.34 30.71 59.36
N ASN C 165 49.23 30.83 60.33
CA ASN C 165 49.91 32.11 60.62
C ASN C 165 51.13 32.40 59.72
N GLU C 166 51.39 31.51 58.77
CA GLU C 166 52.48 31.67 57.78
C GLU C 166 53.88 31.77 58.40
N GLU C 167 54.08 31.13 59.55
CA GLU C 167 55.40 31.13 60.18
C GLU C 167 56.10 29.79 60.14
N SER C 168 55.34 28.70 59.94
CA SER C 168 55.90 27.37 59.78
C SER C 168 55.49 26.73 58.43
N PHE C 169 56.40 25.93 57.89
CA PHE C 169 56.33 25.42 56.52
C PHE C 169 56.82 24.00 56.49
N VAL C 170 56.09 23.08 55.87
CA VAL C 170 56.59 21.72 55.68
C VAL C 170 57.06 21.48 54.23
N TYR C 171 58.32 21.10 54.07
CA TYR C 171 58.89 20.73 52.76
C TYR C 171 58.99 19.23 52.62
N LEU C 172 58.84 18.75 51.39
CA LEU C 172 59.08 17.34 51.11
C LEU C 172 60.21 17.22 50.11
N ARG C 173 61.12 16.30 50.39
CA ARG C 173 62.25 16.05 49.52
C ARG C 173 62.26 14.62 49.07
N ALA C 174 62.25 14.41 47.77
CA ALA C 174 62.08 13.09 47.22
C ALA C 174 63.38 12.60 46.65
N PHE C 175 63.84 11.45 47.13
CA PHE C 175 65.03 10.78 46.61
C PHE C 175 64.65 9.60 45.73
N ALA C 176 63.41 9.15 45.85
CA ALA C 176 62.87 8.03 45.09
C ALA C 176 61.34 8.13 45.21
N ASN C 177 60.58 7.30 44.50
CA ASN C 177 59.12 7.35 44.66
C ASN C 177 58.74 6.77 46.03
N THR C 178 59.60 5.91 46.57
CA THR C 178 59.38 5.25 47.86
C THR C 178 60.23 5.83 49.02
N TYR C 179 60.81 7.01 48.80
CA TYR C 179 61.74 7.61 49.76
C TYR C 179 61.61 9.11 49.66
N ILE C 180 60.79 9.67 50.55
CA ILE C 180 60.47 11.08 50.50
C ILE C 180 60.49 11.60 51.92
N VAL C 181 61.43 12.50 52.19
CA VAL C 181 61.73 12.94 53.53
C VAL C 181 61.11 14.28 53.77
N GLY C 182 60.44 14.42 54.92
CA GLY C 182 59.77 15.65 55.26
C GLY C 182 60.58 16.39 56.29
N PHE C 183 60.61 17.71 56.19
CA PHE C 183 61.18 18.56 57.22
C PHE C 183 60.39 19.85 57.38
N VAL C 184 60.50 20.46 58.56
CA VAL C 184 59.79 21.68 58.89
C VAL C 184 60.71 22.87 59.07
N LYS C 185 60.39 23.98 58.44
CA LYS C 185 61.17 25.19 58.58
C LYS C 185 60.39 26.18 59.43
N MET C 186 61.00 26.64 60.52
CA MET C 186 60.46 27.72 61.35
C MET C 186 61.62 28.56 61.80
N GLY C 187 61.45 29.87 61.73
CA GLY C 187 62.61 30.77 61.81
C GLY C 187 63.51 30.41 60.63
N GLU C 188 64.79 30.22 60.88
CA GLU C 188 65.72 29.77 59.84
C GLU C 188 66.16 28.31 60.08
N GLU C 189 65.56 27.66 61.08
CA GLU C 189 65.97 26.33 61.50
C GLU C 189 65.01 25.26 60.96
N THR C 190 65.54 24.06 60.74
CA THR C 190 64.77 22.97 60.15
C THR C 190 64.88 21.69 60.95
N PHE C 191 63.75 20.98 61.04
CA PHE C 191 63.70 19.74 61.79
C PHE C 191 63.06 18.64 60.97
N ASN C 192 63.52 17.43 61.19
CA ASN C 192 62.90 16.27 60.60
C ASN C 192 61.54 16.01 61.26
N ILE C 193 60.58 15.51 60.48
CA ILE C 193 59.25 15.22 60.99
C ILE C 193 59.11 13.74 61.31
N THR C 194 60.07 12.94 60.86
CA THR C 194 60.22 11.57 61.34
C THR C 194 61.52 11.48 62.16
N PRO C 195 61.61 10.48 63.04
CA PRO C 195 62.78 10.37 63.91
C PRO C 195 64.10 10.21 63.17
N ASP C 196 64.15 9.35 62.16
CA ASP C 196 65.40 9.04 61.47
C ASP C 196 65.24 9.15 59.96
N PRO C 197 65.72 10.24 59.34
CA PRO C 197 65.60 10.33 57.88
C PRO C 197 66.59 9.48 57.06
N GLU C 198 67.32 8.60 57.72
CA GLU C 198 68.25 7.68 57.05
C GLU C 198 67.52 6.38 56.73
N LYS C 199 66.40 6.15 57.39
CA LYS C 199 65.52 5.04 57.03
C LYS C 199 64.75 5.36 55.74
N VAL C 200 64.76 4.43 54.80
CA VAL C 200 63.97 4.58 53.58
C VAL C 200 62.50 4.55 53.98
N HIS C 201 61.82 5.66 53.68
CA HIS C 201 60.41 5.76 53.93
C HIS C 201 59.85 6.96 53.18
N VAL C 202 58.52 7.04 53.16
CA VAL C 202 57.81 8.16 52.54
C VAL C 202 57.00 8.90 53.59
N ALA C 203 57.07 10.22 53.55
CA ALA C 203 56.12 11.09 54.20
C ALA C 203 55.34 11.86 53.12
N MET C 204 54.09 12.18 53.40
CA MET C 204 53.13 12.57 52.38
C MET C 204 51.95 13.30 52.99
N GLU C 205 51.34 14.20 52.22
CA GLU C 205 50.06 14.80 52.56
C GLU C 205 50.08 15.40 53.95
N PRO C 206 51.05 16.29 54.22
CA PRO C 206 51.02 16.94 55.54
C PRO C 206 49.95 18.04 55.60
N VAL C 207 49.34 18.20 56.77
CA VAL C 207 48.37 19.25 57.01
C VAL C 207 48.61 19.87 58.38
N PHE C 208 48.65 21.20 58.45
CA PHE C 208 48.60 21.90 59.74
C PHE C 208 47.18 21.88 60.31
N THR C 209 47.02 21.29 61.51
CA THR C 209 45.79 21.44 62.32
C THR C 209 45.91 22.65 63.26
N ASP C 210 47.13 22.95 63.72
CA ASP C 210 47.48 24.15 64.50
C ASP C 210 48.73 24.74 63.89
N ASN C 211 49.11 25.92 64.35
CA ASN C 211 50.41 26.46 64.01
C ASN C 211 51.56 25.70 64.65
N GLU C 212 51.24 24.82 65.59
CA GLU C 212 52.22 24.01 66.29
C GLU C 212 52.14 22.52 65.95
N THR C 213 51.19 22.12 65.09
CA THR C 213 50.87 20.70 64.91
C THR C 213 50.60 20.35 63.45
N ILE C 214 51.17 19.23 62.99
CA ILE C 214 50.81 18.68 61.68
C ILE C 214 50.40 17.23 61.80
N TYR C 215 49.55 16.76 60.89
CA TYR C 215 49.40 15.31 60.68
C TYR C 215 49.84 14.97 59.25
N PHE C 216 50.26 13.74 59.06
CA PHE C 216 50.66 13.30 57.75
C PHE C 216 50.59 11.79 57.59
N ALA C 217 50.70 11.35 56.34
CA ALA C 217 50.77 9.95 56.03
C ALA C 217 52.22 9.64 55.89
N THR C 218 52.61 8.48 56.43
CA THR C 218 53.97 7.97 56.27
C THR C 218 53.98 6.50 56.56
N ASP C 219 55.01 5.84 56.04
CA ASP C 219 55.17 4.40 56.25
C ASP C 219 56.44 4.09 57.01
N TYR C 220 56.89 5.06 57.81
CA TYR C 220 58.09 4.91 58.65
C TYR C 220 57.98 3.68 59.57
N ASP C 221 58.96 2.80 59.50
CA ASP C 221 58.96 1.52 60.25
C ASP C 221 57.67 0.72 60.07
N SER C 222 57.20 0.66 58.82
CA SER C 222 56.00 -0.14 58.49
C SER C 222 56.00 -0.52 57.02
N ASP C 223 55.11 -1.43 56.67
CA ASP C 223 54.91 -1.83 55.27
C ASP C 223 53.66 -1.17 54.65
N GLU C 224 52.94 -0.40 55.45
CA GLU C 224 51.79 0.36 54.99
C GLU C 224 51.91 1.78 55.51
N MET C 225 51.28 2.71 54.81
CA MET C 225 51.27 4.10 55.20
C MET C 225 50.19 4.34 56.24
N TYR C 226 50.53 5.07 57.29
CA TYR C 226 49.64 5.28 58.42
C TYR C 226 49.57 6.75 58.77
N LEU C 227 48.56 7.08 59.56
CA LEU C 227 48.40 8.45 59.98
C LEU C 227 49.37 8.72 61.11
N ALA C 228 50.05 9.86 61.03
CA ALA C 228 51.07 10.25 61.99
C ALA C 228 50.94 11.71 62.32
N LYS C 229 51.51 12.09 63.44
CA LYS C 229 51.41 13.44 63.93
C LYS C 229 52.79 13.86 64.34
N PHE C 230 53.06 15.15 64.20
CA PHE C 230 54.33 15.74 64.61
C PHE C 230 54.02 17.08 65.25
N ASP C 231 54.49 17.25 66.48
CA ASP C 231 54.25 18.44 67.27
C ASP C 231 55.47 19.34 67.11
N LEU C 232 55.28 20.54 66.58
CA LEU C 232 56.40 21.43 66.27
C LEU C 232 57.08 21.99 67.53
N THR C 233 56.33 22.12 68.62
CA THR C 233 56.86 22.67 69.85
C THR C 233 57.75 21.64 70.55
N SER C 234 57.19 20.49 70.92
CA SER C 234 57.96 19.45 71.59
C SER C 234 58.78 18.56 70.66
N LYS C 235 58.67 18.78 69.34
CA LYS C 235 59.33 17.93 68.35
C LYS C 235 59.08 16.44 68.57
N GLU C 236 57.81 16.11 68.81
CA GLU C 236 57.38 14.75 69.10
C GLU C 236 56.72 14.17 67.86
N PHE C 237 57.23 13.02 67.43
CA PHE C 237 56.59 12.23 66.39
C PHE C 237 55.75 11.09 67.02
N SER C 238 54.49 10.99 66.60
CA SER C 238 53.58 9.94 67.11
C SER C 238 52.95 9.10 65.98
N LYS C 239 52.85 7.78 66.19
CA LYS C 239 52.03 6.94 65.31
C LYS C 239 50.60 6.95 65.84
N VAL C 240 49.68 7.45 65.02
CA VAL C 240 48.36 7.79 65.48
C VAL C 240 47.35 6.71 65.07
N LEU C 241 47.28 6.41 63.77
CA LEU C 241 46.27 5.49 63.24
C LEU C 241 46.77 4.72 62.01
N ALA C 242 46.64 3.41 62.06
CA ALA C 242 47.06 2.52 60.97
C ALA C 242 45.90 1.61 60.59
N PHE C 243 45.88 1.18 59.33
CA PHE C 243 44.87 0.27 58.84
C PHE C 243 45.58 -0.99 58.39
N ASP C 244 45.17 -2.13 58.93
CA ASP C 244 45.79 -3.41 58.58
C ASP C 244 45.66 -3.69 57.07
N GLY C 245 46.79 -3.92 56.41
CA GLY C 245 46.81 -4.26 54.97
C GLY C 245 46.36 -3.17 54.01
N GLU C 246 46.39 -1.92 54.45
CA GLU C 246 45.98 -0.78 53.63
C GLU C 246 46.92 0.40 53.87
N SER C 247 47.28 1.09 52.80
CA SER C 247 48.10 2.29 52.92
C SER C 247 47.22 3.51 52.75
N ILE C 248 47.36 4.51 53.62
CA ILE C 248 46.73 5.79 53.39
C ILE C 248 47.43 6.46 52.22
N GLN C 249 46.66 7.06 51.30
CA GLN C 249 47.20 7.88 50.19
C GLN C 249 46.61 9.30 50.14
N SER C 250 45.60 9.57 50.95
CA SER C 250 45.07 10.91 51.02
C SER C 250 44.58 11.22 52.40
N VAL C 251 44.75 12.48 52.81
CA VAL C 251 44.46 12.93 54.17
C VAL C 251 43.79 14.27 54.12
N LYS C 252 42.57 14.38 54.64
CA LYS C 252 41.84 15.64 54.53
C LYS C 252 41.31 16.06 55.88
N TRP C 253 41.54 17.32 56.21
CA TRP C 253 41.21 17.85 57.49
C TRP C 253 39.87 18.58 57.37
N ASP C 254 38.88 18.11 58.10
CA ASP C 254 37.61 18.80 58.26
C ASP C 254 37.71 19.54 59.56
N LYS C 255 38.11 20.80 59.49
CA LYS C 255 38.49 21.58 60.66
C LYS C 255 37.35 21.77 61.67
N ASP C 256 36.18 22.19 61.19
CA ASP C 256 35.06 22.50 62.11
C ASP C 256 34.58 21.28 62.89
N ASN C 257 34.71 20.07 62.35
CA ASN C 257 34.38 18.85 63.08
C ASN C 257 35.60 18.19 63.70
N LYS C 258 36.73 18.88 63.71
CA LYS C 258 38.00 18.29 64.12
C LYS C 258 38.10 16.81 63.70
N ALA C 259 37.90 16.57 62.40
CA ALA C 259 37.84 15.21 61.86
C ALA C 259 38.66 15.05 60.58
N PHE C 260 39.10 13.83 60.33
CA PHE C 260 39.92 13.51 59.17
C PHE C 260 39.16 12.59 58.21
N TYR C 261 39.27 12.86 56.91
CA TYR C 261 38.83 11.89 55.92
C TYR C 261 40.11 11.34 55.31
N LEU C 262 40.15 10.02 55.26
CA LEU C 262 41.33 9.28 54.90
C LEU C 262 40.90 8.29 53.85
N ILE C 263 41.64 8.23 52.75
CA ILE C 263 41.39 7.27 51.70
C ILE C 263 42.55 6.32 51.72
N THR C 264 42.28 5.02 51.69
CA THR C 264 43.33 4.05 51.64
C THR C 264 43.30 3.32 50.32
N VAL C 265 44.41 2.66 50.04
CA VAL C 265 44.52 1.77 48.91
C VAL C 265 44.57 0.36 49.46
N LYS C 266 43.64 -0.47 48.96
CA LYS C 266 43.59 -1.89 49.27
C LYS C 266 43.56 -2.67 47.96
N GLY C 267 44.74 -2.96 47.43
CA GLY C 267 44.89 -3.62 46.15
C GLY C 267 44.28 -2.79 45.03
N VAL C 268 43.21 -3.30 44.42
CA VAL C 268 42.63 -2.69 43.24
C VAL C 268 41.45 -1.75 43.52
N THR C 269 41.10 -1.53 44.78
CA THR C 269 40.11 -0.48 45.14
C THR C 269 40.64 0.51 46.18
N ASP C 270 39.94 1.65 46.29
CA ASP C 270 40.16 2.62 47.33
C ASP C 270 39.05 2.49 48.38
N ILE C 271 39.35 2.82 49.64
CA ILE C 271 38.35 2.81 50.71
C ILE C 271 38.35 4.15 51.41
N LEU C 272 37.18 4.62 51.83
CA LEU C 272 37.10 5.89 52.57
C LEU C 272 36.71 5.65 54.04
N TYR C 273 37.47 6.29 54.94
CA TYR C 273 37.23 6.24 56.38
C TYR C 273 37.14 7.64 56.95
N ARG C 274 36.34 7.82 58.00
CA ARG C 274 36.30 9.06 58.75
C ARG C 274 36.94 8.77 60.09
N TYR C 275 37.82 9.65 60.56
CA TYR C 275 38.48 9.47 61.86
C TYR C 275 38.20 10.68 62.73
N ASP C 276 37.46 10.45 63.83
CA ASP C 276 37.10 11.50 64.78
C ASP C 276 38.21 11.64 65.82
N VAL C 277 38.90 12.77 65.81
CA VAL C 277 40.09 12.94 66.64
C VAL C 277 39.73 12.98 68.12
N ALA C 278 38.78 13.85 68.49
CA ALA C 278 38.31 13.96 69.89
C ALA C 278 38.01 12.60 70.56
N THR C 279 37.34 11.69 69.87
CA THR C 279 36.95 10.39 70.43
C THR C 279 37.81 9.20 69.96
N ASP C 280 38.84 9.47 69.17
CA ASP C 280 39.66 8.42 68.58
C ASP C 280 38.82 7.31 67.94
N LYS C 281 37.79 7.68 67.19
CA LYS C 281 36.95 6.67 66.51
C LYS C 281 37.03 6.71 64.97
N VAL C 282 36.96 5.51 64.39
CA VAL C 282 36.95 5.30 62.95
C VAL C 282 35.57 4.88 62.47
N GLU C 283 35.01 5.64 61.52
CA GLU C 283 33.78 5.26 60.81
C GLU C 283 34.15 4.90 59.37
N GLU C 284 33.70 3.73 58.92
CA GLU C 284 33.98 3.29 57.56
C GLU C 284 32.89 3.87 56.68
N CYS C 285 33.26 4.64 55.67
CA CYS C 285 32.31 5.20 54.73
C CYS C 285 32.17 4.29 53.52
N SER C 286 31.20 4.59 52.68
CA SER C 286 31.03 3.86 51.44
C SER C 286 31.25 4.84 50.31
N LEU C 287 31.80 4.35 49.21
CA LEU C 287 32.07 5.17 48.03
C LEU C 287 31.18 4.73 46.89
N PRO C 288 30.75 5.69 46.06
CA PRO C 288 29.95 5.32 44.90
C PRO C 288 30.79 4.79 43.75
N VAL C 289 32.11 4.86 43.87
CA VAL C 289 32.99 4.29 42.85
C VAL C 289 34.22 3.62 43.46
N ASP C 290 34.93 2.85 42.65
CA ASP C 290 36.02 2.02 43.14
C ASP C 290 37.37 2.75 43.23
N ILE C 291 37.61 3.73 42.35
CA ILE C 291 38.88 4.45 42.31
C ILE C 291 38.62 5.93 42.48
N ILE C 292 39.28 6.54 43.47
CA ILE C 292 39.17 7.97 43.67
C ILE C 292 40.35 8.68 43.04
N GLU C 293 40.05 9.77 42.34
CA GLU C 293 41.03 10.57 41.64
C GLU C 293 41.34 11.83 42.41
N GLN C 294 40.35 12.37 43.09
CA GLN C 294 40.54 13.58 43.85
C GLN C 294 39.43 13.71 44.86
N ILE C 295 39.70 14.40 45.96
CA ILE C 295 38.72 14.67 47.01
C ILE C 295 38.96 16.04 47.63
N GLN C 296 37.88 16.80 47.81
CA GLN C 296 37.91 18.06 48.57
CA GLN C 296 37.93 18.04 48.56
C GLN C 296 36.86 17.99 49.66
N VAL C 297 37.14 18.62 50.81
CA VAL C 297 36.19 18.74 51.89
C VAL C 297 35.88 20.21 52.02
N ALA C 298 34.61 20.55 51.89
CA ALA C 298 34.18 21.92 52.04
C ALA C 298 34.16 22.22 53.51
N LYS C 299 34.13 23.50 53.85
CA LYS C 299 34.19 23.90 55.25
C LYS C 299 32.94 23.43 56.00
N SER C 300 31.79 23.46 55.33
CA SER C 300 30.55 22.90 55.86
C SER C 300 30.63 21.42 56.24
N GLY C 301 31.69 20.73 55.82
CA GLY C 301 31.88 19.30 56.10
C GLY C 301 31.49 18.42 54.93
N ASN C 302 30.83 19.00 53.94
CA ASN C 302 30.45 18.26 52.74
C ASN C 302 31.65 17.73 51.97
N LEU C 303 31.43 16.61 51.31
CA LEU C 303 32.48 15.82 50.70
C LEU C 303 32.29 15.81 49.20
N TYR C 304 33.35 16.07 48.46
CA TYR C 304 33.29 16.01 47.01
C TYR C 304 34.37 15.10 46.52
N ILE C 305 34.01 14.13 45.69
CA ILE C 305 35.02 13.26 45.08
C ILE C 305 34.92 13.24 43.56
N LEU C 306 36.01 12.86 42.94
CA LEU C 306 36.04 12.57 41.53
C LEU C 306 36.63 11.18 41.41
N GLY C 307 36.01 10.34 40.59
CA GLY C 307 36.47 8.99 40.43
C GLY C 307 35.69 8.16 39.41
N ARG C 308 35.99 6.87 39.38
CA ARG C 308 35.50 5.98 38.34
C ARG C 308 35.50 4.52 38.83
N SER C 309 34.96 3.65 37.99
CA SER C 309 35.03 2.19 38.21
C SER C 309 35.22 1.58 36.86
N ALA C 310 35.50 0.29 36.83
CA ALA C 310 35.72 -0.40 35.57
C ALA C 310 34.64 -0.09 34.54
N THR C 311 33.40 0.05 35.03
CA THR C 311 32.24 0.25 34.18
C THR C 311 31.55 1.60 34.38
N VAL C 312 32.16 2.53 35.13
CA VAL C 312 31.59 3.87 35.30
C VAL C 312 32.69 4.89 35.02
N PRO C 313 32.51 5.73 33.99
CA PRO C 313 33.53 6.73 33.66
C PRO C 313 33.73 7.75 34.76
N HIS C 314 34.78 8.56 34.60
CA HIS C 314 35.08 9.66 35.52
C HIS C 314 33.83 10.50 35.78
N ASN C 315 33.49 10.65 37.05
CA ASN C 315 32.35 11.48 37.45
C ASN C 315 32.61 12.10 38.82
N VAL C 316 31.82 13.12 39.15
CA VAL C 316 31.97 13.88 40.38
C VAL C 316 30.75 13.66 41.27
N TYR C 317 30.97 13.23 42.51
CA TYR C 317 29.87 12.95 43.45
C TYR C 317 29.97 13.85 44.67
N GLN C 318 28.87 14.01 45.38
CA GLN C 318 28.79 14.88 46.56
C GLN C 318 28.00 14.20 47.70
N SER C 319 28.44 14.42 48.94
CA SER C 319 27.82 13.81 50.12
C SER C 319 27.83 14.71 51.33
N SER C 320 26.70 14.76 52.05
CA SER C 320 26.59 15.36 53.40
C SER C 320 27.45 14.65 54.47
N ASN C 321 27.68 13.35 54.30
CA ASN C 321 28.23 12.50 55.37
C ASN C 321 28.97 11.20 54.95
N GLY C 322 29.40 11.11 53.69
CA GLY C 322 30.12 9.94 53.20
C GLY C 322 29.37 8.62 53.04
N VAL C 323 28.04 8.61 53.14
CA VAL C 323 27.29 7.35 52.98
C VAL C 323 26.35 7.33 51.76
N GLU C 324 25.53 8.38 51.62
CA GLU C 324 24.60 8.53 50.49
C GLU C 324 25.17 9.59 49.55
N TRP C 325 25.49 9.20 48.32
CA TRP C 325 26.15 10.11 47.37
C TRP C 325 25.23 10.63 46.29
N LYS C 326 25.34 11.92 45.98
CA LYS C 326 24.66 12.50 44.83
C LYS C 326 25.66 12.66 43.68
N GLN C 327 25.41 11.99 42.57
CA GLN C 327 26.22 12.09 41.37
C GLN C 327 25.92 13.42 40.66
N LEU C 328 26.90 14.32 40.64
CA LEU C 328 26.68 15.68 40.11
C LEU C 328 26.79 15.71 38.60
N THR C 329 27.81 15.05 38.05
CA THR C 329 27.99 15.00 36.60
C THR C 329 27.37 13.73 36.07
N ASN C 330 27.16 13.71 34.76
CA ASN C 330 26.66 12.54 34.04
C ASN C 330 27.48 12.08 32.85
N ASN C 331 28.76 11.83 33.10
CA ASN C 331 29.66 11.34 32.07
C ASN C 331 29.35 9.85 31.87
N ARG C 332 28.82 9.51 30.70
CA ARG C 332 28.30 8.17 30.39
C ARG C 332 28.96 7.60 29.15
N VAL C 333 28.75 6.33 28.88
CA VAL C 333 29.10 5.78 27.57
C VAL C 333 27.83 5.75 26.72
N LEU C 334 27.96 6.29 25.51
CA LEU C 334 26.86 6.57 24.62
C LEU C 334 25.90 5.38 24.47
N GLY C 335 24.68 5.60 24.95
CA GLY C 335 23.64 4.61 24.88
C GLY C 335 23.78 3.41 25.80
N LEU C 336 24.83 3.34 26.62
CA LEU C 336 25.07 2.17 27.47
C LEU C 336 24.97 2.46 28.96
N SER C 337 24.84 1.36 29.71
CA SER C 337 24.87 1.37 31.16
C SER C 337 25.97 0.41 31.62
N PRO C 338 26.37 0.51 32.90
CA PRO C 338 27.35 -0.38 33.52
C PRO C 338 27.17 -1.85 33.14
N GLU C 339 25.92 -2.28 33.06
CA GLU C 339 25.60 -3.69 32.83
C GLU C 339 25.93 -4.11 31.41
N ASP C 340 26.06 -3.13 30.52
CA ASP C 340 26.44 -3.43 29.13
C ASP C 340 27.95 -3.57 28.98
N MET C 341 28.67 -3.38 30.08
CA MET C 341 30.13 -3.44 30.10
C MET C 341 30.65 -4.50 31.07
N VAL C 342 31.94 -4.83 30.97
CA VAL C 342 32.52 -5.93 31.77
C VAL C 342 33.29 -5.51 33.03
N GLU C 343 32.90 -6.07 34.18
CA GLU C 343 33.68 -5.96 35.41
C GLU C 343 34.77 -7.02 35.38
N PRO C 344 36.00 -6.66 35.78
CA PRO C 344 37.07 -7.64 35.78
C PRO C 344 36.93 -8.58 36.95
N ASP C 345 37.28 -9.85 36.72
CA ASP C 345 37.47 -10.77 37.85
C ASP C 345 38.85 -10.53 38.45
N ILE C 346 38.92 -10.55 39.77
CA ILE C 346 40.19 -10.44 40.49
C ILE C 346 40.82 -11.81 40.74
N VAL C 347 42.03 -11.97 40.25
CA VAL C 347 42.64 -13.26 40.04
C VAL C 347 44.03 -13.14 40.64
N SER C 348 44.71 -14.26 40.88
CA SER C 348 46.12 -14.25 41.32
C SER C 348 46.82 -15.54 40.95
N TYR C 349 48.14 -15.44 40.78
CA TYR C 349 48.96 -16.56 40.40
C TYR C 349 50.32 -16.50 41.05
N THR C 350 50.98 -17.64 41.09
CA THR C 350 52.30 -17.77 41.69
C THR C 350 53.35 -17.51 40.61
N SER C 351 54.37 -16.72 40.96
CA SER C 351 55.43 -16.33 40.03
C SER C 351 56.73 -17.13 40.25
N PHE C 352 57.78 -16.80 39.49
CA PHE C 352 59.02 -17.61 39.43
C PHE C 352 59.63 -17.95 40.79
N ASP C 353 59.54 -17.03 41.75
CA ASP C 353 60.13 -17.21 43.08
C ASP C 353 59.09 -17.49 44.16
N GLY C 354 57.87 -17.85 43.76
CA GLY C 354 56.80 -18.13 44.72
C GLY C 354 55.93 -16.94 45.10
N MET C 355 56.30 -15.74 44.66
CA MET C 355 55.56 -14.51 45.01
C MET C 355 54.15 -14.50 44.40
N GLU C 356 53.15 -14.16 45.20
CA GLU C 356 51.77 -14.06 44.71
C GLU C 356 51.53 -12.71 43.97
N ILE C 357 51.02 -12.78 42.75
CA ILE C 357 50.79 -11.59 41.91
C ILE C 357 49.29 -11.49 41.61
N GLU C 358 48.66 -10.41 42.08
CA GLU C 358 47.27 -10.15 41.79
C GLU C 358 47.08 -9.58 40.37
N ALA C 359 45.92 -9.82 39.78
CA ALA C 359 45.65 -9.41 38.40
C ALA C 359 44.16 -9.24 38.09
N LEU C 360 43.86 -8.35 37.13
CA LEU C 360 42.50 -8.13 36.65
C LEU C 360 42.31 -8.87 35.34
N LEU C 361 41.25 -9.67 35.26
CA LEU C 361 40.88 -10.40 34.04
C LEU C 361 39.51 -9.92 33.55
N PHE C 362 39.50 -9.28 32.39
CA PHE C 362 38.24 -8.84 31.78
C PHE C 362 37.85 -9.90 30.77
N LYS C 363 36.82 -10.68 31.06
CA LYS C 363 36.38 -11.75 30.16
C LYS C 363 35.45 -11.19 29.11
N ALA C 364 35.77 -11.43 27.85
CA ALA C 364 34.89 -11.00 26.77
C ALA C 364 33.54 -11.66 26.96
N LYS C 365 32.49 -10.96 26.55
CA LYS C 365 31.15 -11.51 26.59
C LYS C 365 30.99 -12.54 25.46
N PRO C 366 30.41 -13.72 25.75
CA PRO C 366 30.21 -14.82 24.79
C PRO C 366 29.77 -14.40 23.39
N GLU C 367 28.87 -13.41 23.33
CA GLU C 367 28.25 -12.95 22.09
C GLU C 367 29.20 -12.08 21.27
N ASN C 368 30.14 -11.41 21.95
CA ASN C 368 31.20 -10.63 21.30
C ASN C 368 32.50 -11.44 21.09
N ASP C 369 32.85 -12.28 22.07
CA ASP C 369 34.17 -12.93 22.13
C ASP C 369 34.74 -13.33 20.77
N ASN C 370 35.88 -12.72 20.43
CA ASN C 370 36.58 -13.01 19.17
C ASN C 370 37.69 -14.06 19.37
N GLY C 371 37.76 -14.61 20.57
CA GLY C 371 38.73 -15.64 20.89
C GLY C 371 40.15 -15.19 21.21
N TYR C 372 40.49 -13.92 20.94
CA TYR C 372 41.84 -13.41 21.27
C TYR C 372 41.88 -12.72 22.63
N THR C 373 43.09 -12.58 23.16
CA THR C 373 43.32 -11.92 24.43
C THR C 373 44.36 -10.85 24.25
N ILE C 374 44.20 -9.76 24.99
CA ILE C 374 45.23 -8.74 25.05
C ILE C 374 45.89 -8.75 26.42
N PHE C 375 47.23 -8.83 26.42
CA PHE C 375 48.01 -8.82 27.66
C PHE C 375 48.54 -7.42 27.85
N TRP C 376 48.22 -6.83 29.00
CA TRP C 376 48.45 -5.41 29.24
C TRP C 376 49.28 -5.15 30.50
N PRO C 377 50.56 -4.84 30.34
CA PRO C 377 51.31 -4.40 31.51
C PRO C 377 51.02 -2.94 31.78
N HIS C 378 50.61 -2.58 32.99
CA HIS C 378 50.28 -1.17 33.27
C HIS C 378 51.52 -0.28 33.25
N GLY C 379 51.25 1.02 33.11
CA GLY C 379 52.28 2.05 33.11
C GLY C 379 52.69 2.42 34.50
N GLY C 380 53.62 3.35 34.62
CA GLY C 380 54.21 3.67 35.92
C GLY C 380 55.73 3.68 35.89
N PRO C 381 56.39 2.61 36.41
CA PRO C 381 55.86 1.34 36.98
C PRO C 381 55.39 1.34 38.43
N GLN C 382 55.73 2.32 39.25
CA GLN C 382 55.30 2.31 40.66
C GLN C 382 53.94 2.93 40.71
N SER C 383 53.08 2.26 39.94
CA SER C 383 51.67 2.58 39.73
C SER C 383 50.89 1.25 39.77
N ALA C 384 49.65 1.25 39.29
CA ALA C 384 48.86 0.00 39.25
C ALA C 384 47.73 0.01 38.23
N GLU C 385 47.33 -1.20 37.83
CA GLU C 385 46.08 -1.42 37.13
C GLU C 385 45.02 -1.72 38.17
N ARG C 386 43.90 -1.01 38.08
CA ARG C 386 42.91 -1.05 39.13
C ARG C 386 41.54 -0.95 38.50
N LYS C 387 40.50 -1.12 39.31
CA LYS C 387 39.13 -1.05 38.83
C LYS C 387 38.81 0.40 38.48
N MET C 388 39.50 0.89 37.45
CA MET C 388 39.41 2.29 37.00
C MET C 388 38.94 2.30 35.55
N PHE C 389 38.05 3.22 35.23
CA PHE C 389 37.57 3.34 33.85
C PHE C 389 38.65 3.83 32.89
N ARG C 390 38.83 3.04 31.83
CA ARG C 390 39.50 3.51 30.61
C ARG C 390 38.58 3.11 29.45
N SER C 391 38.12 4.10 28.70
CA SER C 391 37.18 3.83 27.62
C SER C 391 37.85 2.86 26.67
N MET C 392 39.18 2.92 26.65
CA MET C 392 40.02 2.00 25.90
C MET C 392 39.75 0.52 26.18
N PHE C 393 39.73 0.11 27.45
CA PHE C 393 39.51 -1.31 27.74
C PHE C 393 38.16 -1.79 27.24
N GLN C 394 37.11 -1.07 27.62
CA GLN C 394 35.75 -1.50 27.32
C GLN C 394 35.53 -1.45 25.83
N CYS C 395 36.26 -0.59 25.16
CA CYS C 395 36.18 -0.52 23.73
C CYS C 395 36.71 -1.81 23.12
N PHE C 396 37.87 -2.26 23.59
CA PHE C 396 38.45 -3.52 23.11
C PHE C 396 37.63 -4.76 23.49
N ILE C 397 37.04 -4.72 24.67
CA ILE C 397 36.19 -5.81 25.16
C ILE C 397 34.91 -5.97 24.32
N ASN C 398 34.36 -4.85 23.92
CA ASN C 398 33.20 -4.84 23.07
C ASN C 398 33.51 -5.48 21.73
N ARG C 399 34.67 -5.15 21.17
CA ARG C 399 35.10 -5.75 19.90
C ARG C 399 35.39 -7.22 20.04
N GLY C 400 35.44 -7.73 21.27
CA GLY C 400 35.55 -9.17 21.51
C GLY C 400 36.80 -9.67 22.22
N TYR C 401 37.70 -8.78 22.61
CA TYR C 401 38.93 -9.17 23.29
C TYR C 401 38.72 -9.42 24.76
N THR C 402 39.42 -10.42 25.27
CA THR C 402 39.66 -10.62 26.68
C THR C 402 40.91 -9.84 27.05
N ILE C 403 40.93 -9.23 28.23
CA ILE C 403 42.11 -8.45 28.66
C ILE C 403 42.62 -8.87 30.04
N PHE C 404 43.93 -9.03 30.12
CA PHE C 404 44.56 -9.45 31.35
C PHE C 404 45.60 -8.42 31.76
N ALA C 405 45.49 -7.96 32.99
CA ALA C 405 46.29 -6.86 33.51
C ALA C 405 46.86 -7.25 34.85
N PRO C 406 48.10 -7.75 34.86
CA PRO C 406 48.65 -8.15 36.15
C PRO C 406 49.38 -7.01 36.87
N ASN C 407 49.28 -7.00 38.19
CA ASN C 407 50.02 -6.06 39.04
C ASN C 407 51.34 -6.64 39.51
N PHE C 408 52.29 -6.62 38.57
CA PHE C 408 53.66 -7.11 38.76
C PHE C 408 54.38 -6.38 39.89
N ARG C 409 55.44 -6.99 40.41
CA ARG C 409 56.24 -6.40 41.50
C ARG C 409 56.72 -5.03 41.08
N GLY C 410 56.58 -4.06 41.98
CA GLY C 410 56.77 -2.67 41.63
C GLY C 410 55.45 -1.92 41.73
N SER C 411 54.35 -2.62 41.43
CA SER C 411 53.02 -2.03 41.56
C SER C 411 52.78 -1.51 42.95
N THR C 412 51.93 -0.49 43.05
CA THR C 412 51.40 0.01 44.33
C THR C 412 50.18 -0.80 44.77
N GLY C 413 49.79 -0.65 46.04
CA GLY C 413 48.58 -1.27 46.57
C GLY C 413 48.76 -2.56 47.33
N TYR C 414 49.99 -3.08 47.38
CA TYR C 414 50.31 -4.35 48.07
C TYR C 414 51.46 -4.11 49.03
N GLY C 415 51.53 -2.89 49.57
CA GLY C 415 52.52 -2.53 50.60
C GLY C 415 53.82 -1.95 50.07
N SER C 416 54.53 -1.25 50.96
CA SER C 416 55.79 -0.60 50.64
C SER C 416 56.87 -1.52 50.07
N ALA C 417 57.02 -2.72 50.62
CA ALA C 417 58.10 -3.63 50.18
C ALA C 417 57.87 -4.06 48.73
N PHE C 418 56.61 -4.37 48.43
CA PHE C 418 56.23 -4.77 47.08
C PHE C 418 56.54 -3.64 46.06
N THR C 419 56.27 -2.40 46.44
CA THR C 419 56.46 -1.29 45.53
C THR C 419 57.94 -1.12 45.16
N LYS C 420 58.84 -1.49 46.06
CA LYS C 420 60.27 -1.26 45.84
C LYS C 420 60.95 -2.27 44.93
N LEU C 421 60.27 -3.36 44.61
CA LEU C 421 60.95 -4.46 43.91
C LEU C 421 61.30 -4.15 42.46
N VAL C 422 60.72 -3.10 41.89
CA VAL C 422 61.09 -2.67 40.55
C VAL C 422 62.32 -1.75 40.59
N GLU C 423 62.64 -1.23 41.76
CA GLU C 423 63.78 -0.31 41.89
C GLU C 423 65.10 -1.01 41.57
N LEU C 424 65.82 -0.45 40.59
CA LEU C 424 67.06 -1.04 40.06
C LEU C 424 66.82 -2.42 39.41
N ASP C 425 65.59 -2.67 38.96
CA ASP C 425 65.23 -3.94 38.33
C ASP C 425 63.99 -3.75 37.43
N TRP C 426 64.17 -3.06 36.32
CA TRP C 426 63.08 -2.81 35.39
C TRP C 426 62.80 -4.00 34.47
N GLY C 427 63.85 -4.73 34.07
CA GLY C 427 63.73 -5.77 33.05
C GLY C 427 63.95 -7.22 33.47
N GLU C 428 63.80 -7.53 34.77
CA GLU C 428 63.97 -8.91 35.23
C GLU C 428 62.78 -9.38 36.07
N GLY C 429 62.78 -9.08 37.37
CA GLY C 429 61.67 -9.46 38.23
C GLY C 429 60.30 -9.24 37.58
N PRO C 430 59.97 -7.98 37.21
CA PRO C 430 58.66 -7.71 36.63
C PRO C 430 58.46 -8.41 35.28
N ARG C 431 59.51 -8.48 34.46
CA ARG C 431 59.41 -9.22 33.22
C ARG C 431 58.98 -10.65 33.46
N LEU C 432 59.55 -11.28 34.50
CA LEU C 432 59.25 -12.68 34.77
C LEU C 432 57.86 -12.82 35.38
N ASP C 433 57.44 -11.82 36.15
CA ASP C 433 56.05 -11.77 36.62
C ASP C 433 55.07 -11.80 35.45
N CYS C 434 55.38 -11.07 34.39
CA CYS C 434 54.54 -11.07 33.22
C CYS C 434 54.50 -12.45 32.55
N ILE C 435 55.67 -13.04 32.34
CA ILE C 435 55.79 -14.38 31.76
C ILE C 435 54.97 -15.40 32.52
N ALA C 436 55.08 -15.38 33.84
CA ALA C 436 54.30 -16.31 34.63
C ALA C 436 52.80 -16.07 34.46
N GLY C 437 52.40 -14.79 34.33
CA GLY C 437 50.98 -14.47 34.12
C GLY C 437 50.46 -14.99 32.80
N ILE C 438 51.27 -14.84 31.77
CA ILE C 438 50.98 -15.37 30.46
C ILE C 438 50.83 -16.90 30.49
N GLU C 439 51.77 -17.59 31.15
CA GLU C 439 51.67 -19.05 31.30
C GLU C 439 50.43 -19.42 32.08
N TRP C 440 50.05 -18.63 33.08
CA TRP C 440 48.82 -18.91 33.84
C TRP C 440 47.57 -18.75 32.96
N LEU C 441 47.57 -17.76 32.07
CA LEU C 441 46.44 -17.58 31.16
C LEU C 441 46.19 -18.84 30.32
N PHE C 442 47.24 -19.38 29.71
CA PHE C 442 47.13 -20.59 28.91
C PHE C 442 46.54 -21.75 29.73
N GLU C 443 47.10 -21.96 30.93
CA GLU C 443 46.65 -23.03 31.81
C GLU C 443 45.24 -22.83 32.33
N SER C 444 44.79 -21.59 32.46
CA SER C 444 43.43 -21.33 32.93
C SER C 444 42.38 -21.65 31.85
N GLY C 445 42.81 -21.65 30.59
CA GLY C 445 41.89 -21.82 29.47
C GLY C 445 41.22 -20.54 28.99
N PHE C 446 41.46 -19.41 29.67
CA PHE C 446 40.83 -18.14 29.29
C PHE C 446 41.56 -17.43 28.14
N THR C 447 42.68 -17.99 27.70
CA THR C 447 43.44 -17.47 26.57
C THR C 447 44.03 -18.67 25.82
N ASP C 448 44.02 -18.63 24.48
CA ASP C 448 44.65 -19.68 23.68
C ASP C 448 46.01 -19.25 23.16
N ARG C 449 46.94 -20.21 23.07
CA ARG C 449 48.21 -20.01 22.38
C ARG C 449 47.96 -19.59 20.95
N ASN C 450 48.82 -18.72 20.43
CA ASN C 450 48.63 -18.17 19.10
C ASN C 450 47.47 -17.17 19.02
N LYS C 451 46.85 -16.84 20.15
CA LYS C 451 45.78 -15.84 20.18
C LYS C 451 45.97 -14.79 21.28
N LEU C 452 47.23 -14.33 21.41
CA LEU C 452 47.64 -13.38 22.45
C LEU C 452 48.31 -12.17 21.85
N PHE C 453 47.66 -11.01 22.00
CA PHE C 453 48.26 -9.75 21.59
C PHE C 453 48.88 -9.09 22.81
N LEU C 454 49.78 -8.14 22.57
CA LEU C 454 50.49 -7.43 23.64
C LEU C 454 50.41 -5.92 23.41
N VAL C 455 49.95 -5.20 24.45
CA VAL C 455 49.69 -3.77 24.36
C VAL C 455 50.09 -3.11 25.66
N GLY C 456 50.98 -2.11 25.60
CA GLY C 456 51.36 -1.34 26.78
C GLY C 456 51.71 0.12 26.49
N GLY C 457 51.63 0.94 27.55
CA GLY C 457 52.01 2.35 27.48
C GLY C 457 52.92 2.80 28.59
N SER C 458 53.83 3.72 28.27
CA SER C 458 54.82 4.22 29.22
C SER C 458 55.72 3.06 29.67
N TYR C 459 55.87 2.84 30.98
CA TYR C 459 56.60 1.66 31.41
C TYR C 459 55.99 0.41 30.82
N GLY C 460 54.66 0.43 30.63
CA GLY C 460 53.97 -0.66 29.95
C GLY C 460 54.49 -0.86 28.55
N GLY C 461 54.78 0.25 27.90
CA GLY C 461 55.31 0.22 26.55
C GLY C 461 56.74 -0.28 26.49
N TYR C 462 57.54 0.11 27.48
CA TYR C 462 58.88 -0.44 27.66
C TYR C 462 58.76 -1.95 27.83
N MET C 463 57.86 -2.37 28.71
CA MET C 463 57.65 -3.81 28.94
C MET C 463 57.15 -4.51 27.68
N ALA C 464 56.35 -3.82 26.88
CA ALA C 464 55.83 -4.43 25.67
C ALA C 464 57.00 -4.70 24.75
N LEU C 465 57.85 -3.70 24.62
CA LEU C 465 59.05 -3.80 23.77
C LEU C 465 59.98 -4.90 24.23
N LEU C 466 60.10 -5.08 25.54
CA LEU C 466 61.04 -6.03 26.08
C LEU C 466 60.51 -7.42 25.90
N LEU C 467 59.23 -7.62 26.21
CA LEU C 467 58.60 -8.92 26.07
C LEU C 467 58.64 -9.38 24.61
N HIS C 468 58.48 -8.42 23.71
CA HIS C 468 58.60 -8.69 22.28
C HIS C 468 60.03 -9.11 21.91
N GLY C 469 61.01 -8.41 22.49
CA GLY C 469 62.41 -8.65 22.19
C GLY C 469 62.93 -10.01 22.61
N ARG C 470 62.54 -10.45 23.81
CA ARG C 470 63.07 -11.66 24.44
C ARG C 470 62.11 -12.84 24.39
N HIS C 471 60.87 -12.60 23.97
CA HIS C 471 59.82 -13.60 24.10
C HIS C 471 58.78 -13.52 23.00
N SER C 472 59.20 -13.19 21.78
CA SER C 472 58.27 -12.98 20.67
C SER C 472 57.29 -14.12 20.39
N ASP C 473 57.68 -15.36 20.69
CA ASP C 473 56.86 -16.51 20.31
C ASP C 473 55.49 -16.54 20.99
N TYR C 474 55.36 -15.86 22.13
CA TYR C 474 54.07 -15.74 22.80
C TYR C 474 53.01 -14.86 22.10
N PHE C 475 53.41 -14.01 21.15
CA PHE C 475 52.53 -12.90 20.72
C PHE C 475 52.24 -12.82 19.21
N ARG C 476 50.97 -12.54 18.83
CA ARG C 476 50.61 -12.33 17.41
C ARG C 476 51.16 -10.99 16.95
N ALA C 477 50.95 -9.96 17.75
CA ALA C 477 51.33 -8.59 17.38
C ALA C 477 51.45 -7.72 18.62
N VAL C 478 52.06 -6.56 18.48
CA VAL C 478 52.38 -5.72 19.62
C VAL C 478 52.06 -4.26 19.37
N VAL C 479 51.55 -3.61 20.43
CA VAL C 479 51.38 -2.16 20.45
C VAL C 479 52.23 -1.54 21.57
N ASP C 480 53.08 -0.60 21.18
CA ASP C 480 53.98 0.12 22.07
C ASP C 480 53.51 1.56 22.07
N ILE C 481 53.00 1.99 23.22
CA ILE C 481 52.54 3.37 23.36
C ILE C 481 53.52 4.18 24.22
N PHE C 482 54.20 5.12 23.56
CA PHE C 482 55.25 5.94 24.18
C PHE C 482 56.03 5.21 25.29
N GLY C 483 56.73 4.16 24.90
CA GLY C 483 57.56 3.41 25.81
C GLY C 483 59.05 3.66 25.57
N PRO C 484 59.82 3.81 26.66
CA PRO C 484 61.28 3.88 26.49
C PRO C 484 61.85 2.60 25.87
N SER C 485 62.76 2.76 24.91
CA SER C 485 63.34 1.64 24.18
C SER C 485 64.79 1.35 24.56
N ASP C 486 65.50 2.38 25.03
CA ASP C 486 66.92 2.28 25.42
C ASP C 486 67.12 3.04 26.73
N LEU C 487 67.55 2.34 27.77
CA LEU C 487 67.71 2.96 29.08
C LEU C 487 68.79 4.04 29.17
N PHE C 488 69.78 4.01 28.27
CA PHE C 488 70.87 4.99 28.31
C PHE C 488 70.41 6.32 27.81
N THR C 489 69.73 6.32 26.66
CA THR C 489 69.15 7.54 26.13
C THR C 489 68.03 8.05 27.04
N PHE C 490 67.32 7.13 27.67
CA PHE C 490 66.12 7.47 28.44
C PHE C 490 66.50 8.29 29.66
N ILE C 491 67.37 7.70 30.47
CA ILE C 491 67.78 8.35 31.72
C ILE C 491 68.41 9.73 31.51
N ASN C 492 69.02 9.94 30.35
CA ASN C 492 69.55 11.26 29.98
C ASN C 492 68.55 12.24 29.42
N SER C 493 67.40 11.76 28.97
CA SER C 493 66.41 12.62 28.32
C SER C 493 65.24 13.06 29.23
N VAL C 494 65.05 12.40 30.38
CA VAL C 494 63.98 12.77 31.33
C VAL C 494 64.18 14.21 31.80
N PRO C 495 63.13 14.80 32.40
CA PRO C 495 63.29 16.21 32.76
C PRO C 495 64.32 16.39 33.88
N PRO C 496 64.93 17.60 33.94
CA PRO C 496 66.01 17.84 34.90
C PRO C 496 65.66 17.44 36.34
N HIS C 497 64.46 17.81 36.79
CA HIS C 497 64.04 17.53 38.16
C HIS C 497 63.66 16.07 38.42
N TRP C 498 63.57 15.25 37.37
CA TRP C 498 63.40 13.80 37.55
C TRP C 498 64.75 13.08 37.74
N LYS C 499 65.85 13.75 37.41
CA LYS C 499 67.18 13.12 37.40
C LYS C 499 67.69 12.65 38.78
N PRO C 500 67.56 13.51 39.83
CA PRO C 500 67.88 13.09 41.21
C PRO C 500 67.21 11.79 41.66
N ILE C 501 65.96 11.58 41.26
CA ILE C 501 65.24 10.35 41.59
C ILE C 501 65.79 9.14 40.83
N MET C 502 66.38 9.38 39.66
CA MET C 502 66.68 8.30 38.73
C MET C 502 67.79 7.34 39.18
N GLU C 503 68.77 7.78 39.96
CA GLU C 503 69.79 6.85 40.46
C GLU C 503 69.18 5.75 41.34
N ARG C 504 68.17 6.09 42.14
CA ARG C 504 67.59 5.12 43.06
C ARG C 504 66.50 4.29 42.40
N TRP C 505 65.81 4.89 41.44
CA TRP C 505 64.72 4.21 40.75
C TRP C 505 65.24 3.26 39.67
N LEU C 506 66.10 3.79 38.81
CA LEU C 506 66.63 3.03 37.69
C LEU C 506 68.07 2.55 37.96
N GLY C 507 68.97 3.47 38.30
CA GLY C 507 70.41 3.19 38.54
C GLY C 507 71.40 4.20 37.94
N ASP C 508 72.66 3.78 37.81
CA ASP C 508 73.71 4.62 37.22
C ASP C 508 74.26 3.97 35.95
N PRO C 509 74.25 4.72 34.81
CA PRO C 509 74.68 4.19 33.50
C PRO C 509 76.12 3.65 33.43
N GLU C 510 77.02 4.13 34.29
CA GLU C 510 78.37 3.58 34.38
C GLU C 510 78.40 2.37 35.33
N ARG C 511 78.12 2.60 36.61
CA ARG C 511 78.12 1.52 37.60
C ARG C 511 77.27 0.32 37.21
N ASP C 512 76.12 0.57 36.58
CA ASP C 512 75.19 -0.49 36.23
C ASP C 512 75.14 -0.78 34.72
N LYS C 513 76.16 -0.39 33.96
CA LYS C 513 76.24 -0.68 32.50
C LYS C 513 75.63 -2.03 32.11
N GLU C 514 76.06 -3.09 32.78
CA GLU C 514 75.67 -4.44 32.43
C GLU C 514 74.14 -4.60 32.48
N ARG C 515 73.55 -4.30 33.63
CA ARG C 515 72.10 -4.35 33.79
C ARG C 515 71.33 -3.44 32.78
N PHE C 516 71.81 -2.22 32.55
CA PHE C 516 71.16 -1.31 31.59
C PHE C 516 71.02 -1.91 30.18
N ILE C 517 72.01 -2.70 29.76
CA ILE C 517 72.02 -3.34 28.46
C ILE C 517 71.02 -4.49 28.47
N LYS C 518 71.12 -5.32 29.52
CA LYS C 518 70.29 -6.51 29.69
C LYS C 518 68.82 -6.15 29.76
N ASP C 519 68.53 -4.97 30.28
CA ASP C 519 67.16 -4.49 30.45
C ASP C 519 66.72 -3.46 29.39
N SER C 520 67.59 -3.13 28.45
CA SER C 520 67.19 -2.27 27.33
C SER C 520 66.55 -3.08 26.19
N PRO C 521 65.33 -2.72 25.78
CA PRO C 521 64.70 -3.36 24.63
C PRO C 521 65.55 -3.41 23.37
N VAL C 522 66.29 -2.34 23.09
CA VAL C 522 66.99 -2.19 21.83
C VAL C 522 68.17 -3.19 21.65
N THR C 523 68.58 -3.87 22.72
CA THR C 523 69.61 -4.90 22.57
C THR C 523 69.03 -6.23 22.06
N TYR C 524 67.72 -6.38 22.15
CA TYR C 524 67.03 -7.56 21.60
C TYR C 524 66.28 -7.24 20.31
N LEU C 525 66.73 -6.22 19.61
CA LEU C 525 66.13 -5.81 18.36
C LEU C 525 65.93 -6.99 17.40
N ASP C 526 66.90 -7.90 17.36
CA ASP C 526 66.83 -9.05 16.45
C ASP C 526 65.64 -9.97 16.73
N GLY C 527 65.20 -10.02 17.99
CA GLY C 527 64.08 -10.88 18.39
C GLY C 527 62.69 -10.32 18.14
N MET C 528 62.61 -9.07 17.69
CA MET C 528 61.33 -8.39 17.47
C MET C 528 60.82 -8.64 16.05
N VAL C 529 60.35 -9.87 15.82
CA VAL C 529 59.95 -10.34 14.47
C VAL C 529 58.44 -10.18 14.21
N LYS C 530 57.64 -10.17 15.28
CA LYS C 530 56.21 -9.96 15.17
C LYS C 530 55.89 -8.52 14.78
N PRO C 531 54.71 -8.32 14.18
CA PRO C 531 54.37 -6.99 13.71
C PRO C 531 54.03 -6.08 14.88
N MET C 532 54.36 -4.81 14.73
CA MET C 532 54.30 -3.90 15.85
C MET C 532 53.83 -2.53 15.45
N LEU C 533 52.97 -1.96 16.29
CA LEU C 533 52.52 -0.59 16.13
C LEU C 533 53.16 0.23 17.24
N VAL C 534 53.62 1.42 16.86
CA VAL C 534 54.26 2.32 17.78
C VAL C 534 53.56 3.68 17.76
N ILE C 535 53.26 4.19 18.96
CA ILE C 535 52.52 5.43 19.12
C ILE C 535 53.27 6.36 20.06
N GLN C 536 53.47 7.60 19.61
CA GLN C 536 54.23 8.59 20.37
C GLN C 536 53.66 10.00 20.23
N GLY C 537 53.68 10.75 21.33
CA GLY C 537 53.35 12.19 21.33
C GLY C 537 54.63 12.99 21.20
N ALA C 538 54.66 13.91 20.24
CA ALA C 538 55.88 14.67 19.97
C ALA C 538 56.38 15.51 21.14
N LYS C 539 55.47 16.11 21.89
CA LYS C 539 55.82 17.00 22.99
C LYS C 539 56.06 16.31 24.33
N ASP C 540 56.10 14.97 24.33
CA ASP C 540 56.27 14.21 25.56
C ASP C 540 57.60 14.53 26.22
N PRO C 541 57.57 15.02 27.47
CA PRO C 541 58.82 15.28 28.18
C PRO C 541 59.32 14.08 29.02
N ARG C 542 58.48 13.08 29.23
CA ARG C 542 58.85 11.97 30.09
C ARG C 542 59.56 10.93 29.27
N VAL C 543 58.85 10.41 28.28
CA VAL C 543 59.45 9.55 27.28
C VAL C 543 59.52 10.35 25.99
N VAL C 544 60.68 10.98 25.74
CA VAL C 544 60.79 11.82 24.57
C VAL C 544 60.64 11.03 23.27
N LYS C 545 60.21 11.78 22.26
CA LYS C 545 60.05 11.27 20.90
C LYS C 545 61.18 10.35 20.45
N GLU C 546 62.41 10.69 20.82
CA GLU C 546 63.59 9.94 20.40
C GLU C 546 63.56 8.47 20.78
N GLU C 547 62.85 8.12 21.84
CA GLU C 547 62.75 6.71 22.27
C GLU C 547 61.97 5.85 21.27
N SER C 548 60.95 6.42 20.67
CA SER C 548 60.15 5.74 19.66
C SER C 548 60.77 5.87 18.27
N ASP C 549 61.21 7.08 17.93
CA ASP C 549 61.93 7.30 16.69
C ASP C 549 63.03 6.26 16.45
N GLN C 550 63.90 6.08 17.44
CA GLN C 550 65.08 5.26 17.26
C GLN C 550 64.73 3.77 17.11
N ILE C 551 63.76 3.29 17.88
CA ILE C 551 63.37 1.87 17.77
C ILE C 551 62.69 1.58 16.41
N VAL C 552 61.90 2.54 15.92
CA VAL C 552 61.26 2.42 14.60
C VAL C 552 62.29 2.47 13.47
N ALA C 553 63.26 3.38 13.60
CA ALA C 553 64.28 3.56 12.59
C ALA C 553 65.09 2.27 12.45
N LYS C 554 65.32 1.58 13.57
CA LYS C 554 66.12 0.36 13.58
C LYS C 554 65.35 -0.85 13.06
N LEU C 555 64.09 -0.99 13.44
CA LEU C 555 63.25 -2.04 12.89
C LEU C 555 63.02 -1.91 11.39
N LYS C 556 62.93 -0.68 10.90
CA LYS C 556 62.72 -0.42 9.46
C LYS C 556 63.96 -0.76 8.62
N GLU C 557 65.15 -0.56 9.18
CA GLU C 557 66.40 -0.96 8.53
C GLU C 557 66.45 -2.46 8.22
N LYS C 558 65.77 -3.26 9.04
CA LYS C 558 65.71 -4.72 8.88
C LYS C 558 64.45 -5.20 8.16
N GLY C 559 63.76 -4.27 7.48
CA GLY C 559 62.56 -4.60 6.70
C GLY C 559 61.38 -5.17 7.47
N ARG C 560 61.25 -4.81 8.75
CA ARG C 560 60.20 -5.36 9.60
C ARG C 560 58.84 -4.69 9.40
N ASP C 561 57.79 -5.42 9.79
CA ASP C 561 56.41 -4.93 9.73
C ASP C 561 56.16 -4.03 10.93
N VAL C 562 56.46 -2.75 10.75
CA VAL C 562 56.29 -1.76 11.82
C VAL C 562 55.45 -0.59 11.36
N GLU C 563 54.50 -0.20 12.21
CA GLU C 563 53.69 0.98 11.96
C GLU C 563 54.01 1.99 13.02
N TYR C 564 54.04 3.26 12.62
CA TYR C 564 54.41 4.34 13.53
C TYR C 564 53.43 5.51 13.40
N LEU C 565 52.77 5.83 14.50
CA LEU C 565 51.92 7.02 14.60
C LEU C 565 52.46 8.02 15.61
N VAL C 566 52.79 9.21 15.09
CA VAL C 566 53.20 10.35 15.90
C VAL C 566 52.07 11.35 15.93
N LEU C 567 51.73 11.81 17.13
CA LEU C 567 50.78 12.89 17.28
C LEU C 567 51.54 14.19 17.58
N GLU C 568 51.51 15.11 16.62
CA GLU C 568 52.36 16.30 16.69
C GLU C 568 52.02 17.20 17.87
N ASP C 569 50.75 17.24 18.26
CA ASP C 569 50.29 18.19 19.26
C ASP C 569 49.90 17.54 20.60
N GLU C 570 50.56 16.46 21.00
CA GLU C 570 50.31 15.82 22.31
C GLU C 570 51.62 15.38 22.98
N GLY C 571 51.56 15.27 24.31
CA GLY C 571 52.65 14.73 25.08
C GLY C 571 52.39 13.31 25.51
N HIS C 572 52.54 13.09 26.81
CA HIS C 572 52.50 11.77 27.41
C HIS C 572 51.04 11.40 27.72
N GLY C 573 50.24 11.33 26.66
CA GLY C 573 48.80 11.15 26.77
C GLY C 573 48.03 11.74 25.58
N PHE C 574 46.71 11.61 25.60
CA PHE C 574 45.89 12.12 24.50
C PHE C 574 44.78 12.98 25.06
N SER C 575 45.09 14.24 25.31
CA SER C 575 44.12 15.14 25.93
C SER C 575 43.01 15.55 24.96
N LYS C 576 43.28 15.48 23.65
CA LYS C 576 42.30 15.91 22.64
C LYS C 576 41.56 14.72 22.05
N LYS C 577 40.24 14.79 22.06
CA LYS C 577 39.41 13.69 21.59
C LYS C 577 39.80 13.16 20.21
N GLU C 578 40.00 14.05 19.23
CA GLU C 578 40.39 13.66 17.86
C GLU C 578 41.55 12.69 17.85
N ASN C 579 42.56 12.96 18.67
CA ASN C 579 43.74 12.10 18.75
C ASN C 579 43.44 10.79 19.43
N GLU C 580 42.68 10.83 20.52
CA GLU C 580 42.37 9.65 21.27
C GLU C 580 41.65 8.68 20.34
N ILE C 581 40.75 9.22 19.54
CA ILE C 581 39.93 8.41 18.64
C ILE C 581 40.76 7.83 17.50
N LYS C 582 41.74 8.60 17.02
CA LYS C 582 42.59 8.12 15.96
C LYS C 582 43.38 6.94 16.49
N VAL C 583 43.82 7.07 17.74
CA VAL C 583 44.59 6.02 18.40
C VAL C 583 43.77 4.76 18.55
N TYR C 584 42.56 4.86 19.06
CA TYR C 584 41.71 3.69 19.25
C TYR C 584 41.42 3.00 17.92
N SER C 585 41.13 3.83 16.91
CA SER C 585 40.76 3.34 15.58
C SER C 585 41.90 2.62 14.96
N LEU C 586 43.10 3.12 15.16
CA LEU C 586 44.25 2.53 14.52
C LEU C 586 44.61 1.23 15.24
N MET C 587 44.54 1.22 16.56
CA MET C 587 44.83 0.02 17.34
C MET C 587 43.86 -1.10 16.98
N LEU C 588 42.59 -0.76 16.85
CA LEU C 588 41.59 -1.75 16.54
C LEU C 588 41.84 -2.32 15.17
N ALA C 589 42.13 -1.46 14.20
CA ALA C 589 42.35 -1.91 12.84
C ALA C 589 43.66 -2.69 12.71
N PHE C 590 44.64 -2.35 13.54
CA PHE C 590 45.91 -3.07 13.59
C PHE C 590 45.73 -4.48 14.14
N LEU C 591 45.00 -4.60 15.24
CA LEU C 591 44.78 -5.89 15.84
C LEU C 591 43.88 -6.76 14.96
N GLU C 592 42.86 -6.18 14.30
CA GLU C 592 41.99 -6.97 13.40
C GLU C 592 42.82 -7.63 12.33
N LYS C 593 43.58 -6.84 11.58
CA LYS C 593 44.27 -7.38 10.42
C LYS C 593 45.36 -8.39 10.75
N HIS C 594 45.79 -8.45 12.01
CA HIS C 594 46.82 -9.41 12.38
C HIS C 594 46.24 -10.55 13.20
N GLN C 595 44.91 -10.64 13.25
CA GLN C 595 44.29 -11.88 13.66
C GLN C 595 44.46 -12.88 12.51
N ALA C 596 44.26 -14.16 12.81
CA ALA C 596 44.25 -15.20 11.78
C ALA C 596 42.97 -15.13 10.95
N LEU C 597 43.06 -15.35 9.65
CA LEU C 597 41.88 -15.20 8.77
C LEU C 597 40.64 -16.01 9.19
N GLU C 598 40.85 -17.22 9.69
CA GLU C 598 39.79 -18.06 10.27
C GLU C 598 38.49 -18.08 9.46
N HIS C 599 38.60 -18.17 8.14
CA HIS C 599 37.44 -18.28 7.23
C HIS C 599 36.78 -19.64 7.41
N HIS C 600 35.46 -19.64 7.61
CA HIS C 600 34.68 -20.88 7.67
C HIS C 600 33.72 -21.00 6.47
N HIS C 601 33.89 -22.06 5.69
CA HIS C 601 32.99 -22.33 4.58
C HIS C 601 31.86 -23.25 5.05
N HIS C 602 30.63 -22.85 4.76
CA HIS C 602 29.44 -23.51 5.30
C HIS C 602 28.72 -24.31 4.22
N HIS C 603 27.98 -25.35 4.61
CA HIS C 603 27.10 -26.07 3.67
C HIS C 603 25.89 -25.15 3.42
N HIS C 604 25.74 -24.67 2.18
CA HIS C 604 24.69 -23.70 1.85
C HIS C 604 23.97 -24.04 0.55
N MET D 1 -52.58 -43.52 -30.23
CA MET D 1 -53.10 -42.47 -31.17
C MET D 1 -52.11 -42.25 -32.32
N ILE D 2 -50.97 -41.62 -31.99
CA ILE D 2 -49.92 -41.28 -32.95
C ILE D 2 -48.68 -42.03 -32.53
N ASN D 3 -47.91 -42.49 -33.52
CA ASN D 3 -46.77 -43.36 -33.24
C ASN D 3 -45.46 -42.60 -33.26
N PHE D 4 -44.99 -42.26 -32.06
CA PHE D 4 -43.76 -41.50 -31.88
C PHE D 4 -42.55 -42.41 -31.88
N PRO D 5 -41.55 -42.09 -32.72
CA PRO D 5 -40.35 -42.90 -32.64
C PRO D 5 -39.70 -42.80 -31.25
N LYS D 6 -38.94 -43.82 -30.87
CA LYS D 6 -38.22 -43.81 -29.59
C LYS D 6 -37.13 -42.72 -29.55
N PRO D 7 -36.75 -42.28 -28.34
CA PRO D 7 -35.73 -41.26 -28.16
C PRO D 7 -34.42 -41.53 -28.91
N THR D 8 -33.91 -40.49 -29.58
CA THR D 8 -32.64 -40.53 -30.29
C THR D 8 -31.59 -39.77 -29.51
N VAL D 9 -30.37 -39.80 -30.00
CA VAL D 9 -29.28 -39.18 -29.28
C VAL D 9 -29.42 -37.66 -29.33
N GLU D 10 -30.05 -37.15 -30.38
CA GLU D 10 -30.18 -35.70 -30.54
C GLU D 10 -30.89 -35.04 -29.35
N GLN D 11 -31.74 -35.80 -28.65
CA GLN D 11 -32.41 -35.31 -27.45
C GLN D 11 -31.50 -35.06 -26.24
N PHE D 12 -30.34 -35.70 -26.22
CA PHE D 12 -29.39 -35.50 -25.13
C PHE D 12 -28.42 -34.38 -25.41
N PHE D 13 -28.55 -33.75 -26.57
CA PHE D 13 -27.70 -32.63 -26.98
C PHE D 13 -28.17 -31.26 -26.43
N ARG D 14 -29.41 -31.14 -25.99
CA ARG D 14 -30.01 -29.83 -25.70
C ARG D 14 -30.11 -29.51 -24.21
N THR D 15 -29.22 -30.10 -23.42
CA THR D 15 -29.20 -29.91 -21.99
C THR D 15 -28.07 -28.96 -21.69
N TYR D 16 -28.27 -28.05 -20.75
CA TYR D 16 -27.22 -27.09 -20.44
C TYR D 16 -26.60 -27.38 -19.07
N THR D 17 -25.46 -26.76 -18.82
CA THR D 17 -24.70 -26.92 -17.61
C THR D 17 -24.85 -25.62 -16.82
N ILE D 18 -24.94 -25.77 -15.51
CA ILE D 18 -24.85 -24.68 -14.56
C ILE D 18 -23.62 -24.97 -13.70
N THR D 19 -22.66 -24.06 -13.69
CA THR D 19 -21.37 -24.31 -13.07
C THR D 19 -21.31 -23.76 -11.65
N ASN D 20 -21.90 -22.59 -11.41
CA ASN D 20 -21.91 -22.04 -10.07
C ASN D 20 -22.97 -20.94 -9.87
N PHE D 21 -23.17 -20.53 -8.62
CA PHE D 21 -24.21 -19.58 -8.29
C PHE D 21 -23.88 -18.80 -7.04
N ALA D 22 -24.63 -17.72 -6.83
CA ALA D 22 -24.54 -16.93 -5.61
C ALA D 22 -25.93 -16.37 -5.31
N VAL D 23 -26.23 -16.19 -4.02
CA VAL D 23 -27.54 -15.67 -3.58
C VAL D 23 -27.25 -14.41 -2.80
N SER D 24 -27.95 -13.33 -3.11
CA SER D 24 -27.75 -12.05 -2.42
C SER D 24 -28.04 -12.19 -0.92
N SER D 25 -27.56 -11.24 -0.12
CA SER D 25 -27.61 -11.40 1.35
C SER D 25 -29.05 -11.39 1.89
N ASP D 26 -29.91 -10.58 1.26
CA ASP D 26 -31.36 -10.55 1.50
C ASP D 26 -32.20 -11.64 0.79
N GLU D 27 -31.55 -12.58 0.11
CA GLU D 27 -32.21 -13.64 -0.68
C GLU D 27 -33.22 -13.19 -1.78
N LYS D 28 -33.02 -12.00 -2.34
CA LYS D 28 -33.97 -11.46 -3.32
C LYS D 28 -33.48 -11.68 -4.74
N ARG D 29 -32.23 -12.12 -4.86
CA ARG D 29 -31.68 -12.44 -6.15
C ARG D 29 -30.72 -13.64 -6.06
N LEU D 30 -30.89 -14.57 -7.00
CA LEU D 30 -29.96 -15.66 -7.19
C LEU D 30 -29.40 -15.53 -8.60
N VAL D 31 -28.07 -15.46 -8.70
CA VAL D 31 -27.40 -15.38 -9.98
C VAL D 31 -26.64 -16.68 -10.24
N PHE D 32 -26.76 -17.20 -11.44
CA PHE D 32 -26.05 -18.41 -11.77
C PHE D 32 -25.48 -18.40 -13.18
N ASN D 33 -24.41 -19.17 -13.34
CA ASN D 33 -23.71 -19.26 -14.60
C ASN D 33 -24.15 -20.52 -15.34
N ALA D 34 -24.59 -20.35 -16.57
CA ALA D 34 -25.18 -21.42 -17.36
C ALA D 34 -25.03 -21.12 -18.84
N ASN D 35 -25.04 -22.16 -19.66
CA ASN D 35 -24.92 -21.98 -21.10
C ASN D 35 -26.23 -22.31 -21.80
N LEU D 36 -27.31 -22.10 -21.07
CA LEU D 36 -28.68 -21.99 -21.55
C LEU D 36 -28.86 -21.34 -22.94
N ASN D 37 -28.17 -20.24 -23.23
CA ASN D 37 -28.25 -19.68 -24.60
C ASN D 37 -27.14 -20.10 -25.57
N GLY D 38 -26.36 -21.11 -25.19
CA GLY D 38 -25.38 -21.73 -26.09
C GLY D 38 -23.97 -21.39 -25.68
N LYS D 39 -23.82 -20.31 -24.90
CA LYS D 39 -22.53 -19.88 -24.38
C LYS D 39 -22.73 -19.54 -22.90
N MET D 40 -21.64 -19.50 -22.13
CA MET D 40 -21.75 -19.19 -20.71
C MET D 40 -22.08 -17.72 -20.45
N ASN D 41 -23.05 -17.54 -19.58
CA ASN D 41 -23.47 -16.22 -19.14
C ASN D 41 -24.15 -16.33 -17.80
N LEU D 42 -24.24 -15.21 -17.10
CA LEU D 42 -24.90 -15.14 -15.81
C LEU D 42 -26.35 -14.85 -16.05
N TRP D 43 -27.20 -15.62 -15.38
CA TRP D 43 -28.64 -15.49 -15.43
C TRP D 43 -29.10 -15.21 -14.01
N ALA D 44 -30.31 -14.66 -13.88
CA ALA D 44 -30.83 -14.36 -12.56
C ALA D 44 -32.32 -14.62 -12.39
N MET D 45 -32.71 -14.80 -11.13
CA MET D 45 -34.09 -15.03 -10.69
C MET D 45 -34.37 -14.08 -9.53
N ASP D 46 -35.49 -13.39 -9.58
CA ASP D 46 -35.96 -12.55 -8.47
C ASP D 46 -36.84 -13.36 -7.58
N LEU D 47 -36.21 -14.15 -6.71
CA LEU D 47 -36.96 -15.04 -5.84
C LEU D 47 -38.07 -14.32 -5.05
N PRO D 48 -39.20 -15.01 -4.82
CA PRO D 48 -39.49 -16.41 -5.15
C PRO D 48 -39.86 -16.70 -6.61
N ASP D 49 -39.86 -15.68 -7.47
CA ASP D 49 -40.03 -15.90 -8.91
C ASP D 49 -38.82 -16.68 -9.48
N THR D 50 -39.06 -17.74 -10.26
CA THR D 50 -37.95 -18.55 -10.78
C THR D 50 -37.75 -18.45 -12.30
N TYR D 51 -38.53 -17.63 -12.98
CA TYR D 51 -38.28 -17.44 -14.41
C TYR D 51 -37.01 -16.63 -14.57
N PRO D 52 -35.96 -17.22 -15.16
CA PRO D 52 -34.71 -16.49 -15.21
C PRO D 52 -34.64 -15.44 -16.34
N TYR D 53 -33.81 -14.42 -16.12
CA TYR D 53 -33.49 -13.38 -17.12
C TYR D 53 -31.98 -13.21 -17.17
N LEU D 54 -31.48 -12.69 -18.30
CA LEU D 54 -30.06 -12.54 -18.50
C LEU D 54 -29.56 -11.48 -17.55
N PHE D 55 -28.44 -11.76 -16.91
CA PHE D 55 -27.88 -10.87 -15.90
C PHE D 55 -26.57 -10.18 -16.32
N ALA D 56 -25.73 -10.89 -17.02
CA ALA D 56 -24.59 -10.27 -17.60
C ALA D 56 -24.28 -11.01 -18.84
N HIS D 57 -23.92 -10.25 -19.88
CA HIS D 57 -23.52 -10.84 -21.14
C HIS D 57 -22.01 -10.86 -21.21
N ARG D 58 -21.44 -12.01 -21.54
CA ARG D 58 -20.00 -12.10 -21.73
C ARG D 58 -19.54 -13.28 -22.58
N ASP D 59 -20.32 -14.35 -22.66
CA ASP D 59 -19.95 -15.52 -23.48
C ASP D 59 -18.61 -16.13 -23.07
N GLU D 60 -18.28 -16.07 -21.79
CA GLU D 60 -17.05 -16.62 -21.25
C GLU D 60 -17.32 -17.38 -19.96
N SER D 61 -16.46 -18.33 -19.67
CA SER D 61 -16.50 -19.06 -18.42
C SER D 61 -16.28 -18.11 -17.26
N CYS D 62 -16.86 -18.49 -16.12
CA CYS D 62 -16.85 -17.70 -14.93
C CYS D 62 -16.30 -18.52 -13.77
N ASN D 63 -15.31 -18.04 -13.03
CA ASN D 63 -14.81 -18.82 -11.88
C ASN D 63 -15.42 -18.47 -10.51
N PHE D 64 -15.98 -17.28 -10.35
CA PHE D 64 -16.68 -16.96 -9.09
C PHE D 64 -17.73 -15.87 -9.30
N ILE D 65 -18.68 -15.81 -8.35
CA ILE D 65 -19.71 -14.76 -8.33
C ILE D 65 -19.79 -14.29 -6.89
N LYS D 66 -19.83 -12.96 -6.67
CA LYS D 66 -19.93 -12.44 -5.31
C LYS D 66 -20.82 -11.22 -5.29
N PHE D 67 -21.88 -11.27 -4.48
CA PHE D 67 -22.74 -10.08 -4.28
C PHE D 67 -22.07 -9.09 -3.28
N ASP D 68 -22.07 -7.80 -3.61
CA ASP D 68 -21.89 -6.77 -2.59
C ASP D 68 -22.93 -6.94 -1.49
N PRO D 69 -22.50 -6.98 -0.22
CA PRO D 69 -23.48 -6.99 0.91
C PRO D 69 -24.48 -5.81 0.95
N GLU D 70 -24.11 -4.64 0.43
CA GLU D 70 -25.04 -3.49 0.36
C GLU D 70 -25.68 -3.30 -1.04
N ASN D 71 -25.56 -4.33 -1.88
CA ASN D 71 -26.26 -4.38 -3.18
C ASN D 71 -25.98 -3.21 -4.10
N ARG D 72 -24.72 -2.82 -4.20
CA ARG D 72 -24.29 -1.78 -5.11
C ARG D 72 -23.59 -2.36 -6.34
N TYR D 73 -23.31 -3.67 -6.31
CA TYR D 73 -22.57 -4.35 -7.37
C TYR D 73 -22.56 -5.86 -7.19
N VAL D 74 -22.21 -6.55 -8.26
CA VAL D 74 -21.87 -7.97 -8.19
C VAL D 74 -20.50 -8.15 -8.81
N LEU D 75 -19.66 -8.92 -8.15
CA LEU D 75 -18.34 -9.24 -8.69
C LEU D 75 -18.41 -10.58 -9.37
N ALA D 76 -17.67 -10.71 -10.48
CA ALA D 76 -17.51 -11.97 -11.13
C ALA D 76 -16.18 -12.03 -11.82
N GLY D 77 -15.68 -13.27 -11.97
CA GLY D 77 -14.43 -13.51 -12.64
C GLY D 77 -14.69 -14.16 -13.99
N PHE D 78 -13.90 -13.77 -15.00
CA PHE D 78 -14.08 -14.29 -16.35
C PHE D 78 -12.72 -14.45 -17.00
N ASP D 79 -12.58 -15.50 -17.82
CA ASP D 79 -11.37 -15.68 -18.65
C ASP D 79 -11.68 -15.43 -20.13
N LYS D 80 -10.76 -15.83 -21.01
CA LYS D 80 -10.95 -15.73 -22.46
C LYS D 80 -10.82 -17.01 -23.25
N ASP D 81 -11.94 -17.61 -23.64
CA ASP D 81 -11.93 -18.85 -24.44
C ASP D 81 -11.30 -20.08 -23.76
N GLY D 82 -11.44 -20.23 -22.45
CA GLY D 82 -10.85 -21.38 -21.74
C GLY D 82 -9.34 -21.22 -21.58
N ASP D 83 -8.87 -19.99 -21.73
CA ASP D 83 -7.70 -19.42 -21.14
C ASP D 83 -7.34 -19.89 -19.72
N GLU D 84 -8.37 -19.78 -18.81
CA GLU D 84 -8.21 -19.81 -17.36
C GLU D 84 -7.34 -18.62 -16.82
N ASN D 85 -7.17 -17.57 -17.61
CA ASN D 85 -6.63 -16.31 -17.10
C ASN D 85 -7.77 -15.47 -16.55
N TYR D 86 -8.34 -15.94 -15.46
CA TYR D 86 -9.48 -15.30 -14.83
C TYR D 86 -9.06 -13.97 -14.28
N GLN D 87 -9.84 -12.95 -14.53
CA GLN D 87 -9.64 -11.64 -13.93
C GLN D 87 -10.95 -11.15 -13.39
N ILE D 88 -10.93 -10.08 -12.61
CA ILE D 88 -12.10 -9.71 -11.77
C ILE D 88 -12.88 -8.50 -12.33
N TYR D 89 -14.20 -8.69 -12.47
CA TYR D 89 -15.09 -7.70 -13.09
C TYR D 89 -16.23 -7.32 -12.16
N ALA D 90 -16.80 -6.14 -12.43
CA ALA D 90 -17.93 -5.65 -11.65
C ALA D 90 -19.12 -5.46 -12.56
N ILE D 91 -20.26 -5.90 -12.07
CA ILE D 91 -21.51 -5.81 -12.80
C ILE D 91 -22.46 -5.00 -11.91
N PRO D 92 -23.27 -4.11 -12.51
CA PRO D 92 -24.16 -3.36 -11.62
C PRO D 92 -25.10 -4.31 -10.94
N ASN D 93 -25.68 -3.88 -9.83
CA ASN D 93 -26.59 -4.74 -9.05
C ASN D 93 -27.78 -5.29 -9.82
N GLU D 94 -28.27 -4.51 -10.79
CA GLU D 94 -29.41 -4.88 -11.64
C GLU D 94 -29.02 -5.73 -12.87
N GLY D 95 -27.72 -5.87 -13.12
CA GLY D 95 -27.22 -6.56 -14.31
C GLY D 95 -26.74 -5.59 -15.35
N GLY D 96 -26.09 -6.10 -16.38
CA GLY D 96 -25.55 -5.26 -17.43
C GLY D 96 -24.31 -5.88 -18.03
N LEU D 97 -23.35 -5.03 -18.37
CA LEU D 97 -22.10 -5.46 -18.97
C LEU D 97 -20.97 -5.46 -17.95
N PRO D 98 -20.18 -6.56 -17.88
CA PRO D 98 -19.06 -6.58 -16.94
C PRO D 98 -18.04 -5.48 -17.26
N HIS D 99 -17.51 -4.91 -16.18
CA HIS D 99 -16.65 -3.75 -16.24
C HIS D 99 -15.32 -4.14 -15.60
N PRO D 100 -14.20 -3.88 -16.27
CA PRO D 100 -12.91 -4.24 -15.68
C PRO D 100 -12.65 -3.58 -14.31
N LEU D 101 -12.41 -4.40 -13.30
CA LEU D 101 -12.21 -3.91 -11.94
C LEU D 101 -10.77 -4.20 -11.50
N ILE D 102 -10.41 -5.46 -11.33
CA ILE D 102 -9.05 -5.85 -11.00
C ILE D 102 -8.56 -6.74 -12.12
N THR D 103 -7.84 -6.14 -13.07
CA THR D 103 -7.46 -6.79 -14.31
C THR D 103 -6.05 -6.42 -14.69
N GLY D 104 -5.54 -7.01 -15.75
CA GLY D 104 -4.25 -6.60 -16.29
C GLY D 104 -4.01 -7.18 -17.67
N ASP D 105 -2.79 -7.63 -17.87
CA ASP D 105 -2.38 -8.25 -19.10
C ASP D 105 -3.11 -9.59 -19.28
N ALA D 106 -3.30 -9.98 -20.53
CA ALA D 106 -4.07 -11.17 -20.90
C ALA D 106 -3.48 -12.53 -20.43
N SER D 107 -2.20 -12.55 -20.06
CA SER D 107 -1.60 -13.76 -19.51
C SER D 107 -1.58 -13.76 -17.94
N GLU D 108 -2.09 -12.72 -17.32
CA GLU D 108 -2.11 -12.64 -15.88
C GLU D 108 -3.42 -13.16 -15.30
N LYS D 109 -3.34 -13.72 -14.10
CA LYS D 109 -4.49 -14.22 -13.36
C LYS D 109 -4.74 -13.32 -12.18
N TYR D 110 -6.01 -13.08 -11.88
CA TYR D 110 -6.41 -12.31 -10.70
C TYR D 110 -7.56 -13.03 -10.02
N TYR D 111 -7.28 -13.79 -8.95
CA TYR D 111 -8.29 -14.66 -8.30
C TYR D 111 -8.90 -14.01 -7.08
N PHE D 112 -10.21 -14.03 -6.99
CA PHE D 112 -10.91 -13.41 -5.87
C PHE D 112 -10.71 -14.25 -4.60
N SER D 113 -10.45 -13.63 -3.45
CA SER D 113 -10.28 -14.34 -2.16
C SER D 113 -11.31 -14.01 -1.08
N HIS D 114 -11.61 -12.74 -0.92
CA HIS D 114 -12.48 -12.31 0.17
C HIS D 114 -12.99 -10.91 -0.15
N LEU D 115 -14.24 -10.64 0.18
CA LEU D 115 -14.74 -9.27 0.18
C LEU D 115 -14.96 -8.85 1.65
N SER D 116 -14.56 -7.63 1.99
CA SER D 116 -14.82 -7.14 3.36
C SER D 116 -16.32 -6.98 3.56
N ALA D 117 -16.76 -7.04 4.81
CA ALA D 117 -18.18 -6.97 5.16
C ALA D 117 -18.85 -5.64 4.80
N ASP D 118 -18.11 -4.55 4.78
CA ASP D 118 -18.66 -3.28 4.34
C ASP D 118 -18.67 -3.17 2.82
N GLY D 119 -18.09 -4.16 2.15
CA GLY D 119 -18.05 -4.19 0.68
C GLY D 119 -17.06 -3.22 0.09
N LYS D 120 -16.05 -2.85 0.86
CA LYS D 120 -15.13 -1.79 0.48
C LYS D 120 -13.83 -2.37 -0.08
N CYS D 121 -13.39 -3.49 0.49
CA CYS D 121 -12.07 -4.02 0.19
C CYS D 121 -12.14 -5.43 -0.38
N VAL D 122 -11.49 -5.60 -1.52
CA VAL D 122 -11.43 -6.86 -2.20
C VAL D 122 -10.04 -7.45 -2.03
N TYR D 123 -9.98 -8.64 -1.45
CA TYR D 123 -8.71 -9.38 -1.28
C TYR D 123 -8.61 -10.30 -2.46
N TYR D 124 -7.44 -10.39 -3.08
CA TYR D 124 -7.27 -11.24 -4.26
C TYR D 124 -5.87 -11.75 -4.39
N GLU D 125 -5.67 -12.84 -5.13
CA GLU D 125 -4.33 -13.29 -5.50
C GLU D 125 -4.04 -12.96 -6.95
N THR D 126 -2.79 -12.66 -7.25
CA THR D 126 -2.39 -12.49 -8.64
C THR D 126 -1.08 -13.17 -8.97
N SER D 127 -0.94 -13.55 -10.22
CA SER D 127 0.29 -14.13 -10.72
C SER D 127 1.28 -13.05 -11.10
N LYS D 128 0.79 -11.82 -11.20
CA LYS D 128 1.53 -10.71 -11.79
C LYS D 128 3.01 -10.73 -11.46
N GLU D 129 3.37 -10.45 -10.21
CA GLU D 129 4.79 -10.31 -9.88
C GLU D 129 5.37 -11.60 -9.27
N ASN D 130 4.59 -12.68 -9.25
CA ASN D 130 5.00 -13.93 -8.60
C ASN D 130 4.20 -15.10 -9.21
N PRO D 131 4.52 -15.43 -10.47
CA PRO D 131 3.83 -16.47 -11.21
C PRO D 131 3.80 -17.83 -10.50
N SER D 132 4.84 -18.13 -9.75
CA SER D 132 4.99 -19.48 -9.17
C SER D 132 4.18 -19.69 -7.90
N PHE D 133 4.17 -18.70 -7.03
CA PHE D 133 3.60 -18.88 -5.72
C PHE D 133 2.38 -17.99 -5.49
N LEU D 134 2.26 -16.94 -6.30
CA LEU D 134 1.21 -15.91 -6.22
C LEU D 134 1.40 -14.97 -5.06
N ASN D 135 0.97 -13.73 -5.25
CA ASN D 135 0.89 -12.74 -4.20
C ASN D 135 -0.56 -12.42 -3.88
N THR D 136 -0.78 -11.97 -2.65
CA THR D 136 -2.09 -11.65 -2.14
C THR D 136 -2.12 -10.16 -1.92
N ARG D 137 -3.12 -9.49 -2.49
CA ARG D 137 -3.20 -8.05 -2.45
C ARG D 137 -4.60 -7.62 -2.00
N ILE D 138 -4.78 -6.33 -1.76
CA ILE D 138 -6.05 -5.75 -1.35
C ILE D 138 -6.30 -4.57 -2.24
N ARG D 139 -7.53 -4.41 -2.68
CA ARG D 139 -7.95 -3.26 -3.46
C ARG D 139 -9.04 -2.58 -2.67
N ASN D 140 -8.86 -1.29 -2.43
CA ASN D 140 -9.88 -0.48 -1.79
C ASN D 140 -10.72 0.20 -2.88
N LEU D 141 -11.98 -0.20 -2.97
CA LEU D 141 -12.88 0.27 -4.04
C LEU D 141 -13.27 1.72 -3.90
N GLU D 142 -13.23 2.25 -2.68
CA GLU D 142 -13.60 3.65 -2.40
C GLU D 142 -12.49 4.62 -2.80
N THR D 143 -11.24 4.28 -2.47
CA THR D 143 -10.08 5.13 -2.71
C THR D 143 -9.21 4.71 -3.90
N GLY D 144 -9.35 3.47 -4.34
CA GLY D 144 -8.55 2.98 -5.46
C GLY D 144 -7.20 2.40 -5.07
N GLU D 145 -6.84 2.50 -3.79
CA GLU D 145 -5.51 2.03 -3.31
C GLU D 145 -5.39 0.50 -3.43
N ASP D 146 -4.20 0.07 -3.84
CA ASP D 146 -3.91 -1.34 -4.00
C ASP D 146 -2.64 -1.66 -3.21
N ARG D 147 -2.78 -2.51 -2.21
CA ARG D 147 -1.69 -2.82 -1.30
C ARG D 147 -1.30 -4.27 -1.47
N LEU D 148 -0.04 -4.53 -1.12
CA LEU D 148 0.49 -5.87 -1.08
C LEU D 148 0.33 -6.39 0.34
N LEU D 149 -0.29 -7.55 0.45
CA LEU D 149 -0.59 -8.11 1.75
C LEU D 149 0.33 -9.29 2.07
N ASN D 150 0.66 -10.10 1.07
CA ASN D 150 1.47 -11.26 1.30
C ASN D 150 2.18 -11.74 0.04
N VAL D 151 3.46 -12.07 0.20
CA VAL D 151 4.28 -12.58 -0.89
C VAL D 151 4.32 -14.08 -0.74
N GLY D 152 3.91 -14.80 -1.78
CA GLY D 152 4.00 -16.26 -1.76
C GLY D 152 5.45 -16.72 -1.77
N GLU D 153 5.74 -17.78 -1.02
CA GLU D 153 7.09 -18.35 -0.92
C GLU D 153 6.99 -19.86 -0.78
N VAL D 154 8.09 -20.55 -1.08
CA VAL D 154 8.24 -22.00 -0.90
C VAL D 154 7.37 -22.77 -1.87
N SER D 155 6.04 -22.61 -1.74
CA SER D 155 5.09 -23.21 -2.66
C SER D 155 3.87 -22.29 -2.83
N THR D 156 2.91 -22.74 -3.61
CA THR D 156 1.77 -21.93 -4.00
C THR D 156 0.88 -21.60 -2.80
N THR D 157 0.67 -20.31 -2.57
CA THR D 157 0.02 -19.82 -1.37
C THR D 157 -1.22 -18.97 -1.70
N GLU D 158 -2.35 -19.26 -1.06
CA GLU D 158 -3.55 -18.45 -1.21
C GLU D 158 -4.16 -18.04 0.14
N LEU D 159 -4.86 -16.92 0.13
CA LEU D 159 -5.57 -16.43 1.30
C LEU D 159 -6.91 -17.13 1.33
N ALA D 160 -7.13 -17.95 2.35
CA ALA D 160 -8.31 -18.82 2.46
C ALA D 160 -9.41 -18.31 3.39
N ALA D 161 -9.09 -17.41 4.31
CA ALA D 161 -10.11 -16.78 5.17
C ALA D 161 -9.56 -15.57 5.91
N VAL D 162 -10.50 -14.68 6.26
CA VAL D 162 -10.19 -13.37 6.84
C VAL D 162 -11.21 -13.08 7.93
N SER D 163 -10.74 -12.58 9.07
CA SER D 163 -11.58 -12.36 10.22
C SER D 163 -12.45 -11.12 10.02
N GLU D 164 -13.58 -11.09 10.71
CA GLU D 164 -14.50 -9.95 10.65
C GLU D 164 -13.83 -8.61 10.87
N ASN D 165 -12.92 -8.52 11.84
CA ASN D 165 -12.18 -7.27 12.12
C ASN D 165 -10.93 -7.07 11.25
N GLU D 166 -10.71 -7.96 10.30
CA GLU D 166 -9.65 -7.78 9.27
C GLU D 166 -8.24 -7.69 9.86
N GLU D 167 -8.03 -8.34 11.00
CA GLU D 167 -6.72 -8.38 11.65
C GLU D 167 -6.05 -9.76 11.67
N SER D 168 -6.80 -10.83 11.45
CA SER D 168 -6.24 -12.18 11.35
C SER D 168 -6.59 -12.79 10.00
N PHE D 169 -5.62 -13.49 9.40
CA PHE D 169 -5.74 -14.03 8.05
C PHE D 169 -5.25 -15.44 8.00
N VAL D 170 -6.00 -16.33 7.36
CA VAL D 170 -5.59 -17.74 7.23
C VAL D 170 -5.09 -18.05 5.80
N TYR D 171 -3.84 -18.49 5.65
CA TYR D 171 -3.29 -18.87 4.34
C TYR D 171 -3.17 -20.37 4.21
N LEU D 172 -3.30 -20.88 2.98
CA LEU D 172 -3.12 -22.28 2.67
C LEU D 172 -2.02 -22.40 1.65
N ARG D 173 -1.07 -23.30 1.95
CA ARG D 173 0.08 -23.53 1.09
C ARG D 173 0.04 -24.96 0.62
N ALA D 174 -0.08 -25.15 -0.68
CA ALA D 174 -0.20 -26.49 -1.25
C ALA D 174 1.18 -26.96 -1.68
N PHE D 175 1.53 -28.17 -1.27
CA PHE D 175 2.73 -28.86 -1.77
C PHE D 175 2.34 -30.03 -2.65
N ALA D 176 1.09 -30.44 -2.54
CA ALA D 176 0.52 -31.52 -3.34
C ALA D 176 -0.98 -31.40 -3.18
N ASN D 177 -1.75 -32.20 -3.91
CA ASN D 177 -3.21 -32.17 -3.74
C ASN D 177 -3.57 -32.72 -2.35
N THR D 178 -2.72 -33.61 -1.84
CA THR D 178 -2.95 -34.29 -0.56
C THR D 178 -2.07 -33.70 0.54
N TYR D 179 -1.47 -32.53 0.31
CA TYR D 179 -0.55 -31.94 1.28
C TYR D 179 -0.67 -30.42 1.21
N ILE D 180 -1.49 -29.88 2.10
CA ILE D 180 -1.86 -28.47 2.08
C ILE D 180 -1.82 -27.97 3.52
N VAL D 181 -0.87 -27.09 3.78
CA VAL D 181 -0.57 -26.64 5.13
C VAL D 181 -1.24 -25.31 5.39
N GLY D 182 -1.84 -25.17 6.57
CA GLY D 182 -2.54 -23.94 6.94
C GLY D 182 -1.72 -23.15 7.94
N PHE D 183 -1.72 -21.84 7.80
CA PHE D 183 -1.13 -20.97 8.81
C PHE D 183 -1.89 -19.65 8.94
N VAL D 184 -1.76 -19.00 10.08
CA VAL D 184 -2.45 -17.76 10.38
C VAL D 184 -1.42 -16.67 10.42
N LYS D 185 -1.80 -15.47 10.05
CA LYS D 185 -0.95 -14.34 10.20
C LYS D 185 -1.65 -13.39 11.12
N MET D 186 -1.00 -12.98 12.18
CA MET D 186 -1.51 -12.02 13.12
C MET D 186 -0.38 -11.09 13.41
N GLY D 187 -0.54 -9.81 13.15
CA GLY D 187 0.57 -8.90 13.31
C GLY D 187 1.62 -9.36 12.34
N GLU D 188 2.87 -9.49 12.74
CA GLU D 188 3.85 -10.08 11.84
C GLU D 188 4.23 -11.50 12.22
N GLU D 189 3.42 -12.11 13.07
CA GLU D 189 3.67 -13.46 13.50
C GLU D 189 2.78 -14.49 12.85
N THR D 190 3.33 -15.60 12.44
CA THR D 190 2.52 -16.61 11.79
C THR D 190 2.64 -17.94 12.52
N PHE D 191 1.54 -18.67 12.58
CA PHE D 191 1.45 -19.90 13.37
C PHE D 191 0.75 -20.97 12.56
N ASN D 192 1.18 -22.21 12.75
CA ASN D 192 0.53 -23.33 12.14
C ASN D 192 -0.79 -23.64 12.85
N ILE D 193 -1.76 -24.09 12.07
CA ILE D 193 -3.09 -24.36 12.58
C ILE D 193 -3.29 -25.83 12.88
N THR D 194 -2.32 -26.65 12.49
CA THR D 194 -2.23 -28.03 12.90
C THR D 194 -0.93 -28.18 13.68
N PRO D 195 -0.79 -29.26 14.46
CA PRO D 195 0.37 -29.37 15.35
C PRO D 195 1.72 -29.56 14.66
N ASP D 196 1.78 -30.41 13.64
CA ASP D 196 3.04 -30.65 12.91
C ASP D 196 2.89 -30.52 11.38
N PRO D 197 3.34 -29.39 10.81
CA PRO D 197 3.27 -29.20 9.35
C PRO D 197 4.21 -30.08 8.53
N GLU D 198 5.04 -30.87 9.22
CA GLU D 198 5.95 -31.80 8.58
C GLU D 198 5.23 -33.09 8.28
N LYS D 199 4.08 -33.33 8.91
CA LYS D 199 3.24 -34.46 8.53
C LYS D 199 2.48 -34.15 7.23
N VAL D 200 2.30 -35.17 6.40
CA VAL D 200 1.55 -35.03 5.15
C VAL D 200 0.05 -35.02 5.46
N HIS D 201 -0.58 -33.88 5.23
CA HIS D 201 -1.99 -33.75 5.47
C HIS D 201 -2.53 -32.55 4.73
N VAL D 202 -3.85 -32.48 4.63
CA VAL D 202 -4.57 -31.35 4.05
C VAL D 202 -5.30 -30.57 5.13
N ALA D 203 -5.19 -29.25 5.10
CA ALA D 203 -6.15 -28.36 5.79
C ALA D 203 -6.97 -27.63 4.74
N MET D 204 -8.26 -27.48 5.01
CA MET D 204 -9.27 -27.05 4.01
C MET D 204 -10.38 -26.20 4.63
N GLU D 205 -10.94 -25.30 3.82
CA GLU D 205 -12.23 -24.67 4.09
C GLU D 205 -12.28 -24.01 5.45
N PRO D 206 -11.27 -23.21 5.78
CA PRO D 206 -11.30 -22.60 7.08
C PRO D 206 -12.34 -21.48 7.15
N VAL D 207 -12.93 -21.30 8.33
CA VAL D 207 -13.90 -20.22 8.57
C VAL D 207 -13.69 -19.62 9.94
N PHE D 208 -13.60 -18.29 10.02
CA PHE D 208 -13.63 -17.60 11.31
C PHE D 208 -15.03 -17.67 11.92
N THR D 209 -15.14 -18.13 13.15
CA THR D 209 -16.43 -18.12 13.86
C THR D 209 -16.50 -16.94 14.81
N ASP D 210 -15.33 -16.48 15.25
CA ASP D 210 -15.18 -15.15 15.81
C ASP D 210 -13.75 -14.73 15.51
N ASN D 211 -13.35 -13.53 15.92
CA ASN D 211 -12.03 -13.02 15.55
C ASN D 211 -10.85 -13.79 16.13
N GLU D 212 -11.14 -14.74 17.02
CA GLU D 212 -10.12 -15.51 17.75
C GLU D 212 -10.22 -17.01 17.50
N THR D 213 -11.15 -17.42 16.64
CA THR D 213 -11.45 -18.82 16.44
C THR D 213 -11.74 -19.13 14.98
N ILE D 214 -11.18 -20.24 14.50
CA ILE D 214 -11.50 -20.76 13.18
C ILE D 214 -11.80 -22.25 13.28
N TYR D 215 -12.74 -22.72 12.47
CA TYR D 215 -12.89 -24.14 12.22
C TYR D 215 -12.42 -24.41 10.80
N PHE D 216 -12.12 -25.66 10.52
CA PHE D 216 -11.64 -26.07 9.22
C PHE D 216 -11.71 -27.57 9.12
N ALA D 217 -11.45 -28.08 7.92
CA ALA D 217 -11.47 -29.49 7.70
C ALA D 217 -10.04 -29.94 7.48
N THR D 218 -9.67 -31.07 8.07
CA THR D 218 -8.35 -31.62 7.89
C THR D 218 -8.33 -33.11 8.12
N ASP D 219 -7.33 -33.78 7.55
CA ASP D 219 -7.14 -35.22 7.71
C ASP D 219 -5.88 -35.48 8.53
N TYR D 220 -5.48 -34.51 9.33
CA TYR D 220 -4.29 -34.61 10.16
C TYR D 220 -4.38 -35.85 11.10
N ASP D 221 -3.39 -36.74 11.01
CA ASP D 221 -3.32 -38.00 11.81
C ASP D 221 -4.55 -38.87 11.64
N SER D 222 -5.10 -38.90 10.43
CA SER D 222 -6.30 -39.69 10.15
C SER D 222 -6.36 -39.98 8.68
N ASP D 223 -7.22 -40.92 8.30
CA ASP D 223 -7.36 -41.32 6.89
C ASP D 223 -8.60 -40.70 6.23
N GLU D 224 -9.38 -39.94 7.00
CA GLU D 224 -10.55 -39.23 6.51
C GLU D 224 -10.47 -37.80 7.03
N MET D 225 -11.01 -36.84 6.28
CA MET D 225 -11.01 -35.45 6.68
C MET D 225 -12.10 -35.24 7.72
N TYR D 226 -11.76 -34.58 8.82
CA TYR D 226 -12.69 -34.36 9.92
C TYR D 226 -12.73 -32.88 10.27
N LEU D 227 -13.69 -32.51 11.11
CA LEU D 227 -13.85 -31.12 11.52
C LEU D 227 -12.91 -30.81 12.68
N ALA D 228 -12.13 -29.74 12.54
CA ALA D 228 -11.18 -29.32 13.56
C ALA D 228 -11.32 -27.83 13.84
N LYS D 229 -10.64 -27.40 14.89
CA LYS D 229 -10.77 -26.06 15.41
C LYS D 229 -9.41 -25.61 15.86
N PHE D 230 -9.11 -24.34 15.66
CA PHE D 230 -7.87 -23.75 16.12
C PHE D 230 -8.16 -22.42 16.83
N ASP D 231 -7.66 -22.26 18.04
CA ASP D 231 -7.90 -21.06 18.82
C ASP D 231 -6.71 -20.14 18.65
N LEU D 232 -6.96 -18.94 18.17
CA LEU D 232 -5.85 -18.02 17.86
C LEU D 232 -5.17 -17.49 19.12
N THR D 233 -5.92 -17.44 20.22
CA THR D 233 -5.42 -16.92 21.49
C THR D 233 -4.54 -17.96 22.19
N SER D 234 -5.12 -19.13 22.49
CA SER D 234 -4.37 -20.21 23.15
C SER D 234 -3.53 -21.10 22.21
N LYS D 235 -3.52 -20.79 20.91
CA LYS D 235 -2.82 -21.61 19.92
C LYS D 235 -3.23 -23.08 20.02
N GLU D 236 -4.50 -23.35 20.31
CA GLU D 236 -4.94 -24.69 20.58
CA GLU D 236 -4.99 -24.69 20.60
C GLU D 236 -5.66 -25.31 19.37
N PHE D 237 -5.12 -26.44 18.91
CA PHE D 237 -5.72 -27.22 17.86
C PHE D 237 -6.52 -28.36 18.50
N SER D 238 -7.73 -28.59 18.00
CA SER D 238 -8.64 -29.58 18.58
C SER D 238 -9.34 -30.40 17.49
N LYS D 239 -9.51 -31.70 17.71
CA LYS D 239 -10.37 -32.52 16.86
C LYS D 239 -11.79 -32.47 17.39
N VAL D 240 -12.67 -31.83 16.64
CA VAL D 240 -14.03 -31.57 17.09
C VAL D 240 -14.98 -32.70 16.67
N LEU D 241 -14.98 -33.03 15.37
CA LEU D 241 -16.02 -33.92 14.80
C LEU D 241 -15.53 -34.72 13.58
N ALA D 242 -15.76 -36.03 13.61
CA ALA D 242 -15.33 -36.95 12.54
C ALA D 242 -16.46 -37.89 12.22
N PHE D 243 -16.45 -38.41 10.99
CA PHE D 243 -17.51 -39.25 10.45
C PHE D 243 -16.89 -40.53 9.99
N ASP D 244 -17.37 -41.66 10.49
CA ASP D 244 -16.80 -42.95 10.12
C ASP D 244 -16.84 -43.18 8.60
N GLY D 245 -15.68 -43.43 7.99
CA GLY D 245 -15.59 -43.77 6.57
C GLY D 245 -16.05 -42.71 5.57
N GLU D 246 -16.05 -41.45 6.00
CA GLU D 246 -16.47 -40.32 5.18
C GLU D 246 -15.54 -39.13 5.39
N SER D 247 -15.28 -38.38 4.32
CA SER D 247 -14.42 -37.19 4.41
C SER D 247 -15.23 -35.91 4.24
N ILE D 248 -15.08 -34.98 5.17
CA ILE D 248 -15.65 -33.66 4.98
C ILE D 248 -14.92 -32.97 3.82
N GLN D 249 -15.69 -32.44 2.88
CA GLN D 249 -15.14 -31.64 1.77
C GLN D 249 -15.73 -30.25 1.70
N SER D 250 -16.79 -29.98 2.48
CA SER D 250 -17.36 -28.65 2.57
C SER D 250 -17.77 -28.29 3.99
N VAL D 251 -17.49 -27.05 4.38
CA VAL D 251 -17.75 -26.55 5.74
C VAL D 251 -18.43 -25.18 5.66
N LYS D 252 -19.67 -25.08 6.14
CA LYS D 252 -20.42 -23.84 6.06
C LYS D 252 -21.01 -23.37 7.38
N TRP D 253 -20.57 -22.20 7.82
CA TRP D 253 -21.01 -21.62 9.08
C TRP D 253 -22.35 -20.88 8.92
N ASP D 254 -23.38 -21.37 9.61
CA ASP D 254 -24.63 -20.63 9.80
C ASP D 254 -24.56 -19.86 11.09
N LYS D 255 -24.06 -18.63 11.02
CA LYS D 255 -23.74 -17.82 12.21
C LYS D 255 -24.88 -17.67 13.24
N ASP D 256 -26.06 -17.26 12.78
CA ASP D 256 -27.16 -16.96 13.69
C ASP D 256 -27.69 -18.19 14.45
N ASN D 257 -27.59 -19.38 13.87
CA ASN D 257 -27.94 -20.59 14.59
C ASN D 257 -26.76 -21.23 15.33
N LYS D 258 -25.59 -20.60 15.26
CA LYS D 258 -24.33 -21.22 15.66
C LYS D 258 -24.32 -22.69 15.26
N ALA D 259 -24.54 -22.94 13.97
CA ALA D 259 -24.48 -24.28 13.40
C ALA D 259 -23.58 -24.35 12.19
N PHE D 260 -23.09 -25.56 11.94
CA PHE D 260 -22.31 -25.88 10.75
C PHE D 260 -23.14 -26.78 9.81
N TYR D 261 -23.05 -26.52 8.51
CA TYR D 261 -23.49 -27.51 7.51
C TYR D 261 -22.25 -28.09 6.87
N LEU D 262 -22.27 -29.41 6.77
CA LEU D 262 -21.09 -30.18 6.41
C LEU D 262 -21.48 -31.16 5.34
N ILE D 263 -20.72 -31.20 4.26
CA ILE D 263 -20.93 -32.21 3.24
C ILE D 263 -19.77 -33.17 3.26
N THR D 264 -20.07 -34.46 3.26
CA THR D 264 -19.03 -35.45 3.19
C THR D 264 -19.10 -36.19 1.87
N VAL D 265 -18.00 -36.85 1.55
CA VAL D 265 -17.91 -37.78 0.43
C VAL D 265 -17.96 -39.21 0.99
N LYS D 266 -18.91 -39.99 0.50
CA LYS D 266 -18.98 -41.42 0.80
C LYS D 266 -18.94 -42.18 -0.53
N GLY D 267 -17.74 -42.48 -0.98
CA GLY D 267 -17.56 -43.11 -2.28
C GLY D 267 -18.15 -42.29 -3.41
N VAL D 268 -19.20 -42.81 -4.04
CA VAL D 268 -19.76 -42.18 -5.21
C VAL D 268 -20.91 -41.21 -4.94
N THR D 269 -21.24 -40.93 -3.67
CA THR D 269 -22.22 -39.87 -3.34
C THR D 269 -21.73 -38.93 -2.26
N ASP D 270 -22.43 -37.79 -2.18
CA ASP D 270 -22.26 -36.84 -1.10
C ASP D 270 -23.40 -36.99 -0.07
N ILE D 271 -23.09 -36.67 1.20
CA ILE D 271 -24.07 -36.69 2.29
C ILE D 271 -24.00 -35.35 3.01
N LEU D 272 -25.15 -34.84 3.43
CA LEU D 272 -25.19 -33.56 4.16
C LEU D 272 -25.58 -33.77 5.64
N TYR D 273 -24.85 -33.12 6.53
CA TYR D 273 -25.12 -33.22 7.96
C TYR D 273 -25.22 -31.83 8.53
N ARG D 274 -26.01 -31.68 9.59
CA ARG D 274 -26.03 -30.45 10.37
C ARG D 274 -25.40 -30.70 11.73
N TYR D 275 -24.44 -29.85 12.13
CA TYR D 275 -23.81 -29.99 13.44
C TYR D 275 -24.12 -28.77 14.31
N ASP D 276 -24.80 -29.02 15.42
CA ASP D 276 -25.22 -27.99 16.36
C ASP D 276 -24.11 -27.82 17.39
N VAL D 277 -23.48 -26.65 17.41
CA VAL D 277 -22.28 -26.46 18.22
C VAL D 277 -22.60 -26.39 19.72
N ALA D 278 -23.52 -25.52 20.13
CA ALA D 278 -23.88 -25.38 21.55
C ALA D 278 -24.27 -26.71 22.19
N THR D 279 -24.99 -27.56 21.46
CA THR D 279 -25.44 -28.87 21.95
C THR D 279 -24.63 -30.08 21.46
N ASP D 280 -23.59 -29.86 20.67
CA ASP D 280 -22.77 -30.96 20.11
C ASP D 280 -23.65 -32.10 19.56
N LYS D 281 -24.66 -31.78 18.76
CA LYS D 281 -25.47 -32.81 18.09
C LYS D 281 -25.42 -32.73 16.56
N VAL D 282 -25.50 -33.91 15.93
CA VAL D 282 -25.46 -34.06 14.49
C VAL D 282 -26.80 -34.52 13.96
N GLU D 283 -27.44 -33.69 13.13
CA GLU D 283 -28.64 -34.09 12.40
C GLU D 283 -28.23 -34.48 10.98
N GLU D 284 -28.64 -35.67 10.57
CA GLU D 284 -28.42 -36.14 9.22
C GLU D 284 -29.50 -35.48 8.35
N CYS D 285 -29.09 -34.78 7.31
CA CYS D 285 -30.03 -34.18 6.38
C CYS D 285 -30.22 -35.12 5.21
N SER D 286 -31.14 -34.77 4.32
CA SER D 286 -31.32 -35.53 3.08
C SER D 286 -31.12 -34.57 1.94
N LEU D 287 -30.56 -35.09 0.86
CA LEU D 287 -30.20 -34.27 -0.29
C LEU D 287 -31.07 -34.71 -1.43
N PRO D 288 -31.58 -33.74 -2.22
CA PRO D 288 -32.37 -34.08 -3.39
C PRO D 288 -31.53 -34.64 -4.53
N VAL D 289 -30.21 -34.49 -4.47
CA VAL D 289 -29.33 -35.06 -5.51
C VAL D 289 -28.15 -35.85 -4.94
N ASP D 290 -27.55 -36.67 -5.77
CA ASP D 290 -26.41 -37.48 -5.34
C ASP D 290 -25.09 -36.69 -5.20
N ILE D 291 -24.82 -35.72 -6.07
CA ILE D 291 -23.53 -34.99 -6.06
C ILE D 291 -23.73 -33.47 -5.93
N ILE D 292 -22.98 -32.84 -5.04
CA ILE D 292 -23.06 -31.39 -4.84
C ILE D 292 -21.88 -30.63 -5.45
N GLU D 293 -22.21 -29.60 -6.22
CA GLU D 293 -21.22 -28.74 -6.86
C GLU D 293 -20.91 -27.51 -6.01
N GLN D 294 -21.90 -27.05 -5.27
CA GLN D 294 -21.73 -25.83 -4.51
C GLN D 294 -22.85 -25.73 -3.53
N ILE D 295 -22.57 -25.08 -2.42
CA ILE D 295 -23.55 -24.90 -1.33
C ILE D 295 -23.36 -23.54 -0.73
N GLN D 296 -24.47 -22.82 -0.52
CA GLN D 296 -24.43 -21.55 0.19
CA GLN D 296 -24.44 -21.54 0.17
C GLN D 296 -25.50 -21.51 1.28
N VAL D 297 -25.16 -20.87 2.40
CA VAL D 297 -26.08 -20.69 3.52
C VAL D 297 -26.40 -19.21 3.63
N ALA D 298 -27.67 -18.88 3.50
CA ALA D 298 -28.08 -17.49 3.57
C ALA D 298 -28.07 -17.03 5.02
N LYS D 299 -27.91 -15.72 5.22
CA LYS D 299 -28.04 -15.11 6.56
C LYS D 299 -29.22 -15.70 7.37
N SER D 300 -30.37 -15.87 6.74
CA SER D 300 -31.54 -16.44 7.40
C SER D 300 -31.40 -17.89 7.86
N GLY D 301 -30.42 -18.62 7.33
CA GLY D 301 -30.29 -20.06 7.61
C GLY D 301 -30.75 -20.93 6.45
N ASN D 302 -31.43 -20.35 5.48
CA ASN D 302 -31.81 -21.10 4.29
C ASN D 302 -30.61 -21.63 3.53
N LEU D 303 -30.83 -22.75 2.87
CA LEU D 303 -29.78 -23.55 2.30
C LEU D 303 -30.00 -23.61 0.81
N TYR D 304 -28.96 -23.32 0.04
CA TYR D 304 -29.00 -23.40 -1.40
C TYR D 304 -27.90 -24.31 -1.89
N ILE D 305 -28.25 -25.22 -2.78
CA ILE D 305 -27.26 -26.09 -3.37
C ILE D 305 -27.36 -26.17 -4.89
N LEU D 306 -26.23 -26.52 -5.49
CA LEU D 306 -26.18 -26.87 -6.90
C LEU D 306 -25.63 -28.27 -6.99
N GLY D 307 -26.35 -29.13 -7.69
CA GLY D 307 -25.83 -30.43 -7.96
C GLY D 307 -26.61 -31.22 -8.98
N ARG D 308 -26.32 -32.52 -9.01
CA ARG D 308 -26.84 -33.40 -10.03
C ARG D 308 -26.82 -34.87 -9.56
N SER D 309 -27.35 -35.74 -10.39
CA SER D 309 -27.33 -37.19 -10.14
C SER D 309 -27.19 -37.84 -11.49
N ALA D 310 -26.89 -39.13 -11.53
CA ALA D 310 -26.73 -39.84 -12.79
C ALA D 310 -27.83 -39.51 -13.81
N THR D 311 -29.06 -39.38 -13.34
CA THR D 311 -30.23 -39.16 -14.20
C THR D 311 -30.90 -37.80 -14.04
N VAL D 312 -30.23 -36.87 -13.37
CA VAL D 312 -30.78 -35.55 -13.15
C VAL D 312 -29.69 -34.53 -13.43
N PRO D 313 -29.90 -33.67 -14.44
CA PRO D 313 -28.89 -32.65 -14.77
C PRO D 313 -28.67 -31.62 -13.66
N HIS D 314 -27.62 -30.81 -13.85
CA HIS D 314 -27.26 -29.75 -12.90
C HIS D 314 -28.47 -28.87 -12.60
N ASN D 315 -28.79 -28.73 -11.32
CA ASN D 315 -29.95 -27.98 -10.91
C ASN D 315 -29.72 -27.38 -9.55
N VAL D 316 -30.45 -26.31 -9.24
CA VAL D 316 -30.30 -25.54 -8.00
C VAL D 316 -31.54 -25.76 -7.15
N TYR D 317 -31.35 -25.99 -5.87
CA TYR D 317 -32.44 -26.36 -4.95
C TYR D 317 -32.34 -25.48 -3.72
N GLN D 318 -33.46 -25.29 -3.04
CA GLN D 318 -33.55 -24.41 -1.87
C GLN D 318 -34.22 -25.16 -0.70
N SER D 319 -33.78 -24.90 0.52
CA SER D 319 -34.42 -25.52 1.69
C SER D 319 -34.41 -24.61 2.92
N SER D 320 -35.50 -24.65 3.68
CA SER D 320 -35.56 -24.07 5.05
C SER D 320 -34.69 -24.86 6.03
N ASN D 321 -34.82 -26.19 5.98
CA ASN D 321 -34.42 -27.08 7.07
C ASN D 321 -33.60 -28.28 6.61
N GLY D 322 -32.97 -28.18 5.44
CA GLY D 322 -32.17 -29.28 4.91
C GLY D 322 -32.86 -30.59 4.53
N VAL D 323 -34.16 -30.74 4.78
CA VAL D 323 -34.84 -32.02 4.51
C VAL D 323 -35.73 -31.93 3.26
N GLU D 324 -36.70 -31.01 3.27
CA GLU D 324 -37.59 -30.79 2.12
C GLU D 324 -36.93 -29.77 1.21
N TRP D 325 -36.84 -30.09 -0.08
CA TRP D 325 -36.16 -29.21 -1.03
C TRP D 325 -37.10 -28.68 -2.09
N LYS D 326 -36.93 -27.42 -2.42
CA LYS D 326 -37.59 -26.82 -3.58
C LYS D 326 -36.57 -26.71 -4.72
N GLN D 327 -36.88 -27.38 -5.82
CA GLN D 327 -36.09 -27.30 -7.04
C GLN D 327 -36.42 -25.98 -7.76
N LEU D 328 -35.46 -25.09 -7.83
CA LEU D 328 -35.66 -23.76 -8.40
C LEU D 328 -35.50 -23.77 -9.92
N THR D 329 -34.37 -24.29 -10.40
CA THR D 329 -34.16 -24.41 -11.86
C THR D 329 -34.83 -25.66 -12.41
N ASN D 330 -35.09 -25.68 -13.70
CA ASN D 330 -35.71 -26.81 -14.39
C ASN D 330 -34.93 -27.29 -15.58
N ASN D 331 -33.67 -27.61 -15.34
CA ASN D 331 -32.80 -28.02 -16.39
C ASN D 331 -32.97 -29.51 -16.60
N ARG D 332 -33.57 -29.88 -17.72
CA ARG D 332 -34.00 -31.25 -18.02
C ARG D 332 -33.36 -31.77 -19.30
N VAL D 333 -33.50 -33.06 -19.51
CA VAL D 333 -33.16 -33.65 -20.80
C VAL D 333 -34.41 -33.62 -21.67
N LEU D 334 -34.30 -33.08 -22.88
CA LEU D 334 -35.44 -32.85 -23.76
C LEU D 334 -36.39 -34.05 -23.89
N GLY D 335 -37.59 -33.90 -23.34
CA GLY D 335 -38.63 -34.90 -23.47
C GLY D 335 -38.54 -36.07 -22.51
N LEU D 336 -37.47 -36.16 -21.74
CA LEU D 336 -37.25 -37.30 -20.86
C LEU D 336 -37.35 -36.98 -19.39
N SER D 337 -37.50 -38.05 -18.62
CA SER D 337 -37.47 -38.01 -17.17
C SER D 337 -36.39 -38.98 -16.72
N PRO D 338 -36.01 -38.92 -15.44
CA PRO D 338 -35.05 -39.85 -14.83
C PRO D 338 -35.21 -41.30 -15.23
N GLU D 339 -36.45 -41.76 -15.25
CA GLU D 339 -36.74 -43.17 -15.50
C GLU D 339 -36.42 -43.57 -16.93
N ASP D 340 -36.39 -42.60 -17.83
CA ASP D 340 -35.97 -42.86 -19.21
C ASP D 340 -34.46 -43.02 -19.35
N MET D 341 -33.72 -42.75 -18.29
CA MET D 341 -32.27 -42.83 -18.32
C MET D 341 -31.81 -43.99 -17.43
N VAL D 342 -30.49 -44.18 -17.30
CA VAL D 342 -29.95 -45.35 -16.60
C VAL D 342 -29.15 -44.98 -15.36
N GLU D 343 -29.53 -45.55 -14.20
CA GLU D 343 -28.73 -45.43 -12.97
C GLU D 343 -27.63 -46.52 -13.00
N PRO D 344 -26.40 -46.14 -12.64
CA PRO D 344 -25.33 -47.14 -12.64
C PRO D 344 -25.46 -48.08 -11.47
N ASP D 345 -25.06 -49.32 -11.68
CA ASP D 345 -24.93 -50.25 -10.58
C ASP D 345 -23.56 -49.96 -9.97
N ILE D 346 -23.46 -50.00 -8.65
CA ILE D 346 -22.18 -49.91 -7.97
C ILE D 346 -21.62 -51.33 -7.82
N VAL D 347 -20.32 -51.45 -7.98
CA VAL D 347 -19.71 -52.72 -8.25
C VAL D 347 -18.28 -52.63 -7.76
N SER D 348 -17.66 -53.76 -7.42
CA SER D 348 -16.27 -53.75 -6.99
C SER D 348 -15.61 -55.04 -7.36
N TYR D 349 -14.36 -54.92 -7.80
CA TYR D 349 -13.56 -56.04 -8.16
C TYR D 349 -12.23 -55.93 -7.44
N THR D 350 -11.53 -57.07 -7.41
CA THR D 350 -10.25 -57.19 -6.73
C THR D 350 -9.14 -56.97 -7.75
N SER D 351 -8.13 -56.20 -7.39
CA SER D 351 -7.09 -55.81 -8.35
C SER D 351 -5.79 -56.60 -8.15
N PHE D 352 -4.74 -56.20 -8.87
CA PHE D 352 -3.51 -56.98 -8.98
C PHE D 352 -2.86 -57.29 -7.62
N ASP D 353 -2.98 -56.39 -6.65
CA ASP D 353 -2.38 -56.60 -5.32
C ASP D 353 -3.41 -56.92 -4.24
N GLY D 354 -4.65 -57.22 -4.62
CA GLY D 354 -5.70 -57.56 -3.66
C GLY D 354 -6.53 -56.37 -3.22
N MET D 355 -6.10 -55.17 -3.62
CA MET D 355 -6.86 -53.94 -3.36
C MET D 355 -8.24 -54.03 -4.01
N GLU D 356 -9.28 -53.74 -3.24
CA GLU D 356 -10.64 -53.69 -3.79
C GLU D 356 -10.84 -52.31 -4.49
N ILE D 357 -11.36 -52.35 -5.70
CA ILE D 357 -11.60 -51.16 -6.53
C ILE D 357 -13.08 -51.07 -6.79
N GLU D 358 -13.72 -49.99 -6.34
CA GLU D 358 -15.12 -49.73 -6.64
C GLU D 358 -15.28 -49.10 -8.03
N ALA D 359 -16.44 -49.30 -8.64
CA ALA D 359 -16.69 -48.84 -10.00
C ALA D 359 -18.18 -48.72 -10.30
N LEU D 360 -18.51 -47.81 -11.23
CA LEU D 360 -19.87 -47.64 -11.73
C LEU D 360 -20.04 -48.35 -13.07
N LEU D 361 -21.12 -49.10 -13.18
CA LEU D 361 -21.45 -49.83 -14.39
C LEU D 361 -22.81 -49.39 -14.85
N PHE D 362 -22.86 -48.76 -16.01
CA PHE D 362 -24.12 -48.36 -16.61
C PHE D 362 -24.50 -49.39 -17.64
N LYS D 363 -25.52 -50.19 -17.36
CA LYS D 363 -25.98 -51.21 -18.31
C LYS D 363 -26.89 -50.60 -19.35
N ALA D 364 -26.60 -50.85 -20.62
CA ALA D 364 -27.53 -50.46 -21.67
C ALA D 364 -28.87 -51.14 -21.45
N LYS D 365 -29.94 -50.45 -21.80
CA LYS D 365 -31.27 -51.02 -21.72
C LYS D 365 -31.45 -52.05 -22.85
N PRO D 366 -32.04 -53.22 -22.53
CA PRO D 366 -32.33 -54.30 -23.48
C PRO D 366 -32.77 -53.86 -24.89
N GLU D 367 -33.64 -52.86 -24.99
CA GLU D 367 -34.21 -52.45 -26.28
C GLU D 367 -33.24 -51.61 -27.11
N ASN D 368 -32.23 -51.01 -26.45
CA ASN D 368 -31.19 -50.22 -27.12
C ASN D 368 -29.86 -50.96 -27.29
N ASP D 369 -29.55 -51.89 -26.39
CA ASP D 369 -28.21 -52.48 -26.33
C ASP D 369 -27.63 -52.83 -27.70
N ASN D 370 -26.49 -52.25 -28.02
CA ASN D 370 -25.80 -52.51 -29.29
C ASN D 370 -24.68 -53.54 -29.12
N GLY D 371 -24.52 -54.07 -27.90
CA GLY D 371 -23.53 -55.11 -27.63
C GLY D 371 -22.13 -54.64 -27.24
N TYR D 372 -21.84 -53.36 -27.45
CA TYR D 372 -20.52 -52.81 -27.16
C TYR D 372 -20.51 -52.13 -25.79
N THR D 373 -19.30 -51.98 -25.27
CA THR D 373 -19.05 -51.34 -24.00
C THR D 373 -18.03 -50.25 -24.20
N ILE D 374 -18.16 -49.18 -23.42
CA ILE D 374 -17.15 -48.14 -23.36
C ILE D 374 -16.49 -48.19 -22.01
N PHE D 375 -15.16 -48.18 -22.01
CA PHE D 375 -14.39 -48.23 -20.77
C PHE D 375 -13.85 -46.84 -20.55
N TRP D 376 -14.17 -46.26 -19.40
CA TRP D 376 -13.98 -44.85 -19.18
C TRP D 376 -13.16 -44.60 -17.92
N PRO D 377 -11.86 -44.29 -18.09
CA PRO D 377 -11.10 -43.89 -16.90
C PRO D 377 -11.34 -42.40 -16.65
N HIS D 378 -11.78 -42.03 -15.46
CA HIS D 378 -12.15 -40.63 -15.18
C HIS D 378 -10.91 -39.74 -15.17
N GLY D 379 -11.16 -38.44 -15.34
CA GLY D 379 -10.11 -37.43 -15.29
C GLY D 379 -9.68 -37.11 -13.88
N GLY D 380 -8.68 -36.26 -13.74
CA GLY D 380 -8.08 -36.02 -12.44
C GLY D 380 -6.56 -36.02 -12.55
N PRO D 381 -5.89 -37.08 -12.04
CA PRO D 381 -6.41 -38.32 -11.44
C PRO D 381 -6.91 -38.28 -9.99
N GLN D 382 -6.56 -37.27 -9.19
CA GLN D 382 -7.02 -37.23 -7.79
C GLN D 382 -8.39 -36.60 -7.76
N SER D 383 -9.24 -37.17 -8.61
CA SER D 383 -10.66 -36.88 -8.71
C SER D 383 -11.43 -38.20 -8.65
N ALA D 384 -12.67 -38.22 -9.13
CA ALA D 384 -13.43 -39.47 -9.17
C ALA D 384 -14.58 -39.44 -10.18
N GLU D 385 -15.04 -40.65 -10.50
CA GLU D 385 -16.32 -40.82 -11.19
C GLU D 385 -17.35 -41.17 -10.13
N ARG D 386 -18.50 -40.51 -10.22
CA ARG D 386 -19.49 -40.54 -9.16
C ARG D 386 -20.85 -40.46 -9.83
N LYS D 387 -21.90 -40.69 -9.04
CA LYS D 387 -23.29 -40.63 -9.52
C LYS D 387 -23.62 -39.16 -9.85
N MET D 388 -22.98 -38.67 -10.91
CA MET D 388 -23.04 -37.26 -11.31
C MET D 388 -23.48 -37.21 -12.77
N PHE D 389 -24.34 -36.26 -13.11
CA PHE D 389 -24.82 -36.16 -14.46
C PHE D 389 -23.74 -35.65 -15.43
N ARG D 390 -23.55 -36.41 -16.51
CA ARG D 390 -22.87 -35.92 -17.71
C ARG D 390 -23.75 -36.37 -18.88
N SER D 391 -24.22 -35.41 -19.67
CA SER D 391 -25.15 -35.68 -20.78
C SER D 391 -24.49 -36.59 -21.80
N MET D 392 -23.16 -36.55 -21.81
CA MET D 392 -22.35 -37.47 -22.58
C MET D 392 -22.70 -38.92 -22.27
N PHE D 393 -22.54 -39.37 -21.01
CA PHE D 393 -22.80 -40.78 -20.68
C PHE D 393 -24.17 -41.19 -21.17
N GLN D 394 -25.21 -40.45 -20.76
CA GLN D 394 -26.57 -40.86 -21.05
C GLN D 394 -26.82 -40.82 -22.53
N CYS D 395 -26.11 -39.96 -23.23
CA CYS D 395 -26.20 -39.91 -24.67
C CYS D 395 -25.69 -41.22 -25.27
N PHE D 396 -24.53 -41.68 -24.80
CA PHE D 396 -23.95 -42.93 -25.28
C PHE D 396 -24.76 -44.16 -24.85
N ILE D 397 -25.39 -44.09 -23.68
CA ILE D 397 -26.22 -45.21 -23.21
C ILE D 397 -27.48 -45.34 -24.04
N ASN D 398 -28.04 -44.22 -24.46
CA ASN D 398 -29.18 -44.21 -25.33
C ASN D 398 -28.88 -44.86 -26.69
N ARG D 399 -27.74 -44.54 -27.27
CA ARG D 399 -27.31 -45.16 -28.53
C ARG D 399 -27.01 -46.64 -28.34
N GLY D 400 -26.85 -47.07 -27.09
CA GLY D 400 -26.82 -48.50 -26.77
C GLY D 400 -25.55 -49.06 -26.16
N TYR D 401 -24.59 -48.19 -25.84
CA TYR D 401 -23.36 -48.59 -25.18
C TYR D 401 -23.59 -48.82 -23.71
N THR D 402 -22.89 -49.81 -23.18
CA THR D 402 -22.70 -50.02 -21.76
C THR D 402 -21.42 -49.29 -21.40
N ILE D 403 -21.41 -48.62 -20.25
CA ILE D 403 -20.24 -47.86 -19.82
C ILE D 403 -19.75 -48.34 -18.44
N PHE D 404 -18.44 -48.47 -18.31
CA PHE D 404 -17.84 -48.88 -17.05
C PHE D 404 -16.78 -47.87 -16.63
N ALA D 405 -16.90 -47.36 -15.42
CA ALA D 405 -16.00 -46.31 -14.93
C ALA D 405 -15.54 -46.69 -13.54
N PRO D 406 -14.28 -47.13 -13.43
CA PRO D 406 -13.77 -47.58 -12.14
C PRO D 406 -13.01 -46.49 -11.42
N ASN D 407 -13.03 -46.55 -10.09
CA ASN D 407 -12.31 -45.59 -9.26
C ASN D 407 -11.01 -46.17 -8.79
N PHE D 408 -10.06 -46.16 -9.73
CA PHE D 408 -8.72 -46.70 -9.57
C PHE D 408 -7.95 -45.93 -8.50
N ARG D 409 -6.86 -46.52 -8.01
CA ARG D 409 -6.08 -45.90 -6.93
C ARG D 409 -5.63 -44.50 -7.34
N GLY D 410 -5.79 -43.54 -6.43
CA GLY D 410 -5.61 -42.14 -6.74
C GLY D 410 -6.95 -41.42 -6.72
N SER D 411 -8.03 -42.17 -6.90
CA SER D 411 -9.36 -41.59 -6.81
C SER D 411 -9.61 -41.07 -5.40
N THR D 412 -10.42 -40.02 -5.33
CA THR D 412 -10.95 -39.47 -4.09
C THR D 412 -12.17 -40.25 -3.65
N GLY D 413 -12.54 -40.12 -2.39
CA GLY D 413 -13.73 -40.75 -1.84
C GLY D 413 -13.53 -42.10 -1.14
N TYR D 414 -12.28 -42.54 -1.02
CA TYR D 414 -11.97 -43.81 -0.33
C TYR D 414 -10.79 -43.59 0.61
N GLY D 415 -10.67 -42.35 1.08
CA GLY D 415 -9.74 -41.96 2.15
C GLY D 415 -8.44 -41.33 1.66
N SER D 416 -7.74 -40.68 2.58
CA SER D 416 -6.46 -40.05 2.28
C SER D 416 -5.40 -40.96 1.71
N ALA D 417 -5.34 -42.21 2.16
CA ALA D 417 -4.27 -43.14 1.75
C ALA D 417 -4.46 -43.61 0.31
N PHE D 418 -5.71 -43.89 -0.05
CA PHE D 418 -6.05 -44.33 -1.39
C PHE D 418 -5.72 -43.22 -2.40
N THR D 419 -6.11 -42.00 -2.08
CA THR D 419 -5.89 -40.85 -2.95
C THR D 419 -4.42 -40.68 -3.30
N LYS D 420 -3.54 -41.03 -2.37
CA LYS D 420 -2.11 -40.79 -2.56
C LYS D 420 -1.41 -41.77 -3.50
N LEU D 421 -2.06 -42.88 -3.82
CA LEU D 421 -1.38 -43.97 -4.53
C LEU D 421 -0.96 -43.65 -5.96
N VAL D 422 -1.61 -42.68 -6.59
CA VAL D 422 -1.20 -42.24 -7.93
C VAL D 422 0.01 -41.29 -7.84
N GLU D 423 0.31 -40.78 -6.66
CA GLU D 423 1.46 -39.86 -6.51
C GLU D 423 2.79 -40.57 -6.83
N LEU D 424 3.54 -40.00 -7.78
CA LEU D 424 4.75 -40.64 -8.31
C LEU D 424 4.50 -42.00 -8.99
N ASP D 425 3.27 -42.24 -9.43
CA ASP D 425 2.89 -43.50 -10.09
C ASP D 425 1.64 -43.34 -10.96
N TRP D 426 1.78 -42.60 -12.05
CA TRP D 426 0.68 -42.37 -12.98
C TRP D 426 0.42 -43.55 -13.91
N GLY D 427 1.45 -44.31 -14.26
CA GLY D 427 1.32 -45.35 -15.29
C GLY D 427 1.50 -46.80 -14.91
N GLU D 428 1.56 -47.13 -13.62
CA GLU D 428 1.70 -48.52 -13.18
C GLU D 428 0.46 -48.95 -12.41
N GLY D 429 0.40 -48.59 -11.13
CA GLY D 429 -0.72 -48.98 -10.26
C GLY D 429 -2.11 -48.75 -10.85
N PRO D 430 -2.47 -47.48 -11.16
CA PRO D 430 -3.78 -47.22 -11.76
C PRO D 430 -4.00 -47.98 -13.08
N ARG D 431 -2.99 -48.00 -13.93
CA ARG D 431 -3.09 -48.76 -15.18
C ARG D 431 -3.49 -50.20 -14.90
N LEU D 432 -2.86 -50.83 -13.91
CA LEU D 432 -3.16 -52.22 -13.63
C LEU D 432 -4.56 -52.39 -13.07
N ASP D 433 -5.03 -51.43 -12.26
CA ASP D 433 -6.44 -51.44 -11.81
C ASP D 433 -7.38 -51.39 -13.00
N CYS D 434 -7.04 -50.59 -14.01
CA CYS D 434 -7.84 -50.51 -15.22
C CYS D 434 -7.89 -51.86 -15.91
N ILE D 435 -6.73 -52.49 -16.06
CA ILE D 435 -6.66 -53.85 -16.64
C ILE D 435 -7.50 -54.87 -15.87
N ALA D 436 -7.37 -54.86 -14.55
CA ALA D 436 -8.12 -55.82 -13.76
C ALA D 436 -9.62 -55.61 -13.95
N GLY D 437 -10.04 -54.35 -14.05
CA GLY D 437 -11.45 -54.02 -14.28
C GLY D 437 -11.94 -54.45 -15.65
N ILE D 438 -11.09 -54.32 -16.66
CA ILE D 438 -11.45 -54.81 -17.99
C ILE D 438 -11.63 -56.32 -17.94
N GLU D 439 -10.70 -57.01 -17.25
CA GLU D 439 -10.80 -58.46 -17.09
C GLU D 439 -12.05 -58.83 -16.29
N TRP D 440 -12.39 -58.03 -15.27
CA TRP D 440 -13.61 -58.33 -14.52
C TRP D 440 -14.82 -58.20 -15.44
N LEU D 441 -14.81 -57.21 -16.33
CA LEU D 441 -15.92 -57.05 -17.27
C LEU D 441 -16.16 -58.32 -18.11
N PHE D 442 -15.10 -58.84 -18.71
CA PHE D 442 -15.21 -60.05 -19.51
C PHE D 442 -15.78 -61.21 -18.69
N GLU D 443 -15.24 -61.43 -17.50
CA GLU D 443 -15.69 -62.51 -16.63
C GLU D 443 -17.15 -62.35 -16.15
N SER D 444 -17.65 -61.12 -16.07
CA SER D 444 -19.01 -60.89 -15.62
C SER D 444 -20.04 -61.11 -16.72
N GLY D 445 -19.58 -61.09 -17.97
CA GLY D 445 -20.47 -61.25 -19.12
C GLY D 445 -21.19 -59.99 -19.58
N PHE D 446 -20.92 -58.85 -18.95
CA PHE D 446 -21.54 -57.57 -19.33
C PHE D 446 -20.77 -56.84 -20.44
N THR D 447 -19.63 -57.40 -20.83
CA THR D 447 -18.86 -56.96 -21.97
C THR D 447 -18.42 -58.22 -22.69
N ASP D 448 -18.39 -58.17 -24.01
CA ASP D 448 -17.89 -59.25 -24.83
C ASP D 448 -16.55 -58.83 -25.37
N ARG D 449 -15.56 -59.72 -25.33
CA ARG D 449 -14.26 -59.47 -25.97
C ARG D 449 -14.47 -59.03 -27.40
N ASN D 450 -13.61 -58.18 -27.90
CA ASN D 450 -13.78 -57.61 -29.24
C ASN D 450 -14.92 -56.56 -29.33
N LYS D 451 -15.57 -56.24 -28.21
CA LYS D 451 -16.61 -55.22 -28.22
C LYS D 451 -16.42 -54.20 -27.10
N LEU D 452 -15.16 -53.75 -26.97
CA LEU D 452 -14.76 -52.83 -25.93
C LEU D 452 -14.16 -51.60 -26.57
N PHE D 453 -14.77 -50.44 -26.32
CA PHE D 453 -14.20 -49.16 -26.72
C PHE D 453 -13.57 -48.48 -25.52
N LEU D 454 -12.63 -47.58 -25.79
CA LEU D 454 -11.88 -46.92 -24.74
C LEU D 454 -11.97 -45.39 -24.96
N VAL D 455 -12.49 -44.70 -23.94
CA VAL D 455 -12.72 -43.27 -24.00
C VAL D 455 -12.28 -42.62 -22.69
N GLY D 456 -11.51 -41.53 -22.77
CA GLY D 456 -11.12 -40.78 -21.57
C GLY D 456 -10.69 -39.34 -21.85
N GLY D 457 -10.72 -38.51 -20.79
CA GLY D 457 -10.33 -37.11 -20.88
C GLY D 457 -9.39 -36.68 -19.77
N SER D 458 -8.48 -35.76 -20.10
CA SER D 458 -7.45 -35.29 -19.17
C SER D 458 -6.63 -36.49 -18.69
N TYR D 459 -6.46 -36.69 -17.39
CA TYR D 459 -5.78 -37.88 -16.93
C TYR D 459 -6.37 -39.13 -17.58
N GLY D 460 -7.66 -39.12 -17.84
CA GLY D 460 -8.30 -40.26 -18.49
C GLY D 460 -7.84 -40.40 -19.92
N GLY D 461 -7.45 -39.29 -20.53
CA GLY D 461 -7.00 -39.30 -21.90
C GLY D 461 -5.60 -39.87 -21.98
N TYR D 462 -4.75 -39.40 -21.07
CA TYR D 462 -3.43 -39.96 -20.82
C TYR D 462 -3.52 -41.45 -20.60
N MET D 463 -4.48 -41.89 -19.79
CA MET D 463 -4.65 -43.32 -19.52
C MET D 463 -5.17 -44.04 -20.77
N ALA D 464 -6.05 -43.39 -21.52
CA ALA D 464 -6.55 -43.96 -22.76
C ALA D 464 -5.38 -44.20 -23.69
N LEU D 465 -4.46 -43.25 -23.72
CA LEU D 465 -3.30 -43.35 -24.59
C LEU D 465 -2.36 -44.44 -24.11
N LEU D 466 -2.16 -44.53 -22.80
CA LEU D 466 -1.24 -45.50 -22.22
C LEU D 466 -1.75 -46.91 -22.39
N LEU D 467 -3.05 -47.09 -22.18
CA LEU D 467 -3.69 -48.38 -22.35
C LEU D 467 -3.66 -48.81 -23.81
N HIS D 468 -3.92 -47.86 -24.70
CA HIS D 468 -3.84 -48.12 -26.14
C HIS D 468 -2.44 -48.63 -26.51
N GLY D 469 -1.41 -47.99 -25.95
CA GLY D 469 -0.03 -48.30 -26.31
C GLY D 469 0.39 -49.67 -25.84
N ARG D 470 0.12 -49.95 -24.56
CA ARG D 470 0.63 -51.15 -23.90
C ARG D 470 -0.30 -52.33 -23.98
N HIS D 471 -1.55 -52.11 -24.38
CA HIS D 471 -2.57 -53.16 -24.34
C HIS D 471 -3.61 -53.01 -25.42
N SER D 472 -3.19 -52.67 -26.63
CA SER D 472 -4.14 -52.51 -27.77
C SER D 472 -5.14 -53.66 -27.95
N ASP D 473 -4.70 -54.90 -27.72
CA ASP D 473 -5.55 -56.08 -27.98
C ASP D 473 -6.95 -56.02 -27.36
N TYR D 474 -7.07 -55.33 -26.24
CA TYR D 474 -8.37 -55.20 -25.57
C TYR D 474 -9.42 -54.38 -26.34
N PHE D 475 -8.99 -53.45 -27.18
CA PHE D 475 -9.85 -52.35 -27.63
C PHE D 475 -10.13 -52.32 -29.13
N ARG D 476 -11.38 -52.02 -29.52
CA ARG D 476 -11.73 -51.77 -30.93
C ARG D 476 -11.22 -50.42 -31.43
N ALA D 477 -11.47 -49.39 -30.63
CA ALA D 477 -11.11 -48.01 -30.98
C ALA D 477 -10.94 -47.20 -29.70
N VAL D 478 -10.33 -46.04 -29.84
CA VAL D 478 -9.94 -45.26 -28.70
C VAL D 478 -10.25 -43.79 -28.95
N VAL D 479 -10.74 -43.12 -27.91
CA VAL D 479 -10.93 -41.67 -27.94
C VAL D 479 -10.13 -41.00 -26.82
N ASP D 480 -9.24 -40.08 -27.23
CA ASP D 480 -8.37 -39.32 -26.35
C ASP D 480 -8.83 -37.86 -26.36
N ILE D 481 -9.41 -37.42 -25.25
CA ILE D 481 -9.81 -36.03 -25.08
C ILE D 481 -8.85 -35.19 -24.21
N PHE D 482 -8.12 -34.29 -24.89
CA PHE D 482 -7.04 -33.56 -24.25
C PHE D 482 -6.28 -34.35 -23.15
N GLY D 483 -5.63 -35.42 -23.58
CA GLY D 483 -4.74 -36.20 -22.72
C GLY D 483 -3.26 -35.86 -22.94
N PRO D 484 -2.51 -35.73 -21.84
CA PRO D 484 -1.05 -35.58 -21.98
C PRO D 484 -0.39 -36.86 -22.53
N SER D 485 0.57 -36.70 -23.44
CA SER D 485 1.16 -37.83 -24.19
C SER D 485 2.61 -38.14 -23.82
N ASP D 486 3.34 -37.12 -23.34
CA ASP D 486 4.75 -37.23 -22.98
C ASP D 486 4.91 -36.47 -21.68
N LEU D 487 5.35 -37.15 -20.63
CA LEU D 487 5.44 -36.53 -19.30
C LEU D 487 6.55 -35.51 -19.16
N PHE D 488 7.57 -35.55 -20.03
CA PHE D 488 8.63 -34.55 -20.00
C PHE D 488 8.12 -33.23 -20.53
N THR D 489 7.36 -33.26 -21.63
CA THR D 489 6.83 -32.04 -22.21
C THR D 489 5.71 -31.47 -21.36
N PHE D 490 4.92 -32.37 -20.76
CA PHE D 490 3.76 -32.00 -19.97
C PHE D 490 4.18 -31.24 -18.72
N ILE D 491 5.02 -31.87 -17.90
CA ILE D 491 5.45 -31.27 -16.64
C ILE D 491 6.09 -29.89 -16.82
N ASN D 492 6.74 -29.69 -17.97
CA ASN D 492 7.28 -28.39 -18.38
C ASN D 492 6.28 -27.39 -18.91
N SER D 493 5.11 -27.83 -19.34
CA SER D 493 4.18 -26.93 -20.00
C SER D 493 2.99 -26.48 -19.12
N VAL D 494 2.81 -27.11 -17.95
CA VAL D 494 1.70 -26.75 -17.04
C VAL D 494 1.83 -25.29 -16.60
N PRO D 495 0.78 -24.72 -15.97
CA PRO D 495 0.91 -23.33 -15.56
C PRO D 495 1.95 -23.11 -14.47
N PRO D 496 2.54 -21.91 -14.42
CA PRO D 496 3.66 -21.73 -13.49
C PRO D 496 3.34 -22.11 -12.05
N HIS D 497 2.15 -21.74 -11.59
CA HIS D 497 1.73 -22.02 -10.21
C HIS D 497 1.31 -23.47 -9.99
N TRP D 498 1.26 -24.28 -11.05
CA TRP D 498 1.15 -25.73 -10.91
C TRP D 498 2.51 -26.42 -10.70
N LYS D 499 3.60 -25.76 -11.10
CA LYS D 499 4.92 -26.41 -11.14
C LYS D 499 5.42 -26.87 -9.76
N PRO D 500 5.28 -26.01 -8.72
CA PRO D 500 5.69 -26.40 -7.36
C PRO D 500 4.96 -27.64 -6.81
N ILE D 501 3.76 -27.91 -7.31
CA ILE D 501 2.98 -29.06 -6.87
C ILE D 501 3.52 -30.34 -7.52
N MET D 502 4.16 -30.17 -8.67
CA MET D 502 4.36 -31.28 -9.60
C MET D 502 5.38 -32.30 -9.14
N GLU D 503 6.41 -31.88 -8.40
CA GLU D 503 7.42 -32.82 -7.93
C GLU D 503 6.82 -33.87 -6.98
N ARG D 504 5.82 -33.50 -6.19
CA ARG D 504 5.21 -34.46 -5.26
C ARG D 504 4.09 -35.26 -5.90
N TRP D 505 3.51 -34.70 -6.95
CA TRP D 505 2.42 -35.34 -7.67
C TRP D 505 2.95 -36.28 -8.73
N LEU D 506 3.82 -35.76 -9.58
CA LEU D 506 4.34 -36.53 -10.71
C LEU D 506 5.77 -36.98 -10.46
N GLY D 507 6.67 -36.02 -10.25
CA GLY D 507 8.08 -36.29 -9.91
C GLY D 507 9.06 -35.29 -10.49
N ASP D 508 10.31 -35.71 -10.65
CA ASP D 508 11.35 -34.87 -11.25
C ASP D 508 11.92 -35.53 -12.52
N PRO D 509 12.00 -34.79 -13.65
CA PRO D 509 12.39 -35.38 -14.95
C PRO D 509 13.79 -36.00 -15.03
N GLU D 510 14.70 -35.58 -14.16
CA GLU D 510 16.03 -36.17 -14.13
C GLU D 510 16.06 -37.33 -13.12
N ARG D 511 15.73 -37.03 -11.87
CA ARG D 511 15.74 -38.04 -10.81
C ARG D 511 14.81 -39.21 -11.12
N ASP D 512 13.70 -38.96 -11.80
CA ASP D 512 12.73 -40.01 -12.12
C ASP D 512 12.65 -40.30 -13.63
N LYS D 513 13.71 -39.92 -14.37
CA LYS D 513 13.79 -40.14 -15.82
C LYS D 513 13.29 -41.52 -16.27
N GLU D 514 13.70 -42.56 -15.54
CA GLU D 514 13.36 -43.93 -15.91
C GLU D 514 11.85 -44.18 -15.81
N ARG D 515 11.21 -43.67 -14.75
CA ARG D 515 9.76 -43.82 -14.58
C ARG D 515 9.00 -42.95 -15.62
N PHE D 516 9.55 -41.79 -15.96
CA PHE D 516 8.89 -40.92 -16.91
C PHE D 516 8.72 -41.58 -18.29
N ILE D 517 9.76 -42.28 -18.74
CA ILE D 517 9.72 -42.96 -20.04
C ILE D 517 8.70 -44.09 -19.97
N LYS D 518 8.83 -44.93 -18.96
CA LYS D 518 7.94 -46.08 -18.80
C LYS D 518 6.47 -45.66 -18.80
N ASP D 519 6.19 -44.54 -18.16
CA ASP D 519 4.81 -44.04 -18.02
C ASP D 519 4.43 -42.93 -19.01
N SER D 520 5.32 -42.59 -19.94
CA SER D 520 4.95 -41.74 -21.08
C SER D 520 4.28 -42.59 -22.18
N PRO D 521 3.08 -42.19 -22.62
CA PRO D 521 2.41 -42.86 -23.74
C PRO D 521 3.18 -42.92 -25.06
N VAL D 522 4.00 -41.91 -25.30
CA VAL D 522 4.65 -41.72 -26.59
C VAL D 522 5.84 -42.69 -26.75
N THR D 523 6.20 -43.34 -25.64
CA THR D 523 7.16 -44.45 -25.62
C THR D 523 6.60 -45.70 -26.28
N TYR D 524 5.27 -45.87 -26.25
CA TYR D 524 4.61 -47.03 -26.83
C TYR D 524 3.85 -46.71 -28.12
N LEU D 525 4.35 -45.69 -28.85
CA LEU D 525 3.75 -45.28 -30.12
C LEU D 525 3.51 -46.44 -31.09
N ASP D 526 4.48 -47.36 -31.20
CA ASP D 526 4.37 -48.48 -32.17
C ASP D 526 3.24 -49.44 -31.80
N GLY D 527 2.91 -49.50 -30.50
CA GLY D 527 1.82 -50.36 -30.01
C GLY D 527 0.42 -49.84 -30.29
N MET D 528 0.31 -48.60 -30.78
CA MET D 528 -1.00 -47.95 -30.96
C MET D 528 -1.55 -48.23 -32.36
N VAL D 529 -2.00 -49.46 -32.55
CA VAL D 529 -2.37 -49.98 -33.89
C VAL D 529 -3.87 -49.85 -34.15
N LYS D 530 -4.65 -49.67 -33.09
CA LYS D 530 -6.10 -49.45 -33.23
C LYS D 530 -6.43 -48.01 -33.63
N PRO D 531 -7.62 -47.81 -34.19
CA PRO D 531 -8.03 -46.47 -34.61
C PRO D 531 -8.28 -45.55 -33.43
N MET D 532 -8.03 -44.26 -33.64
CA MET D 532 -8.07 -43.31 -32.55
C MET D 532 -8.52 -41.94 -32.96
N LEU D 533 -9.43 -41.40 -32.15
CA LEU D 533 -9.83 -40.00 -32.28
C LEU D 533 -9.18 -39.17 -31.15
N VAL D 534 -8.56 -38.07 -31.55
CA VAL D 534 -8.00 -37.13 -30.60
C VAL D 534 -8.76 -35.82 -30.67
N ILE D 535 -9.05 -35.27 -29.50
CA ILE D 535 -9.83 -34.04 -29.36
C ILE D 535 -9.15 -33.09 -28.39
N GLN D 536 -8.94 -31.87 -28.83
CA GLN D 536 -8.18 -30.90 -28.07
C GLN D 536 -8.71 -29.45 -28.23
N GLY D 537 -8.79 -28.74 -27.11
CA GLY D 537 -9.05 -27.29 -27.12
C GLY D 537 -7.74 -26.53 -27.26
N ALA D 538 -7.67 -25.62 -28.23
CA ALA D 538 -6.43 -24.90 -28.49
C ALA D 538 -5.96 -24.00 -27.34
N LYS D 539 -6.88 -23.53 -26.50
CA LYS D 539 -6.54 -22.57 -25.44
C LYS D 539 -6.21 -23.23 -24.12
N ASP D 540 -6.28 -24.56 -24.05
CA ASP D 540 -5.96 -25.33 -22.83
C ASP D 540 -4.62 -24.91 -22.19
N PRO D 541 -4.64 -24.47 -20.92
CA PRO D 541 -3.40 -24.19 -20.18
C PRO D 541 -2.90 -25.38 -19.33
N ARG D 542 -3.74 -26.40 -19.19
CA ARG D 542 -3.44 -27.52 -18.33
C ARG D 542 -2.77 -28.57 -19.21
N VAL D 543 -3.49 -29.10 -20.18
CA VAL D 543 -2.89 -29.98 -21.16
C VAL D 543 -2.78 -29.18 -22.42
N VAL D 544 -1.60 -28.62 -22.66
CA VAL D 544 -1.46 -27.74 -23.82
C VAL D 544 -1.62 -28.50 -25.12
N LYS D 545 -2.00 -27.75 -26.15
CA LYS D 545 -2.26 -28.24 -27.50
C LYS D 545 -1.16 -29.17 -28.03
N GLU D 546 0.09 -28.85 -27.69
CA GLU D 546 1.24 -29.57 -28.18
C GLU D 546 1.23 -31.04 -27.75
N GLU D 547 0.61 -31.35 -26.60
CA GLU D 547 0.49 -32.74 -26.16
C GLU D 547 -0.28 -33.57 -27.18
N SER D 548 -1.37 -33.02 -27.70
CA SER D 548 -2.15 -33.70 -28.71
C SER D 548 -1.51 -33.58 -30.09
N ASP D 549 -1.09 -32.38 -30.47
CA ASP D 549 -0.38 -32.16 -31.73
C ASP D 549 0.69 -33.21 -31.98
N GLN D 550 1.53 -33.45 -30.98
CA GLN D 550 2.72 -34.27 -31.15
C GLN D 550 2.38 -35.75 -31.26
N ILE D 551 1.43 -36.24 -30.47
CA ILE D 551 1.04 -37.64 -30.61
C ILE D 551 0.36 -37.89 -31.96
N VAL D 552 -0.42 -36.91 -32.43
CA VAL D 552 -1.10 -37.04 -33.72
C VAL D 552 -0.11 -37.06 -34.89
N ALA D 553 0.83 -36.12 -34.87
CA ALA D 553 1.79 -35.95 -35.95
C ALA D 553 2.66 -37.19 -36.06
N LYS D 554 3.04 -37.78 -34.92
CA LYS D 554 3.89 -38.97 -34.94
C LYS D 554 3.14 -40.16 -35.47
N LEU D 555 1.86 -40.26 -35.15
CA LEU D 555 1.05 -41.36 -35.63
C LEU D 555 0.84 -41.26 -37.12
N LYS D 556 0.58 -40.05 -37.61
CA LYS D 556 0.38 -39.82 -39.04
C LYS D 556 1.62 -40.19 -39.85
N GLU D 557 2.81 -39.99 -39.27
CA GLU D 557 4.07 -40.42 -39.92
C GLU D 557 4.13 -41.93 -40.15
N LYS D 558 3.48 -42.69 -39.28
CA LYS D 558 3.44 -44.16 -39.42
C LYS D 558 2.20 -44.66 -40.16
N GLY D 559 1.48 -43.73 -40.80
CA GLY D 559 0.30 -44.03 -41.61
C GLY D 559 -0.91 -44.60 -40.87
N ARG D 560 -1.07 -44.28 -39.58
CA ARG D 560 -2.13 -44.89 -38.78
C ARG D 560 -3.45 -44.16 -38.96
N ASP D 561 -4.54 -44.88 -38.65
CA ASP D 561 -5.91 -44.33 -38.67
C ASP D 561 -6.11 -43.42 -37.44
N VAL D 562 -5.90 -42.13 -37.63
CA VAL D 562 -6.08 -41.14 -36.57
C VAL D 562 -6.92 -39.99 -37.04
N GLU D 563 -7.91 -39.61 -36.23
CA GLU D 563 -8.68 -38.41 -36.50
C GLU D 563 -8.37 -37.41 -35.39
N TYR D 564 -8.32 -36.14 -35.77
CA TYR D 564 -7.94 -35.08 -34.86
C TYR D 564 -8.94 -33.92 -34.96
N LEU D 565 -9.59 -33.59 -33.84
CA LEU D 565 -10.49 -32.43 -33.80
C LEU D 565 -9.93 -31.42 -32.86
N VAL D 566 -9.64 -30.24 -33.39
CA VAL D 566 -9.14 -29.11 -32.61
C VAL D 566 -10.25 -28.07 -32.55
N LEU D 567 -10.58 -27.64 -31.34
CA LEU D 567 -11.52 -26.54 -31.13
C LEU D 567 -10.73 -25.29 -30.79
N GLU D 568 -10.76 -24.33 -31.72
CA GLU D 568 -9.89 -23.17 -31.62
C GLU D 568 -10.30 -22.19 -30.52
N ASP D 569 -11.57 -22.20 -30.15
CA ASP D 569 -12.05 -21.27 -29.12
C ASP D 569 -12.40 -21.92 -27.75
N GLU D 570 -11.75 -23.04 -27.40
CA GLU D 570 -12.00 -23.68 -26.11
C GLU D 570 -10.67 -24.06 -25.45
N GLY D 571 -10.75 -24.31 -24.14
CA GLY D 571 -9.63 -24.83 -23.39
C GLY D 571 -9.92 -26.23 -22.89
N HIS D 572 -9.84 -26.40 -21.58
CA HIS D 572 -9.87 -27.71 -20.96
C HIS D 572 -11.31 -28.10 -20.66
N GLY D 573 -12.11 -28.22 -21.71
CA GLY D 573 -13.57 -28.36 -21.58
C GLY D 573 -14.28 -27.74 -22.77
N PHE D 574 -15.61 -27.80 -22.77
CA PHE D 574 -16.41 -27.26 -23.88
C PHE D 574 -17.54 -26.45 -23.30
N SER D 575 -17.28 -25.16 -23.14
CA SER D 575 -18.25 -24.28 -22.49
C SER D 575 -19.35 -23.86 -23.46
N LYS D 576 -19.09 -24.00 -24.77
CA LYS D 576 -20.06 -23.57 -25.80
C LYS D 576 -20.82 -24.75 -26.40
N LYS D 577 -22.14 -24.66 -26.41
CA LYS D 577 -22.95 -25.76 -26.92
C LYS D 577 -22.56 -26.29 -28.30
N GLU D 578 -22.32 -25.41 -29.25
CA GLU D 578 -21.97 -25.83 -30.60
C GLU D 578 -20.81 -26.82 -30.59
N ASN D 579 -19.78 -26.52 -29.81
CA ASN D 579 -18.60 -27.36 -29.72
C ASN D 579 -18.88 -28.68 -28.98
N GLU D 580 -19.60 -28.60 -27.87
CA GLU D 580 -19.94 -29.79 -27.11
C GLU D 580 -20.67 -30.76 -28.03
N ILE D 581 -21.65 -30.23 -28.77
CA ILE D 581 -22.45 -31.06 -29.68
C ILE D 581 -21.62 -31.66 -30.84
N LYS D 582 -20.64 -30.90 -31.33
CA LYS D 582 -19.83 -31.36 -32.42
C LYS D 582 -18.97 -32.52 -31.89
N VAL D 583 -18.45 -32.36 -30.70
CA VAL D 583 -17.72 -33.41 -30.04
C VAL D 583 -18.56 -34.67 -29.89
N TYR D 584 -19.77 -34.58 -29.34
CA TYR D 584 -20.59 -35.76 -29.19
C TYR D 584 -20.82 -36.45 -30.52
N SER D 585 -21.20 -35.66 -31.52
CA SER D 585 -21.57 -36.16 -32.86
C SER D 585 -20.43 -36.90 -33.53
N LEU D 586 -19.24 -36.32 -33.42
CA LEU D 586 -18.05 -36.92 -33.96
C LEU D 586 -17.74 -38.21 -33.21
N MET D 587 -17.77 -38.17 -31.89
CA MET D 587 -17.52 -39.37 -31.07
C MET D 587 -18.50 -40.48 -31.41
N LEU D 588 -19.77 -40.13 -31.60
CA LEU D 588 -20.78 -41.14 -31.89
C LEU D 588 -20.50 -41.74 -33.25
N ALA D 589 -20.18 -40.90 -34.23
CA ALA D 589 -19.95 -41.38 -35.60
C ALA D 589 -18.69 -42.21 -35.65
N PHE D 590 -17.68 -41.78 -34.91
CA PHE D 590 -16.41 -42.51 -34.82
C PHE D 590 -16.66 -43.93 -34.32
N LEU D 591 -17.33 -44.04 -33.18
CA LEU D 591 -17.55 -45.34 -32.58
C LEU D 591 -18.47 -46.24 -33.43
N GLU D 592 -19.47 -45.66 -34.10
CA GLU D 592 -20.38 -46.48 -34.92
C GLU D 592 -19.66 -47.13 -36.10
N LYS D 593 -18.78 -46.38 -36.74
CA LYS D 593 -18.13 -46.87 -37.94
C LYS D 593 -17.03 -47.88 -37.63
N HIS D 594 -16.58 -47.91 -36.39
CA HIS D 594 -15.56 -48.88 -36.00
C HIS D 594 -16.16 -50.00 -35.20
N GLN D 595 -17.49 -50.10 -35.22
CA GLN D 595 -18.14 -51.33 -34.83
C GLN D 595 -17.99 -52.32 -36.00
N ALA D 596 -18.19 -53.60 -35.73
CA ALA D 596 -18.19 -54.64 -36.77
C ALA D 596 -19.48 -54.50 -37.55
N LEU D 597 -19.42 -54.68 -38.86
CA LEU D 597 -20.63 -54.57 -39.69
C LEU D 597 -21.85 -55.36 -39.17
N GLU D 598 -21.58 -56.56 -38.67
CA GLU D 598 -22.60 -57.46 -38.14
C GLU D 598 -23.90 -57.43 -38.94
N HIS D 599 -23.75 -57.51 -40.24
CA HIS D 599 -24.87 -57.57 -41.17
C HIS D 599 -25.54 -58.94 -41.05
N HIS D 600 -26.84 -58.96 -40.79
CA HIS D 600 -27.63 -60.21 -40.77
C HIS D 600 -28.56 -60.32 -41.98
N HIS D 601 -28.60 -61.49 -42.61
CA HIS D 601 -29.44 -61.70 -43.78
C HIS D 601 -30.60 -62.62 -43.43
N HIS D 602 -31.82 -62.14 -43.68
CA HIS D 602 -33.03 -62.76 -43.16
C HIS D 602 -33.75 -63.56 -44.24
N HIS D 603 -34.53 -64.56 -43.79
CA HIS D 603 -35.38 -65.35 -44.70
C HIS D 603 -36.61 -64.52 -45.07
N HIS D 604 -36.82 -64.33 -46.38
CA HIS D 604 -37.98 -63.59 -46.87
C HIS D 604 -38.62 -64.29 -48.06
#